data_8SAU
#
_entry.id   8SAU
#
_cell.length_a   1.00
_cell.length_b   1.00
_cell.length_c   1.00
_cell.angle_alpha   90.00
_cell.angle_beta   90.00
_cell.angle_gamma   90.00
#
_symmetry.space_group_name_H-M   'P 1'
#
loop_
_entity.id
_entity.type
_entity.pdbx_description
1 polymer 'CH848.10.17 gp120'
2 polymer 'CH848.10.17 gp41'
3 polymer 'DH270.4 variable heavy chain'
4 polymer 'DH270.4 variable light chain'
5 branched alpha-D-mannopyranose-(1-3)-beta-D-mannopyranose-(1-4)-2-acetamido-2-deoxy-beta-D-glucopyranose-(1-4)-2-acetamido-2-deoxy-beta-D-glucopyranose
6 branched alpha-D-mannopyranose-(1-2)-alpha-D-mannopyranose-(1-2)-alpha-D-mannopyranose-(1-3)-[alpha-D-mannopyranose-(1-2)-alpha-D-mannopyranose-(1-6)-alpha-D-mannopyranose-(1-6)]beta-D-mannopyranose-(1-4)-2-acetamido-2-deoxy-beta-D-glucopyranose-(1-4)-2-acetamido-2-deoxy-beta-D-glucopyranose
7 branched beta-D-mannopyranose-(1-4)-2-acetamido-2-deoxy-beta-D-glucopyranose-(1-4)-2-acetamido-2-deoxy-beta-D-glucopyranose
8 branched 2-acetamido-2-deoxy-beta-D-glucopyranose-(1-4)-2-acetamido-2-deoxy-beta-D-glucopyranose
9 branched alpha-D-mannopyranose-(1-2)-alpha-D-mannopyranose-(1-2)-alpha-D-mannopyranose-(1-3)-[alpha-D-mannopyranose-(1-2)-alpha-D-mannopyranose-(1-3)-[alpha-D-mannopyranose-(1-2)-alpha-D-mannopyranose-(1-6)]alpha-D-mannopyranose-(1-6)]beta-D-mannopyranose-(1-4)-2-acetamido-2-deoxy-beta-D-glucopyranose-(1-4)-2-acetamido-2-deoxy-beta-D-glucopyranose
#
loop_
_entity_poly.entity_id
_entity_poly.type
_entity_poly.pdbx_seq_one_letter_code
_entity_poly.pdbx_strand_id
1 'polypeptide(L)'
;AENLWVTVYYGVPVWKEAKTTLFCASDARAYEKEVHNVWATHACVPTDPSPQELVLGNVTENFNMWKNDMVDQMHEDIIS
LWDQSLKPCVKLTPLCVTLICSNATVKNGTVEEMKNCSFNTTTEIRDKEKKEYALFYKPDIVPLSETNNTSEYRLINCNT
SACTQACPKVTFEPIPIHYCAPAGYAILKCNDETFNGTGPCSNVSTVQCTHGIRPVVSTQLLLNGSLAEKEIVIRSENLT
NNAKIIIVHLHTPVEIVCTRPNNNTRKSVRIGPGQTFYATGDIIGDIKQAHCNISEEKWNDTLQKVGIELQKHFPNKTIK
YNQSAGGDMEITTHSFNCGGEFFYCNTSNLFNGTYNGTYISTNSSANSTSTITLQCRIKQIINMWQGVGRCMYAPPIAGN
ITCRSNITGLLLTRDGGTNSNETETFRPAGGDMRDNWRSELYKYKVVKIEPLGVAPTRCKRRV
;
A,F,K
2 'polypeptide(L)'
;AVGIGAVFLGFLGAAGSTMGAASMTLTVQARNLLSGTVWGIKQLQARVLAVERYLRDQQLLGIWGCSGKLICCTNVPWNS
SWSNRNLSEIWDNMTWLQWDKEISNYTQIIYGLLEESQNQQEKNEQDLLALD
;
B,G,L
3 'polypeptide(L)'
;EVQLVQSGAEMKNPGASVKVSCAASGYGFTDFYIHWVRLAPGHGLQWMGWMNPKTGRTNNAQDFQGRVTLTRDTSIGTAY
MELRRLTSDDTAVYYCVTGGWISPYYDSSYYPNFDHWGQGTLITVS
;
C,H,M
4 'polypeptide(L)'
;QSALTQPASVSGSPGQSITISCTGTSYDVAKFDLVSWFQQHPGKAPKYMIYEVNKWPSGVSHRFSGSKSGNTASLTISGL
QAEDEADYYCCSFGGSATVVCGGGTKVTVL
;
D,I,N
#
# COMPACT_ATOMS: atom_id res chain seq x y z
N GLU A 2 11.73 67.13 17.97
CA GLU A 2 10.71 66.13 18.42
C GLU A 2 11.38 64.81 18.79
N ASN A 3 10.71 64.05 19.66
CA ASN A 3 11.21 62.75 20.08
C ASN A 3 10.80 61.67 19.07
N LEU A 4 11.18 60.43 19.38
CA LEU A 4 10.85 59.29 18.54
C LEU A 4 10.70 58.06 19.41
N TRP A 5 9.61 57.32 19.20
CA TRP A 5 9.30 56.09 19.93
C TRP A 5 9.21 54.94 18.92
N VAL A 6 8.78 53.77 19.40
CA VAL A 6 8.63 52.61 18.53
C VAL A 6 7.19 52.49 18.06
N THR A 7 7.04 52.09 16.80
CA THR A 7 5.74 51.86 16.17
C THR A 7 5.84 50.60 15.31
N VAL A 8 4.73 49.88 15.18
CA VAL A 8 4.69 48.62 14.45
C VAL A 8 3.66 48.70 13.33
N TYR A 9 4.08 48.30 12.13
CA TYR A 9 3.22 48.20 10.95
C TYR A 9 3.04 46.74 10.59
N TYR A 10 1.82 46.39 10.18
CA TYR A 10 1.53 45.07 9.64
C TYR A 10 1.09 45.20 8.20
N GLY A 11 1.39 44.17 7.41
CA GLY A 11 1.13 44.20 5.99
C GLY A 11 2.22 44.85 5.18
N VAL A 12 3.43 44.91 5.71
CA VAL A 12 4.54 45.60 5.04
C VAL A 12 5.05 44.72 3.91
N PRO A 13 5.55 45.29 2.79
CA PRO A 13 6.28 44.46 1.82
C PRO A 13 7.74 44.22 2.21
N VAL A 14 8.06 42.98 2.59
CA VAL A 14 9.42 42.58 2.90
C VAL A 14 9.57 41.14 2.45
N TRP A 15 10.79 40.80 1.99
CA TRP A 15 11.05 39.49 1.40
C TRP A 15 12.22 38.81 2.07
N LYS A 16 12.15 37.48 2.10
CA LYS A 16 13.30 36.60 2.25
C LYS A 16 13.00 35.32 1.51
N GLU A 17 13.93 34.88 0.67
CA GLU A 17 13.75 33.64 -0.06
C GLU A 17 13.89 32.45 0.87
N ALA A 18 13.02 31.46 0.68
CA ALA A 18 13.00 30.28 1.55
C ALA A 18 12.39 29.10 0.81
N LYS A 19 12.58 27.92 1.38
CA LYS A 19 12.03 26.70 0.79
C LYS A 19 10.53 26.65 0.98
N THR A 20 9.84 25.97 0.07
CA THR A 20 8.41 25.75 0.18
C THR A 20 7.99 24.77 -0.90
N THR A 21 6.97 23.98 -0.59
CA THR A 21 6.41 23.06 -1.57
C THR A 21 5.34 23.77 -2.39
N LEU A 22 5.63 23.98 -3.67
CA LEU A 22 4.69 24.58 -4.59
C LEU A 22 3.76 23.50 -5.14
N PHE A 23 2.47 23.83 -5.22
CA PHE A 23 1.48 22.88 -5.69
C PHE A 23 1.21 23.09 -7.18
N CYS A 24 1.01 21.98 -7.89
CA CYS A 24 0.81 22.00 -9.33
C CYS A 24 -0.66 22.28 -9.65
N ALA A 25 -0.87 23.04 -10.72
CA ALA A 25 -2.20 23.37 -11.22
C ALA A 25 -2.20 23.28 -12.74
N SER A 26 -3.39 23.12 -13.29
CA SER A 26 -3.54 22.92 -14.74
C SER A 26 -4.92 23.43 -15.16
N ASP A 27 -5.08 23.61 -16.47
CA ASP A 27 -6.29 24.21 -17.00
C ASP A 27 -7.46 23.22 -16.87
N ALA A 28 -8.67 23.77 -16.75
CA ALA A 28 -9.81 22.99 -16.28
C ALA A 28 -10.21 21.86 -17.23
N ARG A 29 -9.79 21.90 -18.49
CA ARG A 29 -10.32 20.92 -19.45
C ARG A 29 -9.89 19.49 -19.13
N ALA A 30 -8.83 19.30 -18.34
CA ALA A 30 -8.34 17.97 -18.02
C ALA A 30 -9.04 17.34 -16.83
N TYR A 31 -9.90 18.07 -16.12
CA TYR A 31 -10.41 17.60 -14.83
C TYR A 31 -11.74 16.87 -14.92
N GLU A 32 -12.25 16.63 -16.13
CA GLU A 32 -13.32 15.67 -16.36
C GLU A 32 -12.80 14.29 -16.75
N LYS A 33 -11.49 14.08 -16.72
CA LYS A 33 -10.88 12.87 -17.25
C LYS A 33 -10.80 11.79 -16.16
N GLU A 34 -10.23 10.65 -16.53
CA GLU A 34 -10.25 9.46 -15.69
C GLU A 34 -9.04 9.44 -14.75
N VAL A 35 -8.95 8.36 -13.98
CA VAL A 35 -7.83 8.21 -13.04
C VAL A 35 -6.55 7.97 -13.82
N HIS A 36 -5.48 8.65 -13.41
CA HIS A 36 -4.14 8.51 -13.97
C HIS A 36 -4.01 9.01 -15.41
N ASN A 37 -5.09 9.55 -15.98
CA ASN A 37 -5.11 10.00 -17.37
C ASN A 37 -5.51 11.47 -17.41
N VAL A 38 -4.55 12.39 -17.43
CA VAL A 38 -3.08 12.32 -17.44
C VAL A 38 -2.64 12.67 -16.02
N TRP A 39 -1.35 12.52 -15.71
CA TRP A 39 -0.88 12.90 -14.38
C TRP A 39 -1.10 14.37 -14.08
N ALA A 40 -1.18 15.21 -15.11
CA ALA A 40 -1.34 16.65 -14.93
C ALA A 40 -2.65 17.02 -14.24
N THR A 41 -3.63 16.12 -14.20
CA THR A 41 -4.91 16.33 -13.53
C THR A 41 -5.12 15.39 -12.36
N HIS A 42 -4.45 14.23 -12.35
CA HIS A 42 -4.62 13.26 -11.29
C HIS A 42 -4.04 13.72 -9.96
N ALA A 43 -3.16 14.73 -9.97
CA ALA A 43 -2.49 15.19 -8.76
C ALA A 43 -2.36 16.71 -8.69
N CYS A 44 -3.24 17.44 -9.38
CA CYS A 44 -3.18 18.91 -9.40
C CYS A 44 -4.56 19.50 -9.14
N VAL A 45 -4.67 20.83 -9.27
CA VAL A 45 -5.90 21.57 -8.96
C VAL A 45 -6.24 22.42 -10.19
N PRO A 46 -7.51 22.72 -10.47
CA PRO A 46 -7.79 23.64 -11.58
C PRO A 46 -7.18 25.02 -11.36
N THR A 47 -6.39 25.46 -12.34
CA THR A 47 -5.71 26.73 -12.25
C THR A 47 -6.64 27.88 -12.63
N ASP A 48 -6.22 29.09 -12.30
CA ASP A 48 -6.91 30.32 -12.65
C ASP A 48 -5.94 31.29 -13.31
N PRO A 49 -6.25 31.87 -14.48
CA PRO A 49 -5.35 32.91 -15.01
C PRO A 49 -5.22 34.11 -14.09
N SER A 50 -6.29 34.46 -13.38
CA SER A 50 -6.27 35.59 -12.45
C SER A 50 -5.59 35.20 -11.14
N PRO A 51 -4.92 36.14 -10.45
CA PRO A 51 -4.64 37.53 -10.81
C PRO A 51 -3.55 37.64 -11.87
N GLN A 52 -3.66 38.63 -12.76
CA GLN A 52 -2.70 38.76 -13.84
C GLN A 52 -1.36 39.23 -13.29
N GLU A 53 -0.35 39.14 -14.16
CA GLU A 53 1.02 39.50 -13.77
C GLU A 53 1.11 40.95 -13.33
N LEU A 54 1.87 41.18 -12.27
CA LEU A 54 2.10 42.51 -11.71
C LEU A 54 3.59 42.81 -11.78
N VAL A 55 3.94 44.05 -12.15
CA VAL A 55 5.33 44.46 -12.26
C VAL A 55 5.68 45.37 -11.09
N LEU A 56 6.82 45.11 -10.46
CA LEU A 56 7.30 45.90 -9.34
C LEU A 56 8.16 47.05 -9.88
N GLY A 57 7.70 48.28 -9.69
CA GLY A 57 8.18 49.43 -10.43
C GLY A 57 9.54 49.96 -10.02
N ASN A 58 10.10 49.51 -8.91
CA ASN A 58 11.45 49.92 -8.52
C ASN A 58 12.02 48.81 -7.65
N VAL A 59 12.92 48.01 -8.21
CA VAL A 59 13.33 46.76 -7.58
C VAL A 59 14.73 46.34 -8.04
N THR A 60 15.31 45.38 -7.31
CA THR A 60 16.50 44.67 -7.76
C THR A 60 16.62 43.41 -6.93
N GLU A 61 16.55 42.25 -7.58
CA GLU A 61 16.68 40.97 -6.92
C GLU A 61 17.60 40.06 -7.71
N ASN A 62 18.50 39.38 -7.00
CA ASN A 62 19.50 38.50 -7.61
C ASN A 62 18.93 37.10 -7.86
N PHE A 63 18.32 36.92 -9.03
CA PHE A 63 17.87 35.59 -9.44
C PHE A 63 19.08 34.69 -9.68
N ASN A 64 18.83 33.38 -9.65
CA ASN A 64 19.89 32.41 -9.86
C ASN A 64 19.27 31.17 -10.47
N MET A 65 19.74 30.80 -11.67
CA MET A 65 19.14 29.66 -12.36
C MET A 65 19.67 28.34 -11.81
N TRP A 66 20.90 28.33 -11.29
CA TRP A 66 21.55 27.10 -10.84
C TRP A 66 21.37 26.84 -9.35
N LYS A 67 21.59 27.84 -8.50
CA LYS A 67 21.32 27.71 -7.07
C LYS A 67 19.82 27.94 -6.87
N ASN A 68 19.05 26.92 -7.21
CA ASN A 68 17.60 26.95 -7.19
C ASN A 68 17.07 25.63 -6.67
N ASP A 69 15.93 25.68 -5.99
CA ASP A 69 15.31 24.51 -5.38
C ASP A 69 13.97 24.13 -5.99
N MET A 70 13.45 24.89 -6.96
CA MET A 70 12.21 24.48 -7.62
C MET A 70 12.44 23.29 -8.54
N VAL A 71 13.62 23.22 -9.19
CA VAL A 71 13.90 22.06 -10.03
C VAL A 71 13.99 20.79 -9.20
N ASP A 72 14.53 20.89 -7.97
CA ASP A 72 14.57 19.72 -7.10
C ASP A 72 13.16 19.23 -6.77
N GLN A 73 12.25 20.16 -6.47
CA GLN A 73 10.87 19.75 -6.24
C GLN A 73 10.25 19.15 -7.47
N MET A 74 10.54 19.70 -8.66
CA MET A 74 9.91 19.16 -9.86
C MET A 74 10.41 17.74 -10.11
N HIS A 75 11.69 17.50 -9.85
CA HIS A 75 12.26 16.17 -9.98
C HIS A 75 11.59 15.19 -9.02
N GLU A 76 11.51 15.57 -7.74
CA GLU A 76 10.92 14.69 -6.74
C GLU A 76 9.45 14.42 -7.06
N ASP A 77 8.70 15.46 -7.43
CA ASP A 77 7.27 15.31 -7.72
C ASP A 77 7.05 14.41 -8.91
N ILE A 78 7.84 14.56 -9.98
CA ILE A 78 7.62 13.74 -11.16
C ILE A 78 7.99 12.29 -10.89
N ILE A 79 9.08 12.05 -10.14
CA ILE A 79 9.41 10.68 -9.77
C ILE A 79 8.28 10.05 -8.97
N SER A 80 7.82 10.73 -7.92
CA SER A 80 6.80 10.14 -7.07
C SER A 80 5.50 9.93 -7.83
N LEU A 81 5.13 10.91 -8.66
CA LEU A 81 3.93 10.82 -9.47
C LEU A 81 3.98 9.64 -10.42
N TRP A 82 5.12 9.44 -11.10
CA TRP A 82 5.23 8.34 -12.05
C TRP A 82 5.22 7.00 -11.31
N ASP A 83 5.95 6.90 -10.21
CA ASP A 83 5.98 5.65 -9.45
C ASP A 83 4.59 5.32 -8.91
N GLN A 84 3.80 6.34 -8.60
CA GLN A 84 2.40 6.10 -8.25
C GLN A 84 1.61 5.64 -9.47
N SER A 85 1.95 6.13 -10.66
CA SER A 85 1.16 5.82 -11.85
C SER A 85 1.35 4.39 -12.33
N LEU A 86 2.43 3.71 -11.95
CA LEU A 86 2.68 2.34 -12.39
C LEU A 86 2.09 1.28 -11.46
N LYS A 87 1.55 1.68 -10.31
CA LYS A 87 1.05 0.69 -9.34
C LYS A 87 -0.07 -0.19 -9.89
N PRO A 88 -1.14 0.34 -10.52
CA PRO A 88 -2.24 -0.55 -10.93
C PRO A 88 -1.96 -1.37 -12.18
N CYS A 89 -0.74 -1.35 -12.72
CA CYS A 89 -0.43 -2.07 -13.96
C CYS A 89 0.08 -3.49 -13.67
N VAL A 90 0.09 -4.30 -14.72
CA VAL A 90 0.55 -5.68 -14.61
C VAL A 90 2.08 -5.70 -14.57
N LYS A 91 2.65 -6.69 -13.87
CA LYS A 91 4.05 -6.68 -13.50
C LYS A 91 4.88 -7.78 -14.17
N LEU A 92 4.34 -8.44 -15.19
CA LEU A 92 5.13 -9.19 -16.18
C LEU A 92 6.05 -10.29 -15.63
N THR A 93 5.92 -10.66 -14.37
CA THR A 93 6.80 -11.69 -13.83
C THR A 93 6.65 -13.04 -14.54
N PRO A 94 5.50 -13.42 -15.11
CA PRO A 94 5.48 -14.66 -15.91
C PRO A 94 6.35 -14.62 -17.15
N LEU A 95 6.72 -13.44 -17.64
CA LEU A 95 7.50 -13.35 -18.88
C LEU A 95 8.98 -13.68 -18.67
N CYS A 96 9.44 -13.86 -17.44
CA CYS A 96 10.84 -14.23 -17.18
C CYS A 96 11.02 -15.72 -17.47
N VAL A 97 10.96 -16.06 -18.76
CA VAL A 97 11.05 -17.43 -19.24
C VAL A 97 12.00 -17.47 -20.43
N THR A 98 12.40 -18.69 -20.81
CA THR A 98 13.22 -18.85 -21.99
C THR A 98 12.43 -18.49 -23.24
N LEU A 99 13.08 -17.75 -24.15
CA LEU A 99 12.49 -17.37 -25.42
C LEU A 99 13.28 -18.03 -26.55
N ILE A 100 12.60 -18.84 -27.35
CA ILE A 100 13.19 -19.48 -28.51
C ILE A 100 12.84 -18.63 -29.72
N CYS A 101 13.87 -18.21 -30.47
CA CYS A 101 13.73 -17.19 -31.51
C CYS A 101 14.20 -17.74 -32.84
N SER A 102 13.57 -17.26 -33.92
CA SER A 102 13.92 -17.65 -35.27
C SER A 102 14.97 -16.69 -35.84
N ASN A 103 15.68 -17.18 -36.85
CA ASN A 103 16.89 -16.53 -37.36
C ASN A 103 16.74 -16.15 -38.83
N ALA A 104 15.63 -15.49 -39.18
CA ALA A 104 15.48 -14.94 -40.51
C ALA A 104 16.58 -13.91 -40.79
N THR A 105 17.06 -13.87 -42.03
CA THR A 105 18.24 -13.12 -42.38
C THR A 105 18.09 -12.52 -43.77
N VAL A 106 18.72 -11.37 -43.96
CA VAL A 106 18.83 -10.72 -45.27
C VAL A 106 20.27 -10.27 -45.44
N LYS A 107 20.77 -10.29 -46.68
CA LYS A 107 22.14 -9.92 -46.99
C LYS A 107 22.15 -8.87 -48.09
N ASN A 108 23.27 -8.13 -48.17
CA ASN A 108 23.46 -7.01 -49.08
C ASN A 108 22.51 -5.86 -48.77
N GLY A 109 22.90 -4.64 -49.14
CA GLY A 109 22.07 -3.49 -48.85
C GLY A 109 21.97 -3.24 -47.36
N THR A 110 20.73 -3.17 -46.87
CA THR A 110 20.47 -2.95 -45.45
C THR A 110 19.20 -3.68 -45.06
N VAL A 111 19.03 -3.89 -43.75
CA VAL A 111 17.86 -4.57 -43.23
C VAL A 111 17.71 -4.19 -41.76
N GLU A 112 16.46 -4.19 -41.28
CA GLU A 112 16.12 -3.67 -39.95
C GLU A 112 15.23 -4.64 -39.16
N GLU A 113 15.59 -5.91 -39.11
CA GLU A 113 14.68 -6.92 -38.58
C GLU A 113 14.56 -6.84 -37.06
N MET A 114 13.41 -7.33 -36.57
CA MET A 114 13.18 -7.61 -35.16
C MET A 114 12.85 -9.10 -35.05
N LYS A 115 13.21 -9.70 -33.93
CA LYS A 115 13.15 -11.15 -33.82
C LYS A 115 11.74 -11.65 -33.50
N ASN A 116 11.46 -12.87 -33.94
CA ASN A 116 10.19 -13.56 -33.71
C ASN A 116 10.45 -14.68 -32.72
N CYS A 117 10.03 -14.48 -31.47
CA CYS A 117 10.40 -15.35 -30.36
C CYS A 117 9.18 -15.98 -29.72
N SER A 118 9.25 -17.29 -29.47
CA SER A 118 8.19 -18.06 -28.83
C SER A 118 8.54 -18.36 -27.38
N PHE A 119 7.52 -18.65 -26.60
CA PHE A 119 7.69 -18.87 -25.17
C PHE A 119 6.44 -19.51 -24.59
N ASN A 120 6.64 -20.50 -23.72
CA ASN A 120 5.53 -21.15 -23.05
C ASN A 120 4.90 -20.20 -22.04
N THR A 121 3.58 -20.17 -22.01
CA THR A 121 2.82 -19.24 -21.18
C THR A 121 1.84 -20.00 -20.31
N THR A 122 1.62 -19.48 -19.10
CA THR A 122 0.59 -20.02 -18.22
C THR A 122 -0.72 -19.32 -18.53
N THR A 123 -1.75 -20.09 -18.89
CA THR A 123 -3.05 -19.54 -19.23
C THR A 123 -3.81 -19.19 -17.95
N GLU A 124 -5.12 -18.95 -18.08
CA GLU A 124 -5.97 -18.75 -16.91
C GLU A 124 -5.92 -19.91 -15.93
N ILE A 125 -5.71 -21.13 -16.42
CA ILE A 125 -5.52 -22.30 -15.57
C ILE A 125 -4.07 -22.32 -15.16
N ARG A 126 -3.81 -22.49 -13.86
CA ARG A 126 -2.43 -22.44 -13.37
C ARG A 126 -1.59 -23.56 -13.96
N ASP A 127 -2.16 -24.77 -14.02
CA ASP A 127 -1.42 -25.97 -14.40
C ASP A 127 -1.75 -26.44 -15.82
N LYS A 128 -1.96 -25.49 -16.72
CA LYS A 128 -2.08 -25.78 -18.15
C LYS A 128 -1.44 -24.64 -18.93
N GLU A 129 -0.66 -24.99 -19.95
CA GLU A 129 0.17 -24.05 -20.69
C GLU A 129 -0.08 -24.20 -22.18
N LYS A 130 0.31 -23.18 -22.94
CA LYS A 130 0.12 -23.20 -24.39
C LYS A 130 1.22 -22.40 -25.07
N LYS A 131 1.62 -22.86 -26.26
CA LYS A 131 2.70 -22.23 -27.02
C LYS A 131 2.20 -20.94 -27.64
N GLU A 132 3.07 -19.93 -27.69
CA GLU A 132 2.74 -18.61 -28.21
C GLU A 132 3.97 -17.98 -28.82
N TYR A 133 3.79 -16.77 -29.36
CA TYR A 133 4.89 -16.01 -29.92
C TYR A 133 4.59 -14.53 -29.88
N ALA A 134 5.65 -13.74 -30.01
CA ALA A 134 5.59 -12.29 -30.05
C ALA A 134 6.87 -11.81 -30.73
N LEU A 135 6.76 -10.67 -31.42
CA LEU A 135 7.92 -10.03 -32.04
C LEU A 135 8.48 -8.98 -31.10
N PHE A 136 9.81 -9.02 -30.91
CA PHE A 136 10.52 -8.12 -30.01
C PHE A 136 11.67 -7.46 -30.77
N TYR A 137 11.88 -6.17 -30.50
CA TYR A 137 13.08 -5.51 -30.99
C TYR A 137 14.31 -6.13 -30.32
N LYS A 138 15.41 -6.19 -31.08
CA LYS A 138 16.63 -6.82 -30.59
C LYS A 138 17.20 -6.22 -29.32
N PRO A 139 17.21 -4.90 -29.10
CA PRO A 139 17.85 -4.36 -27.87
C PRO A 139 17.28 -4.91 -26.58
N ASP A 140 16.03 -5.35 -26.60
CA ASP A 140 15.36 -5.88 -25.42
C ASP A 140 15.47 -7.40 -25.31
N ILE A 141 16.22 -8.04 -26.21
CA ILE A 141 16.42 -9.49 -26.22
C ILE A 141 17.91 -9.75 -26.10
N VAL A 142 18.29 -10.62 -25.17
CA VAL A 142 19.68 -10.95 -24.91
C VAL A 142 19.83 -12.47 -24.92
N PRO A 143 20.95 -13.05 -25.39
CA PRO A 143 21.11 -14.50 -25.27
C PRO A 143 21.19 -14.95 -23.82
N LEU A 144 20.57 -16.10 -23.55
CA LEU A 144 20.41 -16.57 -22.18
C LEU A 144 21.65 -17.30 -21.68
N SER A 145 22.01 -18.40 -22.34
CA SER A 145 23.05 -19.28 -21.84
C SER A 145 24.43 -18.69 -22.11
N GLU A 146 25.31 -18.79 -21.11
CA GLU A 146 26.72 -18.50 -21.34
C GLU A 146 27.33 -19.50 -22.31
N THR A 147 26.81 -20.73 -22.33
CA THR A 147 27.21 -21.69 -23.35
C THR A 147 26.62 -21.31 -24.70
N ASN A 148 27.22 -21.83 -25.76
CA ASN A 148 26.84 -21.44 -27.11
C ASN A 148 25.49 -22.04 -27.48
N ASN A 149 24.53 -21.18 -27.80
CA ASN A 149 23.24 -21.61 -28.33
C ASN A 149 22.67 -20.45 -29.15
N THR A 150 22.31 -20.73 -30.39
CA THR A 150 21.94 -19.69 -31.33
C THR A 150 20.45 -19.35 -31.29
N SER A 151 19.67 -19.93 -30.37
CA SER A 151 18.21 -19.78 -30.38
C SER A 151 17.59 -19.47 -29.04
N GLU A 152 18.21 -19.80 -27.91
CA GLU A 152 17.60 -19.64 -26.59
C GLU A 152 18.00 -18.28 -26.04
N TYR A 153 17.01 -17.38 -25.91
CA TYR A 153 17.26 -15.99 -25.53
C TYR A 153 16.46 -15.64 -24.30
N ARG A 154 16.72 -14.45 -23.76
CA ARG A 154 16.10 -13.94 -22.53
C ARG A 154 15.73 -12.47 -22.72
N LEU A 155 14.71 -12.02 -21.99
CA LEU A 155 14.51 -10.59 -21.85
C LEU A 155 15.65 -9.99 -21.04
N ILE A 156 16.01 -8.74 -21.37
CA ILE A 156 17.21 -8.16 -20.77
C ILE A 156 17.05 -7.99 -19.27
N ASN A 157 15.81 -7.90 -18.78
CA ASN A 157 15.57 -7.91 -17.35
C ASN A 157 15.60 -9.33 -16.82
N CYS A 158 15.15 -9.51 -15.58
CA CYS A 158 15.09 -10.76 -14.83
C CYS A 158 16.46 -11.15 -14.29
N ASN A 159 17.53 -10.50 -14.76
CA ASN A 159 18.81 -10.55 -14.07
C ASN A 159 18.86 -9.45 -13.02
N THR A 160 18.39 -8.27 -13.39
CA THR A 160 18.16 -7.17 -12.48
C THR A 160 16.71 -7.28 -11.98
N SER A 161 16.18 -6.19 -11.44
CA SER A 161 14.87 -6.20 -10.78
C SER A 161 13.74 -6.69 -11.66
N ALA A 162 12.62 -7.06 -11.03
CA ALA A 162 11.38 -7.31 -11.77
C ALA A 162 10.91 -6.03 -12.45
N CYS A 163 9.93 -6.17 -13.33
CA CYS A 163 9.79 -5.23 -14.42
C CYS A 163 8.33 -5.21 -14.84
N THR A 164 7.82 -4.02 -15.20
CA THR A 164 6.36 -3.77 -15.25
C THR A 164 5.92 -3.24 -16.60
N GLN A 165 4.70 -3.59 -17.00
CA GLN A 165 4.07 -3.02 -18.18
C GLN A 165 3.42 -1.69 -17.83
N ALA A 166 3.52 -0.72 -18.74
CA ALA A 166 2.79 0.53 -18.59
C ALA A 166 1.31 0.29 -18.82
N CYS A 167 0.47 0.92 -18.01
CA CYS A 167 -0.96 0.71 -18.11
C CYS A 167 -1.45 1.18 -19.49
N PRO A 168 -2.39 0.48 -20.13
CA PRO A 168 -2.80 0.88 -21.47
C PRO A 168 -3.70 2.10 -21.50
N LYS A 169 -4.34 2.44 -20.38
CA LYS A 169 -5.27 3.55 -20.34
C LYS A 169 -4.60 4.91 -20.14
N VAL A 170 -3.37 4.92 -19.64
CA VAL A 170 -2.67 6.18 -19.34
C VAL A 170 -1.79 6.53 -20.52
N THR A 171 -1.34 7.79 -20.57
CA THR A 171 -0.53 8.30 -21.66
C THR A 171 0.69 9.02 -21.10
N PHE A 172 1.70 9.17 -21.96
CA PHE A 172 2.90 9.91 -21.64
C PHE A 172 2.89 11.33 -22.18
N GLU A 173 1.73 11.82 -22.60
CA GLU A 173 1.64 13.11 -23.28
C GLU A 173 2.03 14.21 -22.29
N PRO A 174 2.96 15.11 -22.64
CA PRO A 174 3.29 16.18 -21.68
C PRO A 174 2.25 17.31 -21.68
N ILE A 175 1.23 17.14 -20.86
CA ILE A 175 0.28 18.22 -20.58
C ILE A 175 1.00 19.29 -19.77
N PRO A 176 0.82 20.59 -20.05
CA PRO A 176 1.60 21.59 -19.32
C PRO A 176 1.20 21.69 -17.85
N ILE A 177 2.16 22.14 -17.03
CA ILE A 177 2.02 22.18 -15.58
C ILE A 177 2.37 23.58 -15.10
N HIS A 178 1.54 24.12 -14.20
CA HIS A 178 1.81 25.38 -13.53
C HIS A 178 2.15 25.12 -12.06
N TYR A 179 3.38 25.43 -11.67
CA TYR A 179 3.78 25.37 -10.26
C TYR A 179 3.51 26.71 -9.60
N CYS A 180 2.87 26.69 -8.44
CA CYS A 180 2.62 27.94 -7.75
C CYS A 180 2.40 27.77 -6.25
N ALA A 181 2.55 28.89 -5.55
CA ALA A 181 2.98 29.00 -4.17
C ALA A 181 1.80 29.09 -3.20
N PRO A 182 1.97 28.64 -1.95
CA PRO A 182 0.90 28.78 -0.97
C PRO A 182 0.87 30.18 -0.38
N ALA A 183 -0.10 30.40 0.50
CA ALA A 183 -0.29 31.71 1.11
C ALA A 183 0.93 32.09 1.95
N GLY A 184 1.26 33.38 1.93
CA GLY A 184 2.43 33.87 2.63
C GLY A 184 3.72 33.78 1.84
N TYR A 185 3.68 33.25 0.61
CA TYR A 185 4.81 33.21 -0.29
C TYR A 185 4.42 33.86 -1.62
N ALA A 186 5.41 34.45 -2.26
CA ALA A 186 5.24 35.06 -3.58
C ALA A 186 6.28 34.51 -4.53
N ILE A 187 5.88 34.40 -5.80
CA ILE A 187 6.80 34.05 -6.88
C ILE A 187 7.25 35.33 -7.54
N LEU A 188 8.57 35.56 -7.53
CA LEU A 188 9.17 36.70 -8.21
C LEU A 188 9.71 36.25 -9.56
N LYS A 189 9.47 37.08 -10.57
CA LYS A 189 9.74 36.75 -11.96
C LYS A 189 10.62 37.85 -12.56
N CYS A 190 11.75 37.46 -13.13
CA CYS A 190 12.57 38.39 -13.89
C CYS A 190 11.86 38.72 -15.19
N ASN A 191 12.14 39.91 -15.73
CA ASN A 191 11.51 40.37 -16.96
C ASN A 191 12.49 41.09 -17.88
N ASP A 192 13.78 41.09 -17.57
CA ASP A 192 14.80 41.62 -18.47
C ASP A 192 15.20 40.53 -19.46
N GLU A 193 15.00 40.80 -20.75
CA GLU A 193 15.09 39.76 -21.77
C GLU A 193 16.51 39.23 -21.94
N THR A 194 17.52 40.04 -21.68
CA THR A 194 18.91 39.67 -21.90
C THR A 194 19.55 38.99 -20.69
N PHE A 195 18.75 38.36 -19.83
CA PHE A 195 19.23 37.94 -18.53
C PHE A 195 20.22 36.79 -18.67
N ASN A 196 21.42 36.99 -18.10
CA ASN A 196 22.47 35.98 -18.17
C ASN A 196 22.10 34.69 -17.45
N GLY A 197 21.20 34.77 -16.46
CA GLY A 197 20.77 33.62 -15.69
C GLY A 197 21.01 33.77 -14.20
N THR A 198 22.14 34.35 -13.81
CA THR A 198 22.43 34.67 -12.42
C THR A 198 22.87 36.13 -12.35
N GLY A 199 22.72 36.70 -11.16
CA GLY A 199 22.98 38.10 -10.95
C GLY A 199 21.69 38.90 -10.88
N PRO A 200 21.79 40.22 -10.77
CA PRO A 200 20.59 41.03 -10.57
C PRO A 200 19.73 41.12 -11.82
N CYS A 201 18.42 41.23 -11.61
CA CYS A 201 17.48 41.68 -12.62
C CYS A 201 16.98 43.06 -12.25
N SER A 202 17.25 44.04 -13.09
CA SER A 202 16.79 45.41 -12.84
C SER A 202 15.29 45.57 -13.04
N ASN A 203 14.64 44.62 -13.71
CA ASN A 203 13.19 44.60 -13.87
C ASN A 203 12.70 43.26 -13.32
N VAL A 204 11.96 43.32 -12.22
CA VAL A 204 11.48 42.14 -11.51
C VAL A 204 9.99 42.28 -11.28
N SER A 205 9.27 41.17 -11.38
CA SER A 205 7.82 41.14 -11.35
C SER A 205 7.36 40.07 -10.37
N THR A 206 6.05 40.07 -10.10
CA THR A 206 5.42 39.08 -9.26
C THR A 206 4.20 38.49 -9.98
N VAL A 207 4.07 37.18 -9.91
CA VAL A 207 3.00 36.43 -10.54
C VAL A 207 2.38 35.51 -9.50
N GLN A 208 1.14 35.09 -9.76
CA GLN A 208 0.52 34.10 -8.88
C GLN A 208 1.06 32.70 -9.20
N CYS A 209 0.80 32.21 -10.42
CA CYS A 209 1.28 30.92 -10.87
C CYS A 209 2.11 31.02 -12.14
N THR A 210 3.12 30.15 -12.20
CA THR A 210 4.13 30.17 -13.25
C THR A 210 3.53 29.78 -14.60
N HIS A 211 4.28 30.07 -15.65
CA HIS A 211 3.88 29.67 -16.99
C HIS A 211 3.89 28.15 -17.11
N GLY A 212 3.03 27.63 -17.98
CA GLY A 212 2.93 26.19 -18.17
C GLY A 212 4.22 25.54 -18.60
N ILE A 213 4.84 24.78 -17.70
CA ILE A 213 6.04 24.03 -18.04
C ILE A 213 5.63 22.72 -18.69
N ARG A 214 6.42 22.27 -19.66
CA ARG A 214 6.18 21.00 -20.34
C ARG A 214 7.07 19.90 -19.75
N PRO A 215 6.55 18.98 -18.94
CA PRO A 215 7.36 17.82 -18.54
C PRO A 215 7.67 16.89 -19.71
N VAL A 216 8.54 17.35 -20.60
CA VAL A 216 8.91 16.62 -21.81
C VAL A 216 10.34 16.12 -21.67
N VAL A 217 10.57 14.88 -22.09
CA VAL A 217 11.84 14.19 -21.92
C VAL A 217 12.60 14.17 -23.24
N SER A 218 13.84 14.66 -23.20
CA SER A 218 14.76 14.56 -24.32
C SER A 218 16.16 14.82 -23.82
N THR A 219 17.14 14.15 -24.45
CA THR A 219 18.52 14.21 -23.96
C THR A 219 19.34 15.29 -24.67
N GLN A 220 19.52 15.16 -25.98
CA GLN A 220 20.48 16.01 -26.69
C GLN A 220 19.84 17.24 -27.30
N LEU A 221 18.56 17.18 -27.64
CA LEU A 221 17.80 18.30 -28.16
C LEU A 221 16.66 18.60 -27.20
N LEU A 222 16.46 19.88 -26.92
CA LEU A 222 15.36 20.32 -26.06
C LEU A 222 14.14 20.58 -26.92
N LEU A 223 13.12 19.74 -26.77
CA LEU A 223 11.96 19.73 -27.63
C LEU A 223 10.91 20.68 -27.06
N ASN A 224 9.67 20.64 -27.60
CA ASN A 224 8.58 21.60 -27.39
C ASN A 224 8.67 22.36 -26.07
N GLY A 225 8.67 23.68 -26.17
CA GLY A 225 8.85 24.51 -24.99
C GLY A 225 8.85 25.97 -25.37
N SER A 226 9.28 26.80 -24.42
CA SER A 226 9.34 28.23 -24.65
C SER A 226 10.52 28.59 -25.54
N LEU A 227 10.44 29.77 -26.14
CA LEU A 227 11.47 30.29 -27.03
C LEU A 227 12.06 31.56 -26.44
N ALA A 228 13.32 31.83 -26.76
CA ALA A 228 13.97 33.03 -26.25
C ALA A 228 13.28 34.27 -26.78
N GLU A 229 13.62 35.41 -26.18
CA GLU A 229 12.90 36.65 -26.44
C GLU A 229 13.39 37.34 -27.70
N LYS A 230 14.68 37.66 -27.76
CA LYS A 230 15.24 38.46 -28.87
C LYS A 230 16.49 37.88 -29.49
N GLU A 231 17.27 37.05 -28.81
CA GLU A 231 18.44 36.44 -29.41
C GLU A 231 18.75 35.15 -28.67
N ILE A 232 19.67 34.37 -29.23
CA ILE A 232 20.14 33.17 -28.54
C ILE A 232 20.86 33.61 -27.28
N VAL A 233 20.66 32.84 -26.21
CA VAL A 233 21.34 33.04 -24.93
C VAL A 233 22.10 31.77 -24.60
N ILE A 234 23.36 31.94 -24.20
CA ILE A 234 24.19 30.85 -23.70
C ILE A 234 24.29 31.00 -22.19
N ARG A 235 24.06 29.90 -21.47
CA ARG A 235 23.98 29.92 -20.01
C ARG A 235 24.68 28.71 -19.46
N SER A 236 25.60 28.94 -18.52
CA SER A 236 26.30 27.86 -17.83
C SER A 236 26.62 28.30 -16.41
N GLU A 237 26.76 27.33 -15.52
CA GLU A 237 27.09 27.66 -14.13
C GLU A 237 28.49 28.24 -14.04
N ASN A 238 29.43 27.70 -14.82
CA ASN A 238 30.81 28.20 -14.80
C ASN A 238 31.44 27.78 -16.13
N LEU A 239 31.71 28.78 -16.98
CA LEU A 239 32.29 28.53 -18.30
C LEU A 239 33.79 28.32 -18.26
N THR A 240 34.45 28.62 -17.13
CA THR A 240 35.83 28.20 -16.96
C THR A 240 35.95 26.68 -16.78
N ASN A 241 34.84 26.00 -16.50
CA ASN A 241 34.81 24.55 -16.35
C ASN A 241 34.39 23.93 -17.68
N ASN A 242 35.15 22.93 -18.13
CA ASN A 242 34.87 22.25 -19.39
C ASN A 242 34.06 20.97 -19.22
N ALA A 243 33.65 20.64 -18.00
CA ALA A 243 32.84 19.46 -17.75
C ALA A 243 31.37 19.78 -17.57
N LYS A 244 31.04 21.00 -17.15
CA LYS A 244 29.67 21.35 -16.81
C LYS A 244 28.81 21.48 -18.06
N ILE A 245 27.51 21.27 -17.91
CA ILE A 245 26.60 21.30 -19.05
C ILE A 245 26.31 22.75 -19.40
N ILE A 246 26.49 23.10 -20.67
CA ILE A 246 26.21 24.43 -21.19
C ILE A 246 24.89 24.39 -21.95
N ILE A 247 23.96 25.24 -21.53
CA ILE A 247 22.60 25.26 -22.07
C ILE A 247 22.51 26.40 -23.09
N VAL A 248 22.09 26.07 -24.30
CA VAL A 248 21.92 27.04 -25.37
C VAL A 248 20.45 27.06 -25.73
N HIS A 249 19.83 28.23 -25.59
CA HIS A 249 18.39 28.39 -25.70
C HIS A 249 18.10 29.28 -26.90
N LEU A 250 17.55 28.67 -27.96
CA LEU A 250 17.47 29.31 -29.26
C LEU A 250 16.39 30.38 -29.32
N HIS A 251 16.50 31.25 -30.33
CA HIS A 251 15.47 32.24 -30.61
C HIS A 251 14.38 31.69 -31.51
N THR A 252 14.75 31.27 -32.73
CA THR A 252 13.79 30.71 -33.66
C THR A 252 13.77 29.19 -33.55
N PRO A 253 12.63 28.51 -33.63
CA PRO A 253 12.64 27.05 -33.56
C PRO A 253 13.09 26.42 -34.86
N VAL A 254 13.47 25.16 -34.77
CA VAL A 254 13.77 24.31 -35.92
C VAL A 254 12.79 23.14 -35.87
N GLU A 255 11.96 23.02 -36.89
CA GLU A 255 10.94 21.98 -36.91
C GLU A 255 11.56 20.64 -37.27
N ILE A 256 11.12 19.60 -36.56
CA ILE A 256 11.60 18.24 -36.77
C ILE A 256 10.40 17.31 -36.79
N VAL A 257 10.35 16.45 -37.81
CA VAL A 257 9.32 15.42 -37.97
C VAL A 257 9.96 14.06 -37.76
N CYS A 258 9.23 13.16 -37.11
CA CYS A 258 9.69 11.81 -36.82
C CYS A 258 8.60 10.82 -37.20
N THR A 259 9.00 9.62 -37.62
CA THR A 259 8.04 8.66 -38.15
C THR A 259 8.59 7.24 -38.03
N ARG A 260 7.67 6.32 -37.73
CA ARG A 260 7.91 4.89 -37.86
C ARG A 260 7.01 4.37 -38.98
N PRO A 261 7.51 4.10 -40.19
CA PRO A 261 6.58 3.73 -41.28
C PRO A 261 5.93 2.37 -41.14
N ASN A 262 6.47 1.47 -40.33
CA ASN A 262 6.01 0.09 -40.33
C ASN A 262 4.59 0.00 -39.77
N ASN A 263 3.74 -0.73 -40.48
CA ASN A 263 2.34 -0.90 -40.10
C ASN A 263 2.25 -2.08 -39.14
N ASN A 264 2.61 -1.81 -37.89
CA ASN A 264 2.62 -2.85 -36.88
C ASN A 264 1.21 -3.24 -36.47
N THR A 265 1.11 -4.38 -35.80
CA THR A 265 -0.16 -4.97 -35.38
C THR A 265 -0.14 -5.21 -33.88
N ARG A 266 -1.30 -5.05 -33.25
CA ARG A 266 -1.43 -5.30 -31.81
C ARG A 266 -1.80 -6.75 -31.58
N LYS A 267 -1.04 -7.43 -30.73
CA LYS A 267 -1.31 -8.79 -30.31
C LYS A 267 -1.42 -8.82 -28.78
N SER A 268 -2.41 -9.56 -28.28
CA SER A 268 -2.71 -9.63 -26.86
C SER A 268 -2.52 -11.05 -26.35
N VAL A 269 -2.14 -11.16 -25.09
CA VAL A 269 -1.79 -12.43 -24.46
C VAL A 269 -2.30 -12.41 -23.02
N ARG A 270 -3.15 -13.37 -22.67
CA ARG A 270 -3.57 -13.50 -21.28
C ARG A 270 -2.46 -14.15 -20.47
N ILE A 271 -2.05 -13.49 -19.40
CA ILE A 271 -0.94 -13.93 -18.57
C ILE A 271 -1.39 -13.93 -17.11
N GLY A 272 -1.87 -15.07 -16.63
CA GLY A 272 -2.42 -15.15 -15.29
C GLY A 272 -3.89 -14.75 -15.30
N PRO A 273 -4.55 -14.87 -14.15
CA PRO A 273 -6.01 -14.71 -14.13
C PRO A 273 -6.43 -13.25 -14.32
N GLY A 274 -6.90 -12.95 -15.53
CA GLY A 274 -7.49 -11.66 -15.81
C GLY A 274 -6.55 -10.49 -15.99
N GLN A 275 -5.36 -10.69 -16.57
CA GLN A 275 -4.51 -9.59 -17.00
C GLN A 275 -3.78 -9.99 -18.27
N THR A 276 -3.62 -9.03 -19.19
CA THR A 276 -3.21 -9.32 -20.56
C THR A 276 -1.86 -8.68 -20.87
N PHE A 277 -0.92 -9.50 -21.35
CA PHE A 277 0.33 -9.01 -21.89
C PHE A 277 0.16 -8.70 -23.38
N TYR A 278 0.75 -7.59 -23.80
CA TYR A 278 0.63 -7.10 -25.16
C TYR A 278 1.95 -7.27 -25.91
N ALA A 279 1.86 -7.33 -27.22
CA ALA A 279 3.04 -7.58 -28.05
C ALA A 279 2.70 -7.24 -29.49
N THR A 280 3.73 -7.16 -30.32
CA THR A 280 3.53 -6.95 -31.75
C THR A 280 3.36 -8.29 -32.45
N GLY A 281 2.33 -8.38 -33.28
CA GLY A 281 2.17 -9.49 -34.19
C GLY A 281 2.95 -9.26 -35.46
N ASP A 282 2.41 -9.80 -36.55
CA ASP A 282 3.09 -9.67 -37.83
C ASP A 282 3.17 -8.21 -38.25
N ILE A 283 4.25 -7.88 -38.97
CA ILE A 283 4.38 -6.56 -39.59
C ILE A 283 3.66 -6.60 -40.92
N ILE A 284 2.78 -5.64 -41.13
CA ILE A 284 2.00 -5.54 -42.36
C ILE A 284 2.78 -4.71 -43.36
N GLY A 285 2.70 -5.08 -44.63
CA GLY A 285 3.42 -4.35 -45.65
C GLY A 285 4.91 -4.65 -45.65
N ASP A 286 5.68 -3.68 -46.10
CA ASP A 286 7.12 -3.82 -46.25
C ASP A 286 7.84 -3.21 -45.04
N ILE A 287 8.96 -3.82 -44.67
CA ILE A 287 9.74 -3.39 -43.51
C ILE A 287 10.59 -2.19 -43.91
N LYS A 288 10.57 -1.15 -43.09
CA LYS A 288 11.26 0.11 -43.38
C LYS A 288 11.90 0.65 -42.11
N GLN A 289 12.62 1.76 -42.27
CA GLN A 289 13.48 2.31 -41.23
C GLN A 289 12.83 3.52 -40.59
N ALA A 290 12.82 3.55 -39.25
CA ALA A 290 12.36 4.74 -38.53
C ALA A 290 13.41 5.83 -38.61
N HIS A 291 12.97 7.09 -38.64
CA HIS A 291 13.91 8.18 -38.83
C HIS A 291 13.27 9.50 -38.43
N CYS A 292 14.07 10.56 -38.49
CA CYS A 292 13.63 11.93 -38.26
C CYS A 292 14.37 12.87 -39.20
N ASN A 293 13.65 13.85 -39.75
CA ASN A 293 14.16 14.76 -40.76
C ASN A 293 14.31 16.17 -40.20
N ILE A 294 15.39 16.84 -40.59
CA ILE A 294 15.66 18.22 -40.23
C ILE A 294 16.14 18.95 -41.48
N SER A 295 15.69 20.17 -41.68
CA SER A 295 16.15 20.95 -42.84
C SER A 295 17.59 21.38 -42.64
N GLU A 296 18.41 21.23 -43.69
CA GLU A 296 19.85 21.39 -43.53
C GLU A 296 20.25 22.84 -43.40
N GLU A 297 19.68 23.73 -44.22
CA GLU A 297 20.06 25.13 -44.17
C GLU A 297 19.65 25.76 -42.84
N LYS A 298 18.49 25.38 -42.31
CA LYS A 298 18.08 25.88 -41.01
C LYS A 298 19.02 25.41 -39.91
N TRP A 299 19.51 24.18 -40.00
CA TRP A 299 20.46 23.71 -39.01
C TRP A 299 21.79 24.44 -39.15
N ASN A 300 22.22 24.72 -40.38
CA ASN A 300 23.45 25.50 -40.56
C ASN A 300 23.29 26.88 -39.95
N ASP A 301 22.14 27.53 -40.20
CA ASP A 301 21.89 28.85 -39.61
C ASP A 301 21.87 28.79 -38.09
N THR A 302 21.22 27.77 -37.52
CA THR A 302 21.16 27.65 -36.08
C THR A 302 22.55 27.47 -35.49
N LEU A 303 23.32 26.52 -36.01
CA LEU A 303 24.65 26.28 -35.46
C LEU A 303 25.59 27.43 -35.72
N GLN A 304 25.39 28.19 -36.80
CA GLN A 304 26.22 29.38 -37.03
C GLN A 304 25.87 30.49 -36.05
N LYS A 305 24.58 30.71 -35.79
CA LYS A 305 24.20 31.74 -34.82
C LYS A 305 24.66 31.35 -33.42
N VAL A 306 24.59 30.07 -33.09
CA VAL A 306 25.16 29.62 -31.82
C VAL A 306 26.67 29.79 -31.83
N GLY A 307 27.32 29.62 -32.98
CA GLY A 307 28.75 29.82 -33.04
C GLY A 307 29.15 31.26 -32.81
N ILE A 308 28.32 32.20 -33.26
CA ILE A 308 28.60 33.61 -33.02
C ILE A 308 28.66 33.92 -31.53
N GLU A 309 27.91 33.20 -30.70
CA GLU A 309 27.88 33.45 -29.27
C GLU A 309 28.78 32.54 -28.47
N LEU A 310 29.16 31.38 -29.01
CA LEU A 310 30.20 30.59 -28.36
C LEU A 310 31.56 31.26 -28.50
N GLN A 311 31.73 32.13 -29.49
CA GLN A 311 32.97 32.87 -29.65
C GLN A 311 33.02 34.17 -28.86
N LYS A 312 31.92 34.58 -28.22
CA LYS A 312 31.99 35.67 -27.26
C LYS A 312 32.81 35.28 -26.03
N HIS A 313 33.01 33.99 -25.80
CA HIS A 313 33.86 33.48 -24.75
C HIS A 313 35.11 32.79 -25.28
N PHE A 314 35.14 32.42 -26.56
CA PHE A 314 36.29 31.81 -27.21
C PHE A 314 36.53 32.49 -28.56
N PRO A 315 36.97 33.76 -28.54
CA PRO A 315 36.96 34.54 -29.79
C PRO A 315 37.94 34.04 -30.83
N ASN A 316 39.21 33.86 -30.48
CA ASN A 316 40.21 33.45 -31.45
C ASN A 316 39.96 32.03 -31.94
N LYS A 317 39.52 31.15 -31.04
CA LYS A 317 39.56 29.72 -31.29
C LYS A 317 38.41 29.28 -32.20
N THR A 318 38.54 28.06 -32.72
CA THR A 318 37.46 27.46 -33.49
C THR A 318 36.42 26.88 -32.51
N ILE A 319 35.28 26.45 -33.07
CA ILE A 319 34.20 25.89 -32.27
C ILE A 319 33.93 24.42 -32.57
N LYS A 320 34.15 23.96 -33.80
CA LYS A 320 34.36 22.55 -34.16
C LYS A 320 33.43 21.52 -33.51
N TYR A 321 32.14 21.53 -33.85
CA TYR A 321 31.21 20.54 -33.30
C TYR A 321 31.64 19.11 -33.65
N ASN A 322 31.17 18.15 -32.86
CA ASN A 322 31.56 16.76 -33.06
C ASN A 322 30.53 15.81 -32.44
N GLN A 323 30.66 14.54 -32.81
CA GLN A 323 29.83 13.42 -32.37
C GLN A 323 29.81 13.29 -30.85
N SER A 324 28.79 12.62 -30.30
CA SER A 324 28.77 12.27 -28.89
C SER A 324 29.98 11.42 -28.53
N ALA A 325 30.44 11.56 -27.28
CA ALA A 325 31.68 10.90 -26.87
C ALA A 325 31.59 9.38 -26.93
N GLY A 326 30.49 8.81 -26.46
CA GLY A 326 30.34 7.37 -26.47
C GLY A 326 29.37 6.95 -25.37
N GLY A 327 29.61 5.74 -24.85
CA GLY A 327 28.78 5.21 -23.78
C GLY A 327 27.66 4.33 -24.31
N ASP A 328 26.74 4.02 -23.40
CA ASP A 328 25.65 3.12 -23.72
C ASP A 328 24.62 3.81 -24.62
N MET A 329 23.67 3.01 -25.09
CA MET A 329 22.66 3.50 -26.03
C MET A 329 21.83 4.63 -25.43
N GLU A 330 21.63 4.60 -24.11
CA GLU A 330 20.88 5.68 -23.46
C GLU A 330 21.70 6.95 -23.32
N ILE A 331 23.03 6.86 -23.38
CA ILE A 331 23.90 8.01 -23.13
C ILE A 331 24.19 8.78 -24.40
N THR A 332 24.27 8.11 -25.55
CA THR A 332 24.77 8.74 -26.76
C THR A 332 23.67 9.31 -27.64
N THR A 333 22.51 8.66 -27.68
CA THR A 333 21.47 8.99 -28.65
C THR A 333 20.59 10.12 -28.16
N HIS A 334 19.87 10.72 -29.10
CA HIS A 334 18.81 11.69 -28.80
C HIS A 334 17.54 10.90 -28.52
N SER A 335 17.39 10.49 -27.27
CA SER A 335 16.22 9.71 -26.87
C SER A 335 15.06 10.66 -26.62
N PHE A 336 13.87 10.26 -27.05
CA PHE A 336 12.67 11.02 -26.79
C PHE A 336 11.49 10.08 -26.93
N ASN A 337 10.36 10.50 -26.38
CA ASN A 337 9.08 9.81 -26.53
C ASN A 337 8.10 10.80 -27.13
N CYS A 338 7.53 10.45 -28.28
CA CYS A 338 6.41 11.18 -28.82
C CYS A 338 5.68 10.28 -29.80
N GLY A 339 4.36 10.26 -29.68
CA GLY A 339 3.56 9.21 -30.28
C GLY A 339 3.42 7.97 -29.43
N GLY A 340 4.08 7.91 -28.27
CA GLY A 340 3.99 6.80 -27.36
C GLY A 340 5.13 5.80 -27.46
N GLU A 341 5.86 5.81 -28.58
CA GLU A 341 6.96 4.88 -28.80
C GLU A 341 8.29 5.58 -28.55
N PHE A 342 9.17 4.91 -27.81
CA PHE A 342 10.45 5.50 -27.42
C PHE A 342 11.44 5.39 -28.57
N PHE A 343 11.81 6.54 -29.14
CA PHE A 343 12.80 6.61 -30.19
C PHE A 343 14.19 6.86 -29.59
N TYR A 344 15.22 6.42 -30.30
CA TYR A 344 16.60 6.69 -29.94
C TYR A 344 17.35 6.98 -31.24
N CYS A 345 17.46 8.27 -31.59
CA CYS A 345 17.94 8.69 -32.90
C CYS A 345 19.42 9.05 -32.84
N ASN A 346 20.15 8.68 -33.89
CA ASN A 346 21.56 9.01 -34.00
C ASN A 346 21.71 10.40 -34.57
N THR A 347 22.50 11.25 -33.88
CA THR A 347 22.60 12.66 -34.17
C THR A 347 23.91 13.05 -34.85
N SER A 348 24.71 12.07 -35.29
CA SER A 348 26.05 12.36 -35.76
C SER A 348 26.07 13.26 -36.99
N ASN A 349 24.99 13.28 -37.77
CA ASN A 349 24.94 14.12 -38.96
C ASN A 349 24.57 15.56 -38.63
N LEU A 350 24.01 15.82 -37.45
CA LEU A 350 23.69 17.18 -37.05
C LEU A 350 24.92 17.98 -36.63
N PHE A 351 26.04 17.32 -36.33
CA PHE A 351 27.22 17.94 -35.78
C PHE A 351 28.47 17.43 -36.49
N ASN A 352 28.43 17.41 -37.83
CA ASN A 352 29.47 16.81 -38.64
C ASN A 352 30.52 17.80 -39.11
N GLY A 353 30.12 19.03 -39.42
CA GLY A 353 31.03 20.09 -39.84
C GLY A 353 31.10 21.15 -38.77
N THR A 354 31.49 22.37 -39.13
CA THR A 354 31.53 23.44 -38.14
C THR A 354 31.68 24.80 -38.79
N TYR A 355 30.97 25.76 -38.22
CA TYR A 355 31.26 27.18 -38.40
C TYR A 355 32.71 27.45 -38.06
N ASN A 356 33.47 27.93 -39.04
CA ASN A 356 34.89 28.22 -38.92
C ASN A 356 35.16 29.72 -38.84
N GLY A 357 34.31 30.47 -38.17
CA GLY A 357 34.44 31.92 -38.12
C GLY A 357 33.82 32.58 -39.33
N THR A 358 34.13 32.04 -40.52
CA THR A 358 33.39 32.34 -41.73
C THR A 358 31.89 32.14 -41.48
N TYR A 359 31.14 33.25 -41.48
CA TYR A 359 29.68 33.20 -41.43
C TYR A 359 29.16 33.12 -42.86
N ILE A 360 29.16 31.88 -43.37
CA ILE A 360 28.88 31.64 -44.78
C ILE A 360 27.45 32.10 -45.08
N SER A 361 27.25 32.58 -46.31
CA SER A 361 26.01 33.25 -46.68
C SER A 361 24.80 32.33 -46.48
N THR A 362 23.74 32.89 -45.90
CA THR A 362 22.55 32.13 -45.56
C THR A 362 21.47 32.18 -46.62
N ASN A 363 21.57 33.10 -47.58
CA ASN A 363 20.57 33.25 -48.63
C ASN A 363 21.26 33.60 -49.95
N SER A 364 20.64 33.25 -51.07
CA SER A 364 19.39 32.52 -51.29
C SER A 364 19.66 31.01 -51.27
N SER A 365 18.81 30.27 -50.57
CA SER A 365 19.00 28.83 -50.42
C SER A 365 18.66 28.10 -51.71
N ALA A 366 19.45 27.07 -52.02
CA ALA A 366 19.25 26.32 -53.26
C ALA A 366 17.94 25.55 -53.23
N ASN A 367 17.70 24.78 -52.17
CA ASN A 367 16.46 24.00 -52.05
C ASN A 367 16.18 23.81 -50.55
N SER A 368 15.32 24.68 -50.02
CA SER A 368 14.96 24.63 -48.61
C SER A 368 14.07 23.44 -48.26
N THR A 369 13.51 22.75 -49.24
CA THR A 369 12.70 21.55 -48.96
C THR A 369 13.55 20.31 -48.72
N SER A 370 14.85 20.34 -49.05
CA SER A 370 15.73 19.23 -48.74
C SER A 370 16.01 19.18 -47.24
N THR A 371 16.26 17.98 -46.75
CA THR A 371 16.40 17.73 -45.32
C THR A 371 17.52 16.74 -45.07
N ILE A 372 17.98 16.70 -43.82
CA ILE A 372 18.98 15.72 -43.37
C ILE A 372 18.29 14.77 -42.42
N THR A 373 18.40 13.47 -42.71
CA THR A 373 17.64 12.43 -42.03
C THR A 373 18.50 11.78 -40.97
N LEU A 374 17.91 11.56 -39.79
CA LEU A 374 18.55 10.86 -38.69
C LEU A 374 17.90 9.49 -38.53
N GLN A 375 18.70 8.44 -38.59
CA GLN A 375 18.19 7.09 -38.42
C GLN A 375 18.00 6.79 -36.95
N CYS A 376 16.91 6.09 -36.63
CA CYS A 376 16.49 5.88 -35.26
C CYS A 376 16.22 4.41 -34.99
N ARG A 377 16.33 4.04 -33.72
CA ARG A 377 16.05 2.71 -33.22
C ARG A 377 15.03 2.81 -32.10
N ILE A 378 14.21 1.78 -31.95
CA ILE A 378 13.06 1.81 -31.04
C ILE A 378 13.20 0.67 -30.04
N LYS A 379 12.84 0.96 -28.80
CA LYS A 379 12.86 0.01 -27.70
C LYS A 379 11.46 -0.17 -27.15
N GLN A 380 11.28 -1.23 -26.36
CA GLN A 380 10.06 -1.45 -25.59
C GLN A 380 10.31 -1.47 -24.10
N ILE A 381 11.47 -1.95 -23.66
CA ILE A 381 11.87 -1.94 -22.26
C ILE A 381 12.69 -0.68 -22.03
N ILE A 382 12.34 0.10 -21.01
CA ILE A 382 12.93 1.41 -20.78
C ILE A 382 13.44 1.48 -19.35
N ASN A 383 14.58 2.15 -19.17
CA ASN A 383 15.12 2.52 -17.86
C ASN A 383 15.16 4.04 -17.81
N MET A 384 14.06 4.63 -17.34
CA MET A 384 13.88 6.08 -17.48
C MET A 384 14.77 6.85 -16.51
N TRP A 385 14.70 6.53 -15.22
CA TRP A 385 15.58 7.13 -14.23
C TRP A 385 16.03 6.03 -13.28
N GLN A 386 17.10 6.31 -12.54
CA GLN A 386 17.67 5.31 -11.65
C GLN A 386 16.78 5.09 -10.44
N GLY A 387 16.35 3.84 -10.27
CA GLY A 387 15.77 3.41 -9.01
C GLY A 387 14.27 3.54 -8.86
N VAL A 388 13.62 4.35 -9.70
CA VAL A 388 12.18 4.57 -9.57
C VAL A 388 11.45 3.51 -10.39
N GLY A 389 11.32 2.30 -9.83
CA GLY A 389 10.75 1.15 -10.50
C GLY A 389 11.25 1.08 -11.92
N ARG A 390 12.57 0.96 -12.09
CA ARG A 390 13.23 1.54 -13.24
C ARG A 390 12.75 0.99 -14.57
N CYS A 391 12.22 -0.24 -14.60
CA CYS A 391 11.53 -0.70 -15.81
C CYS A 391 10.26 0.08 -16.09
N MET A 392 10.00 0.23 -17.38
CA MET A 392 8.66 0.33 -17.91
C MET A 392 8.68 -0.35 -19.26
N TYR A 393 7.91 -1.43 -19.40
CA TYR A 393 7.69 -2.03 -20.69
C TYR A 393 6.59 -1.25 -21.39
N ALA A 394 6.95 -0.55 -22.47
CA ALA A 394 6.00 0.27 -23.19
C ALA A 394 5.24 -0.62 -24.16
N PRO A 395 3.92 -0.79 -24.03
CA PRO A 395 3.23 -1.68 -24.95
C PRO A 395 3.19 -1.10 -26.35
N PRO A 396 3.44 -1.90 -27.39
CA PRO A 396 3.56 -1.34 -28.73
C PRO A 396 2.24 -0.75 -29.23
N ILE A 397 2.36 0.26 -30.09
CA ILE A 397 1.20 0.93 -30.68
C ILE A 397 1.07 0.44 -32.11
N ALA A 398 -0.11 -0.09 -32.45
CA ALA A 398 -0.33 -0.65 -33.77
C ALA A 398 -0.44 0.46 -34.81
N GLY A 399 -0.15 0.09 -36.06
CA GLY A 399 -0.14 1.03 -37.16
C GLY A 399 1.17 1.76 -37.24
N ASN A 400 1.30 2.55 -38.29
CA ASN A 400 2.43 3.46 -38.44
C ASN A 400 2.10 4.81 -37.81
N ILE A 401 3.12 5.43 -37.23
CA ILE A 401 2.97 6.66 -36.46
C ILE A 401 3.93 7.71 -36.98
N THR A 402 3.56 8.97 -36.75
CA THR A 402 4.38 10.11 -37.14
C THR A 402 4.29 11.13 -36.02
N CYS A 403 5.34 11.92 -35.87
CA CYS A 403 5.44 12.91 -34.81
C CYS A 403 6.10 14.15 -35.36
N ARG A 404 5.55 15.31 -35.03
CA ARG A 404 6.08 16.60 -35.46
C ARG A 404 6.22 17.50 -34.24
N SER A 405 7.38 18.14 -34.11
CA SER A 405 7.68 18.95 -32.93
C SER A 405 8.71 20.00 -33.30
N ASN A 406 8.89 20.95 -32.39
CA ASN A 406 9.79 22.09 -32.57
C ASN A 406 11.00 21.93 -31.67
N ILE A 407 12.19 22.04 -32.25
CA ILE A 407 13.41 22.18 -31.45
C ILE A 407 13.44 23.58 -30.87
N THR A 408 13.95 23.71 -29.63
CA THR A 408 14.06 25.01 -28.98
C THR A 408 15.39 25.24 -28.27
N GLY A 409 16.20 24.22 -28.05
CA GLY A 409 17.44 24.42 -27.33
C GLY A 409 18.36 23.23 -27.46
N LEU A 410 19.61 23.46 -27.10
CA LEU A 410 20.67 22.46 -27.16
C LEU A 410 21.30 22.28 -25.79
N LEU A 411 21.73 21.06 -25.52
CA LEU A 411 22.65 20.76 -24.42
C LEU A 411 23.98 20.35 -25.04
N LEU A 412 25.02 21.11 -24.75
CA LEU A 412 26.34 20.92 -25.34
C LEU A 412 27.37 20.69 -24.24
N THR A 413 28.62 20.50 -24.67
CA THR A 413 29.74 20.38 -23.75
C THR A 413 31.02 20.68 -24.52
N ARG A 414 31.94 21.37 -23.86
CA ARG A 414 33.23 21.72 -24.43
C ARG A 414 34.23 20.64 -24.05
N ASP A 415 34.88 20.06 -25.05
CA ASP A 415 35.76 18.93 -24.82
C ASP A 415 37.07 19.37 -24.17
N GLY A 416 37.76 18.41 -23.57
CA GLY A 416 39.07 18.67 -22.97
C GLY A 416 40.11 19.08 -23.98
N GLY A 417 40.89 20.12 -23.66
CA GLY A 417 41.91 20.58 -24.55
C GLY A 417 43.20 19.77 -24.43
N THR A 418 44.06 19.92 -25.44
CA THR A 418 45.36 19.28 -25.43
C THR A 418 46.29 20.02 -26.39
N ASN A 419 47.57 20.06 -26.03
CA ASN A 419 48.62 20.66 -26.85
C ASN A 419 48.35 22.14 -27.13
N SER A 420 47.70 22.83 -26.18
CA SER A 420 47.32 24.23 -26.32
C SER A 420 46.51 24.48 -27.59
N ASN A 421 45.59 23.57 -27.91
CA ASN A 421 44.91 23.60 -29.19
C ASN A 421 44.05 24.85 -29.33
N GLU A 422 44.18 25.51 -30.48
CA GLU A 422 43.38 26.69 -30.80
C GLU A 422 42.07 26.34 -31.51
N THR A 423 41.88 25.09 -31.95
CA THR A 423 40.73 24.69 -32.73
C THR A 423 39.69 23.90 -31.93
N GLU A 424 39.48 24.23 -30.65
CA GLU A 424 38.79 23.32 -29.75
C GLU A 424 37.32 23.14 -30.11
N THR A 425 36.72 22.08 -29.56
CA THR A 425 35.52 21.46 -30.09
C THR A 425 34.41 21.35 -29.05
N PHE A 426 33.18 21.57 -29.49
CA PHE A 426 31.97 21.31 -28.71
C PHE A 426 31.35 19.99 -29.14
N ARG A 427 30.45 19.48 -28.31
CA ARG A 427 29.77 18.22 -28.57
C ARG A 427 28.38 18.26 -27.96
N PRO A 428 27.45 17.44 -28.46
CA PRO A 428 26.18 17.26 -27.74
C PRO A 428 26.40 16.60 -26.38
N ALA A 429 25.51 16.91 -25.45
CA ALA A 429 25.64 16.46 -24.07
C ALA A 429 24.34 15.81 -23.60
N GLY A 430 24.47 14.58 -23.10
CA GLY A 430 23.44 14.05 -22.23
C GLY A 430 23.59 14.58 -20.83
N GLY A 431 22.51 14.52 -20.06
CA GLY A 431 22.54 15.06 -18.71
C GLY A 431 21.35 14.59 -17.90
N ASP A 432 21.46 14.80 -16.59
CA ASP A 432 20.33 14.56 -15.71
C ASP A 432 19.17 15.48 -16.08
N MET A 433 17.98 15.05 -15.71
CA MET A 433 16.75 15.75 -16.09
C MET A 433 16.64 17.11 -15.41
N ARG A 434 17.35 17.33 -14.30
CA ARG A 434 17.41 18.66 -13.70
C ARG A 434 17.94 19.66 -14.70
N ASP A 435 18.91 19.25 -15.51
CA ASP A 435 19.45 20.13 -16.54
C ASP A 435 18.38 20.48 -17.57
N ASN A 436 17.53 19.52 -17.92
CA ASN A 436 16.49 19.76 -18.90
C ASN A 436 15.49 20.78 -18.37
N TRP A 437 14.97 20.57 -17.15
CA TRP A 437 13.97 21.51 -16.64
C TRP A 437 14.58 22.83 -16.20
N ARG A 438 15.89 22.87 -15.98
CA ARG A 438 16.52 24.13 -15.59
C ARG A 438 16.40 25.18 -16.68
N SER A 439 16.25 24.76 -17.93
CA SER A 439 16.03 25.70 -19.02
C SER A 439 14.65 26.35 -18.99
N GLU A 440 13.73 25.82 -18.19
CA GLU A 440 12.35 26.30 -18.15
C GLU A 440 12.00 27.06 -16.90
N LEU A 441 12.53 26.64 -15.74
CA LEU A 441 12.27 27.32 -14.48
C LEU A 441 13.27 28.44 -14.21
N TYR A 442 14.06 28.84 -15.21
CA TYR A 442 15.13 29.81 -14.98
C TYR A 442 14.58 31.17 -14.54
N LYS A 443 13.34 31.49 -14.90
CA LYS A 443 12.82 32.83 -14.72
C LYS A 443 12.33 33.12 -13.30
N TYR A 444 12.18 32.09 -12.46
CA TYR A 444 11.36 32.18 -11.26
C TYR A 444 12.18 31.97 -9.99
N LYS A 445 11.75 32.65 -8.93
CA LYS A 445 12.24 32.42 -7.58
C LYS A 445 11.10 32.67 -6.61
N VAL A 446 11.12 31.96 -5.48
CA VAL A 446 10.07 32.06 -4.46
C VAL A 446 10.60 32.89 -3.30
N VAL A 447 9.77 33.82 -2.82
CA VAL A 447 10.08 34.64 -1.67
C VAL A 447 8.97 34.47 -0.64
N LYS A 448 9.36 34.52 0.63
CA LYS A 448 8.41 34.61 1.73
C LYS A 448 8.07 36.07 2.00
N ILE A 449 6.85 36.29 2.46
CA ILE A 449 6.41 37.63 2.86
C ILE A 449 6.56 37.75 4.36
N GLU A 450 7.27 38.79 4.80
CA GLU A 450 7.53 39.07 6.21
C GLU A 450 6.77 40.35 6.56
N PRO A 451 5.47 40.26 6.84
CA PRO A 451 4.61 41.45 6.80
C PRO A 451 4.66 42.32 8.05
N LEU A 452 5.54 42.03 9.01
CA LEU A 452 5.60 42.77 10.28
C LEU A 452 6.87 43.60 10.28
N GLY A 453 6.72 44.92 10.44
CA GLY A 453 7.85 45.81 10.51
C GLY A 453 7.72 46.79 11.66
N VAL A 454 8.83 47.44 11.97
CA VAL A 454 8.95 48.35 13.10
C VAL A 454 9.64 49.62 12.61
N ALA A 455 9.17 50.77 13.07
CA ALA A 455 9.64 52.04 12.54
C ALA A 455 9.57 53.12 13.62
N PRO A 456 10.32 54.21 13.48
CA PRO A 456 10.13 55.38 14.36
C PRO A 456 9.03 56.28 13.82
N THR A 457 8.25 56.87 14.73
CA THR A 457 7.04 57.60 14.38
C THR A 457 6.86 58.76 15.36
N ARG A 458 6.01 59.72 14.99
CA ARG A 458 5.80 60.94 15.75
C ARG A 458 4.67 60.86 16.77
N CYS A 459 4.00 59.72 16.93
CA CYS A 459 2.87 59.58 17.83
C CYS A 459 3.20 58.61 18.96
N LYS A 460 2.62 58.88 20.13
CA LYS A 460 2.71 58.03 21.30
C LYS A 460 1.33 57.49 21.63
N ARG A 461 1.33 56.28 22.20
CA ARG A 461 0.08 55.67 22.66
C ARG A 461 -0.59 56.55 23.71
N ARG A 462 -1.90 56.76 23.55
CA ARG A 462 -2.62 57.70 24.41
C ARG A 462 -3.07 57.04 25.71
N VAL A 463 -2.13 56.46 26.45
CA VAL A 463 -2.45 55.87 27.74
C VAL A 463 -2.74 56.99 28.75
N LEU B 9 -3.19 48.25 -7.16
CA LEU B 9 -1.82 47.93 -7.53
C LEU B 9 -1.45 46.48 -7.25
N GLY B 10 -2.26 45.74 -6.50
CA GLY B 10 -2.03 44.32 -6.32
C GLY B 10 -1.25 43.99 -5.04
N PHE B 11 -0.77 42.75 -5.02
CA PHE B 11 -0.21 42.14 -3.81
C PHE B 11 0.99 42.91 -3.29
N LEU B 12 2.09 42.92 -4.05
CA LEU B 12 3.28 43.68 -3.70
C LEU B 12 3.38 44.98 -4.48
N GLY B 13 2.25 45.57 -4.83
CA GLY B 13 2.24 46.74 -5.70
C GLY B 13 2.99 47.93 -5.16
N ALA B 14 3.09 48.04 -3.83
CA ALA B 14 3.81 49.13 -3.18
C ALA B 14 5.24 48.74 -2.82
N ALA B 15 5.70 47.55 -3.21
CA ALA B 15 7.10 47.20 -3.01
C ALA B 15 7.98 48.10 -3.88
N GLY B 16 8.93 48.78 -3.26
CA GLY B 16 9.73 49.78 -3.92
C GLY B 16 9.17 51.19 -3.88
N SER B 17 7.88 51.36 -3.57
CA SER B 17 7.35 52.69 -3.32
C SER B 17 7.95 53.23 -2.03
N THR B 18 7.85 54.54 -1.84
CA THR B 18 8.43 55.16 -0.66
C THR B 18 7.79 54.59 0.60
N MET B 19 8.54 54.64 1.71
CA MET B 19 8.01 54.13 2.96
C MET B 19 6.74 54.87 3.37
N GLY B 20 6.65 56.16 3.07
CA GLY B 20 5.41 56.87 3.26
C GLY B 20 4.32 56.35 2.34
N ALA B 21 4.64 56.17 1.06
CA ALA B 21 3.66 55.67 0.11
C ALA B 21 3.37 54.19 0.30
N ALA B 22 4.29 53.45 0.92
CA ALA B 22 4.09 52.03 1.19
C ALA B 22 3.44 51.76 2.54
N SER B 23 3.43 52.74 3.44
CA SER B 23 2.82 52.57 4.76
C SER B 23 1.31 52.62 4.71
N MET B 24 0.73 53.08 3.62
CA MET B 24 -0.69 52.92 3.34
C MET B 24 -0.87 51.74 2.40
N THR B 25 -2.13 51.40 2.12
CA THR B 25 -2.47 50.22 1.33
C THR B 25 -1.89 48.95 1.95
N LEU B 26 -1.85 48.89 3.28
CA LEU B 26 -1.35 47.71 3.96
C LEU B 26 -2.37 46.58 3.94
N THR B 27 -3.66 46.90 3.86
CA THR B 27 -4.69 45.88 3.97
C THR B 27 -4.62 44.88 2.83
N VAL B 28 -4.36 45.35 1.60
CA VAL B 28 -4.29 44.45 0.47
C VAL B 28 -3.18 43.42 0.62
N GLN B 29 -2.12 43.76 1.35
CA GLN B 29 -1.06 42.80 1.64
C GLN B 29 -1.38 41.97 2.88
N ALA B 30 -2.22 42.49 3.78
CA ALA B 30 -2.66 41.73 4.94
C ALA B 30 -3.71 40.71 4.57
N ARG B 31 -4.47 40.97 3.51
CA ARG B 31 -5.62 40.13 3.15
C ARG B 31 -5.22 38.86 2.40
N ASN B 32 -3.98 38.76 1.92
CA ASN B 32 -3.55 37.63 1.11
C ASN B 32 -2.92 36.51 1.93
N LEU B 33 -2.55 36.79 3.18
CA LEU B 33 -1.76 35.83 3.96
C LEU B 33 -2.53 34.56 4.32
N LEU B 34 -3.84 34.52 4.11
CA LEU B 34 -4.68 33.36 4.43
C LEU B 34 -5.38 32.87 3.17
N SER B 35 -5.05 31.66 2.74
CA SER B 35 -5.74 31.00 1.63
C SER B 35 -5.28 29.54 1.60
N GLY B 36 -5.92 28.76 0.74
CA GLY B 36 -5.60 27.34 0.69
C GLY B 36 -6.21 26.51 -0.42
N THR B 37 -5.44 25.54 -0.93
CA THR B 37 -5.93 24.53 -1.86
C THR B 37 -4.85 23.45 -1.99
N VAL B 38 -5.28 22.18 -1.95
CA VAL B 38 -4.38 21.07 -1.62
C VAL B 38 -4.54 19.92 -2.62
N TRP B 39 -3.41 19.29 -2.94
CA TRP B 39 -3.37 17.87 -3.29
C TRP B 39 -2.40 17.18 -2.34
N GLY B 40 -2.83 16.04 -1.79
CA GLY B 40 -1.95 15.22 -0.99
C GLY B 40 -1.74 15.76 0.40
N ILE B 41 -0.89 15.05 1.15
CA ILE B 41 -0.60 15.43 2.53
C ILE B 41 0.43 16.56 2.57
N LYS B 42 1.37 16.57 1.63
CA LYS B 42 2.51 17.48 1.74
C LYS B 42 2.12 18.93 1.48
N GLN B 43 0.94 19.16 0.89
CA GLN B 43 0.42 20.53 0.76
C GLN B 43 -0.53 20.89 1.89
N LEU B 44 -1.21 19.90 2.47
CA LEU B 44 -1.93 20.14 3.70
C LEU B 44 -0.98 20.61 4.79
N GLN B 45 0.25 20.07 4.79
CA GLN B 45 1.30 20.58 5.65
C GLN B 45 1.50 22.07 5.45
N ALA B 46 1.61 22.52 4.20
CA ALA B 46 1.84 23.93 3.93
C ALA B 46 0.66 24.77 4.38
N ARG B 47 -0.56 24.25 4.21
CA ARG B 47 -1.74 24.99 4.62
C ARG B 47 -1.75 25.25 6.13
N VAL B 48 -1.60 24.19 6.92
CA VAL B 48 -1.62 24.39 8.36
C VAL B 48 -0.41 25.20 8.80
N LEU B 49 0.70 25.09 8.09
CA LEU B 49 1.87 25.92 8.39
C LEU B 49 1.54 27.40 8.21
N ALA B 50 0.87 27.75 7.12
CA ALA B 50 0.51 29.15 6.89
C ALA B 50 -0.46 29.66 7.93
N VAL B 51 -1.45 28.83 8.30
CA VAL B 51 -2.40 29.23 9.34
C VAL B 51 -1.64 29.48 10.64
N GLU B 52 -0.68 28.60 10.95
CA GLU B 52 0.13 28.76 12.16
C GLU B 52 0.92 30.06 12.11
N ARG B 53 1.53 30.38 10.97
CA ARG B 53 2.31 31.62 10.86
C ARG B 53 1.43 32.84 11.09
N TYR B 54 0.24 32.86 10.49
CA TYR B 54 -0.67 33.98 10.68
C TYR B 54 -1.04 34.12 12.15
N LEU B 55 -1.37 33.02 12.81
CA LEU B 55 -1.76 33.11 14.21
C LEU B 55 -0.60 33.51 15.09
N ARG B 56 0.62 33.07 14.77
CA ARG B 56 1.78 33.48 15.55
C ARG B 56 1.99 34.99 15.47
N ASP B 57 1.92 35.55 14.27
CA ASP B 57 2.08 36.99 14.14
C ASP B 57 0.95 37.75 14.81
N GLN B 58 -0.29 37.25 14.73
CA GLN B 58 -1.39 37.91 15.40
C GLN B 58 -1.21 37.90 16.91
N GLN B 59 -0.78 36.76 17.45
CA GLN B 59 -0.54 36.65 18.89
C GLN B 59 0.57 37.59 19.32
N LEU B 60 1.61 37.71 18.51
CA LEU B 60 2.69 38.65 18.82
C LEU B 60 2.17 40.08 18.85
N LEU B 61 1.33 40.45 17.88
CA LEU B 61 0.75 41.79 17.88
C LEU B 61 -0.11 42.02 19.12
N GLY B 62 -0.90 41.02 19.50
CA GLY B 62 -1.74 41.17 20.68
C GLY B 62 -0.94 41.31 21.96
N ILE B 63 0.18 40.59 22.06
CA ILE B 63 1.03 40.67 23.24
C ILE B 63 1.62 42.08 23.39
N TRP B 64 1.78 42.80 22.28
CA TRP B 64 2.21 44.19 22.29
C TRP B 64 1.06 45.18 22.47
N GLY B 65 -0.19 44.71 22.50
CA GLY B 65 -1.31 45.62 22.64
C GLY B 65 -1.80 46.26 21.36
N CYS B 66 -1.32 45.79 20.20
CA CYS B 66 -1.74 46.30 18.90
C CYS B 66 -2.82 45.44 18.25
N SER B 67 -3.71 44.85 19.06
CA SER B 67 -4.85 44.13 18.50
C SER B 67 -5.76 45.11 17.77
N GLY B 68 -6.55 44.57 16.84
CA GLY B 68 -7.16 45.45 15.86
C GLY B 68 -6.10 46.10 15.02
N LYS B 69 -5.19 45.29 14.46
CA LYS B 69 -3.91 45.75 13.98
C LYS B 69 -4.05 46.67 12.77
N LEU B 70 -2.88 47.10 12.30
CA LEU B 70 -2.54 47.54 10.94
C LEU B 70 -1.44 48.58 11.09
N ILE B 71 -1.72 49.62 11.87
CA ILE B 71 -0.74 50.60 12.31
C ILE B 71 -1.01 50.86 13.79
N CYS B 72 0.06 50.90 14.59
CA CYS B 72 -0.09 50.97 16.03
C CYS B 72 1.20 51.53 16.63
N CYS B 73 1.19 52.81 17.00
CA CYS B 73 2.35 53.39 17.67
C CYS B 73 2.24 53.21 19.18
N THR B 74 3.39 53.30 19.83
CA THR B 74 3.61 52.70 21.14
C THR B 74 4.41 53.65 22.02
N ASN B 75 4.98 53.14 23.11
CA ASN B 75 5.75 53.95 24.06
C ASN B 75 7.20 53.55 24.23
N VAL B 76 7.64 52.40 23.72
CA VAL B 76 9.01 51.93 23.97
C VAL B 76 9.97 52.86 23.24
N PRO B 77 10.71 53.74 23.92
CA PRO B 77 11.36 54.86 23.22
C PRO B 77 12.42 54.39 22.25
N TRP B 78 12.56 55.17 21.17
CA TRP B 78 13.53 54.89 20.12
C TRP B 78 14.91 55.24 20.63
N ASN B 79 15.64 54.24 21.12
CA ASN B 79 17.03 54.42 21.49
C ASN B 79 17.82 54.79 20.23
N SER B 80 18.70 55.79 20.35
CA SER B 80 19.40 56.30 19.17
C SER B 80 20.34 55.27 18.59
N SER B 81 20.78 54.28 19.38
CA SER B 81 21.72 53.27 18.91
C SER B 81 21.08 52.25 17.97
N TRP B 82 19.78 52.38 17.70
CA TRP B 82 19.09 51.50 16.76
C TRP B 82 19.15 51.98 15.32
N SER B 83 19.04 53.29 15.08
CA SER B 83 19.05 53.85 13.73
C SER B 83 20.21 54.80 13.49
N ASN B 84 20.33 55.83 14.33
CA ASN B 84 21.30 56.91 14.11
C ASN B 84 21.15 57.51 12.72
N ARG B 85 19.92 57.74 12.29
CA ARG B 85 19.63 58.24 10.95
C ARG B 85 18.51 59.28 11.00
N ASN B 86 18.47 60.11 9.95
CA ASN B 86 17.59 61.28 9.94
C ASN B 86 16.19 60.90 9.51
N LEU B 87 15.19 61.55 10.12
CA LEU B 87 13.80 61.14 9.97
C LEU B 87 13.30 61.33 8.53
N SER B 88 13.68 62.44 7.90
CA SER B 88 13.23 62.70 6.53
C SER B 88 13.84 61.69 5.56
N GLU B 89 15.16 61.48 5.66
CA GLU B 89 15.85 60.56 4.75
C GLU B 89 15.39 59.12 4.93
N ILE B 90 14.83 58.77 6.08
CA ILE B 90 14.32 57.41 6.28
C ILE B 90 12.85 57.29 5.87
N TRP B 91 12.04 58.35 6.01
CA TRP B 91 10.62 58.23 5.69
C TRP B 91 10.27 58.68 4.29
N ASP B 92 10.78 59.81 3.83
CA ASP B 92 10.34 60.35 2.55
C ASP B 92 10.89 59.56 1.38
N ASN B 93 12.17 59.13 1.45
CA ASN B 93 12.85 58.55 0.29
C ASN B 93 13.68 57.31 0.65
N MET B 94 13.16 56.44 1.49
CA MET B 94 13.63 55.06 1.66
C MET B 94 12.44 54.13 1.47
N THR B 95 12.72 52.88 1.11
CA THR B 95 11.69 51.90 0.85
C THR B 95 11.77 50.81 1.91
N TRP B 96 10.63 50.18 2.20
CA TRP B 96 10.54 49.26 3.32
C TRP B 96 11.47 48.06 3.12
N LEU B 97 11.55 47.56 1.89
CA LEU B 97 12.35 46.37 1.62
C LEU B 97 13.82 46.62 1.90
N GLN B 98 14.33 47.80 1.57
CA GLN B 98 15.70 48.20 1.88
C GLN B 98 15.81 48.96 3.20
N TRP B 99 14.69 49.23 3.87
CA TRP B 99 14.76 49.63 5.28
C TRP B 99 15.04 48.43 6.16
N ASP B 100 14.59 47.24 5.75
CA ASP B 100 14.85 46.03 6.52
C ASP B 100 16.35 45.76 6.62
N LYS B 101 17.09 46.04 5.54
CA LYS B 101 18.53 45.82 5.53
C LYS B 101 19.29 46.95 6.21
N GLU B 102 18.59 47.79 6.98
CA GLU B 102 19.19 48.77 7.86
C GLU B 102 18.78 48.62 9.33
N ILE B 103 17.78 47.79 9.63
CA ILE B 103 17.27 47.67 11.00
C ILE B 103 17.06 46.21 11.39
N SER B 104 17.33 45.27 10.48
CA SER B 104 17.13 43.85 10.78
C SER B 104 17.97 43.37 11.96
N ASN B 105 19.06 44.07 12.28
CA ASN B 105 19.92 43.63 13.37
C ASN B 105 19.23 43.79 14.72
N TYR B 106 18.30 44.74 14.86
CA TYR B 106 17.86 45.24 16.15
C TYR B 106 16.38 45.06 16.46
N THR B 107 15.59 44.45 15.57
CA THR B 107 14.18 44.24 15.86
C THR B 107 13.99 43.23 16.99
N GLN B 108 14.75 42.13 16.96
CA GLN B 108 14.62 41.07 17.95
C GLN B 108 14.87 41.56 19.36
N ILE B 109 15.71 42.57 19.53
CA ILE B 109 15.87 43.19 20.84
C ILE B 109 14.60 43.96 21.22
N ILE B 110 14.03 44.70 20.25
CA ILE B 110 12.94 45.62 20.56
C ILE B 110 11.69 44.86 20.96
N TYR B 111 11.49 43.66 20.42
CA TYR B 111 10.22 42.94 20.67
C TYR B 111 10.00 42.66 22.15
N GLY B 112 11.03 42.27 22.89
CA GLY B 112 10.85 41.96 24.30
C GLY B 112 10.49 43.17 25.14
N LEU B 113 11.18 44.29 24.90
CA LEU B 113 10.80 45.55 25.52
C LEU B 113 9.36 45.89 25.17
N LEU B 114 8.96 45.62 23.93
CA LEU B 114 7.65 46.01 23.45
C LEU B 114 6.56 45.14 24.06
N GLU B 115 6.92 43.95 24.55
CA GLU B 115 6.00 43.15 25.36
C GLU B 115 5.92 43.67 26.79
N GLU B 116 7.08 43.89 27.41
CA GLU B 116 7.05 44.26 28.82
C GLU B 116 6.45 45.64 29.04
N SER B 117 6.49 46.51 28.04
CA SER B 117 5.79 47.79 28.16
C SER B 117 4.29 47.60 28.20
N GLN B 118 3.75 46.67 27.41
CA GLN B 118 2.34 46.33 27.49
C GLN B 118 2.01 45.82 28.88
N ASN B 119 2.86 44.97 29.45
CA ASN B 119 2.61 44.51 30.82
C ASN B 119 2.59 45.69 31.79
N GLN B 120 3.55 46.60 31.65
CA GLN B 120 3.70 47.76 32.52
C GLN B 120 2.53 48.72 32.43
N GLN B 121 1.83 48.81 31.30
CA GLN B 121 0.63 49.65 31.20
C GLN B 121 -0.65 48.91 31.58
N GLU B 122 -0.70 47.60 31.37
CA GLU B 122 -1.86 46.84 31.82
C GLU B 122 -1.89 46.76 33.35
N LYS B 123 -0.72 46.85 34.00
CA LYS B 123 -0.71 47.02 35.45
C LYS B 123 -1.47 48.26 35.87
N ASN B 124 -1.28 49.38 35.17
CA ASN B 124 -2.03 50.59 35.48
C ASN B 124 -3.51 50.43 35.15
N GLU B 125 -3.81 49.78 34.03
CA GLU B 125 -5.21 49.48 33.68
C GLU B 125 -5.91 48.73 34.82
N GLN B 126 -5.19 47.85 35.49
CA GLN B 126 -5.66 47.21 36.72
C GLN B 126 -5.83 48.21 37.86
N ASP B 127 -4.73 48.87 38.25
CA ASP B 127 -4.71 49.62 39.50
C ASP B 127 -5.63 50.82 39.46
N LEU B 128 -5.49 51.69 38.45
CA LEU B 128 -6.24 52.94 38.43
C LEU B 128 -7.74 52.67 38.33
N LEU B 129 -8.13 51.67 37.53
CA LEU B 129 -9.53 51.31 37.47
C LEU B 129 -10.03 50.78 38.81
N ALA B 130 -9.20 50.01 39.52
CA ALA B 130 -9.60 49.53 40.85
C ALA B 130 -9.80 50.70 41.81
N LEU B 131 -8.90 51.68 41.79
CA LEU B 131 -8.99 52.79 42.74
C LEU B 131 -10.19 53.68 42.45
N ASP B 132 -10.52 53.88 41.18
CA ASP B 132 -11.63 54.75 40.80
C ASP B 132 -12.96 54.22 41.32
N GLU C 1 15.37 2.57 -73.19
CA GLU C 1 13.92 2.46 -72.87
C GLU C 1 13.72 1.48 -71.72
N VAL C 2 12.47 1.27 -71.32
CA VAL C 2 12.11 0.47 -70.15
C VAL C 2 11.25 -0.69 -70.62
N GLN C 3 11.64 -1.90 -70.25
CA GLN C 3 10.99 -3.11 -70.73
C GLN C 3 11.19 -4.25 -69.73
N LEU C 4 10.18 -5.12 -69.64
CA LEU C 4 10.16 -6.24 -68.70
C LEU C 4 9.71 -7.51 -69.42
N VAL C 5 10.36 -7.78 -70.56
CA VAL C 5 10.06 -8.92 -71.43
C VAL C 5 10.01 -10.24 -70.66
N GLN C 6 8.85 -10.89 -70.69
CA GLN C 6 8.66 -12.16 -70.00
C GLN C 6 9.16 -13.31 -70.87
N SER C 7 9.04 -14.52 -70.32
CA SER C 7 9.38 -15.75 -71.03
C SER C 7 8.36 -16.07 -72.10
N GLY C 8 8.51 -17.21 -72.76
CA GLY C 8 7.46 -17.75 -73.60
C GLY C 8 6.42 -18.51 -72.78
N ALA C 9 5.28 -18.76 -73.42
CA ALA C 9 4.18 -19.43 -72.75
C ALA C 9 4.41 -20.93 -72.65
N GLU C 10 3.99 -21.51 -71.54
CA GLU C 10 4.08 -22.95 -71.31
C GLU C 10 2.91 -23.34 -70.41
N MET C 11 2.41 -24.57 -70.60
CA MET C 11 1.17 -24.98 -69.98
C MET C 11 1.25 -26.43 -69.53
N LYS C 12 0.60 -26.72 -68.40
CA LYS C 12 0.37 -28.07 -67.91
C LYS C 12 -1.12 -28.22 -67.62
N ASN C 13 -1.51 -29.42 -67.20
CA ASN C 13 -2.93 -29.73 -66.98
C ASN C 13 -3.38 -29.27 -65.60
N PRO C 14 -4.70 -29.20 -65.36
CA PRO C 14 -5.19 -28.81 -64.04
C PRO C 14 -4.70 -29.76 -62.94
N GLY C 15 -4.47 -29.19 -61.76
CA GLY C 15 -3.89 -29.90 -60.65
C GLY C 15 -2.39 -29.83 -60.56
N ALA C 16 -1.71 -29.50 -61.66
CA ALA C 16 -0.26 -29.34 -61.69
C ALA C 16 0.10 -27.89 -61.42
N SER C 17 1.36 -27.52 -61.65
CA SER C 17 1.84 -26.15 -61.50
C SER C 17 2.56 -25.71 -62.77
N VAL C 18 2.77 -24.40 -62.90
CA VAL C 18 3.40 -23.82 -64.08
C VAL C 18 4.30 -22.67 -63.66
N LYS C 19 5.05 -22.13 -64.65
CA LYS C 19 6.04 -21.09 -64.44
C LYS C 19 5.92 -20.00 -65.50
N VAL C 20 6.16 -18.77 -65.08
CA VAL C 20 6.42 -17.64 -65.97
C VAL C 20 7.51 -16.79 -65.32
N SER C 21 8.48 -16.36 -66.13
CA SER C 21 9.59 -15.54 -65.67
C SER C 21 9.48 -14.13 -66.23
N CYS C 22 9.97 -13.16 -65.48
CA CYS C 22 9.84 -11.73 -65.78
C CYS C 22 11.21 -11.08 -65.86
N ALA C 23 11.69 -10.80 -67.07
CA ALA C 23 13.00 -10.19 -67.25
C ALA C 23 12.88 -8.67 -67.07
N ALA C 24 13.97 -7.95 -67.35
CA ALA C 24 13.99 -6.50 -67.24
C ALA C 24 15.14 -5.95 -68.08
N SER C 25 14.92 -4.78 -68.66
CA SER C 25 15.95 -4.07 -69.39
C SER C 25 15.40 -2.71 -69.83
N GLY C 26 16.29 -1.73 -70.01
CA GLY C 26 17.70 -1.63 -69.67
C GLY C 26 17.91 -1.02 -68.29
N TYR C 27 16.88 -0.35 -67.77
CA TYR C 27 16.92 0.26 -66.45
C TYR C 27 17.25 -0.78 -65.38
N GLY C 28 17.65 -0.29 -64.21
CA GLY C 28 18.08 -1.20 -63.15
C GLY C 28 16.93 -2.05 -62.67
N PHE C 29 17.27 -3.20 -62.08
CA PHE C 29 16.26 -4.14 -61.61
C PHE C 29 15.87 -3.88 -60.17
N THR C 30 16.84 -3.69 -59.30
CA THR C 30 16.64 -3.66 -57.87
C THR C 30 15.87 -2.38 -57.39
N ASP C 31 15.55 -1.44 -58.27
CA ASP C 31 15.13 -0.10 -57.87
C ASP C 31 13.61 0.12 -57.88
N PHE C 32 12.84 -0.75 -58.53
CA PHE C 32 11.39 -0.67 -58.56
C PHE C 32 10.80 -1.99 -58.09
N TYR C 33 9.61 -1.92 -57.49
CA TYR C 33 8.87 -3.12 -57.18
C TYR C 33 8.48 -3.83 -58.46
N ILE C 34 8.39 -5.16 -58.40
CA ILE C 34 7.90 -5.98 -59.50
C ILE C 34 6.55 -6.56 -59.09
N HIS C 35 5.53 -6.26 -59.89
CA HIS C 35 4.15 -6.67 -59.63
C HIS C 35 3.72 -7.72 -60.64
N TRP C 36 2.86 -8.64 -60.18
CA TRP C 36 2.27 -9.67 -61.02
C TRP C 36 0.75 -9.48 -61.00
N VAL C 37 0.14 -9.44 -62.18
CA VAL C 37 -1.31 -9.33 -62.31
C VAL C 37 -1.80 -10.38 -63.30
N ARG C 38 -3.07 -10.72 -63.21
CA ARG C 38 -3.70 -11.74 -64.03
C ARG C 38 -4.96 -11.18 -64.68
N LEU C 39 -5.21 -11.60 -65.92
CA LEU C 39 -6.32 -11.11 -66.73
C LEU C 39 -7.01 -12.30 -67.39
N ALA C 40 -8.04 -12.83 -66.72
CA ALA C 40 -8.64 -14.10 -67.14
C ALA C 40 -9.39 -13.95 -68.46
N PRO C 41 -9.64 -15.06 -69.17
CA PRO C 41 -10.10 -14.94 -70.56
C PRO C 41 -11.51 -14.39 -70.72
N GLY C 42 -12.37 -14.56 -69.73
CA GLY C 42 -13.73 -14.04 -69.77
C GLY C 42 -14.04 -13.25 -68.52
N HIS C 43 -13.06 -12.48 -68.05
CA HIS C 43 -13.12 -11.79 -66.77
C HIS C 43 -12.37 -10.46 -66.92
N GLY C 44 -12.44 -9.64 -65.87
CA GLY C 44 -11.58 -8.49 -65.75
C GLY C 44 -10.18 -8.91 -65.36
N LEU C 45 -9.54 -8.15 -64.47
CA LEU C 45 -8.14 -8.31 -64.13
C LEU C 45 -8.00 -8.57 -62.64
N GLN C 46 -6.86 -9.17 -62.27
CA GLN C 46 -6.61 -9.62 -60.91
C GLN C 46 -5.21 -9.20 -60.50
N TRP C 47 -4.88 -9.44 -59.24
CA TRP C 47 -3.56 -9.11 -58.69
C TRP C 47 -2.99 -10.32 -57.96
N MET C 48 -1.74 -10.65 -58.27
CA MET C 48 -1.08 -11.78 -57.65
C MET C 48 -0.32 -11.37 -56.40
N GLY C 49 0.65 -10.47 -56.54
CA GLY C 49 1.45 -10.06 -55.41
C GLY C 49 2.49 -9.08 -55.89
N TRP C 50 3.16 -8.47 -54.91
CA TRP C 50 4.27 -7.56 -55.17
C TRP C 50 5.56 -8.19 -54.70
N MET C 51 6.62 -7.94 -55.45
CA MET C 51 7.96 -8.44 -55.16
C MET C 51 8.85 -7.26 -54.81
N ASN C 52 9.58 -7.37 -53.71
CA ASN C 52 10.67 -6.47 -53.39
C ASN C 52 11.93 -7.08 -53.97
N PRO C 53 12.38 -6.66 -55.16
CA PRO C 53 13.54 -7.33 -55.78
C PRO C 53 14.84 -7.15 -55.02
N LYS C 54 14.93 -6.21 -54.09
CA LYS C 54 16.18 -6.02 -53.34
C LYS C 54 16.31 -7.06 -52.23
N THR C 55 15.40 -7.02 -51.26
CA THR C 55 15.49 -7.87 -50.09
C THR C 55 14.72 -9.18 -50.21
N GLY C 56 13.86 -9.32 -51.23
CA GLY C 56 13.09 -10.53 -51.39
C GLY C 56 11.82 -10.59 -50.58
N ARG C 57 11.52 -9.55 -49.80
CA ARG C 57 10.25 -9.51 -49.08
C ARG C 57 9.11 -9.50 -50.09
N THR C 58 8.00 -10.15 -49.74
CA THR C 58 6.87 -10.25 -50.66
C THR C 58 5.57 -10.31 -49.86
N ASN C 59 4.49 -9.93 -50.54
CA ASN C 59 3.14 -10.16 -50.07
C ASN C 59 2.27 -10.49 -51.26
N ASN C 60 1.27 -11.32 -51.02
CA ASN C 60 0.49 -11.93 -52.09
C ASN C 60 -0.99 -11.82 -51.76
N ALA C 61 -1.81 -11.84 -52.81
CA ALA C 61 -3.25 -11.83 -52.62
C ALA C 61 -3.66 -13.05 -51.82
N GLN C 62 -4.52 -12.84 -50.82
CA GLN C 62 -4.91 -13.92 -49.91
C GLN C 62 -5.55 -15.09 -50.65
N ASP C 63 -6.19 -14.84 -51.78
CA ASP C 63 -6.70 -15.92 -52.62
C ASP C 63 -5.59 -16.84 -53.15
N PHE C 64 -4.38 -16.32 -53.32
CA PHE C 64 -3.20 -17.14 -53.63
C PHE C 64 -2.23 -17.20 -52.45
N GLN C 65 -2.73 -17.40 -51.24
CA GLN C 65 -1.88 -17.33 -50.04
C GLN C 65 -0.74 -18.35 -50.09
N GLY C 66 -1.07 -19.63 -50.30
CA GLY C 66 -0.08 -20.68 -50.36
C GLY C 66 0.21 -21.17 -51.76
N ARG C 67 -0.65 -20.81 -52.71
CA ARG C 67 -0.53 -21.33 -54.07
C ARG C 67 0.59 -20.69 -54.86
N VAL C 68 1.06 -19.50 -54.46
CA VAL C 68 2.02 -18.73 -55.25
C VAL C 68 3.13 -18.24 -54.34
N THR C 69 4.38 -18.44 -54.78
CA THR C 69 5.57 -17.95 -54.10
C THR C 69 6.45 -17.24 -55.11
N LEU C 70 6.90 -16.04 -54.77
CA LEU C 70 7.60 -15.15 -55.68
C LEU C 70 9.08 -15.08 -55.31
N THR C 71 9.93 -15.02 -56.32
CA THR C 71 11.38 -15.04 -56.13
C THR C 71 12.03 -14.26 -57.26
N ARG C 72 13.34 -14.01 -57.13
CA ARG C 72 14.06 -13.24 -58.13
C ARG C 72 15.54 -13.59 -58.12
N ASP C 73 16.20 -13.21 -59.21
CA ASP C 73 17.65 -13.29 -59.34
C ASP C 73 18.15 -11.95 -59.86
N THR C 74 18.84 -11.20 -59.00
CA THR C 74 19.21 -9.83 -59.34
C THR C 74 20.32 -9.75 -60.37
N SER C 75 21.27 -10.69 -60.36
CA SER C 75 22.34 -10.67 -61.35
C SER C 75 21.81 -10.84 -62.76
N ILE C 76 20.89 -11.78 -62.98
CA ILE C 76 20.26 -11.93 -64.29
C ILE C 76 19.33 -10.76 -64.55
N GLY C 77 18.51 -10.41 -63.56
CA GLY C 77 17.45 -9.43 -63.74
C GLY C 77 16.12 -10.08 -64.09
N THR C 78 15.77 -11.14 -63.37
CA THR C 78 14.61 -11.97 -63.68
C THR C 78 13.86 -12.29 -62.40
N ALA C 79 12.53 -12.43 -62.52
CA ALA C 79 11.67 -12.77 -61.39
C ALA C 79 10.70 -13.87 -61.81
N TYR C 80 10.37 -14.74 -60.84
CA TYR C 80 9.67 -15.99 -61.09
C TYR C 80 8.37 -16.02 -60.28
N MET C 81 7.31 -16.51 -60.91
CA MET C 81 6.03 -16.74 -60.26
C MET C 81 5.61 -18.16 -60.61
N GLU C 82 5.22 -18.95 -59.60
CA GLU C 82 4.82 -20.33 -59.78
C GLU C 82 3.46 -20.53 -59.13
N LEU C 83 2.44 -20.77 -59.96
CA LEU C 83 1.09 -20.99 -59.49
C LEU C 83 0.84 -22.49 -59.39
N ARG C 84 0.41 -22.93 -58.21
CA ARG C 84 0.20 -24.34 -57.90
C ARG C 84 -1.28 -24.63 -57.74
N ARG C 85 -1.62 -25.93 -57.78
CA ARG C 85 -2.99 -26.40 -57.59
C ARG C 85 -3.92 -25.77 -58.63
N LEU C 86 -3.61 -26.00 -59.90
CA LEU C 86 -4.25 -25.25 -60.98
C LEU C 86 -5.69 -25.69 -61.20
N THR C 87 -6.44 -24.83 -61.88
CA THR C 87 -7.76 -25.14 -62.37
C THR C 87 -7.92 -24.50 -63.74
N SER C 88 -9.01 -24.84 -64.42
CA SER C 88 -9.32 -24.18 -65.68
C SER C 88 -9.55 -22.69 -65.48
N ASP C 89 -10.08 -22.30 -64.32
CA ASP C 89 -10.31 -20.89 -64.00
C ASP C 89 -9.01 -20.10 -63.90
N ASP C 90 -7.87 -20.77 -63.75
CA ASP C 90 -6.57 -20.11 -63.74
C ASP C 90 -6.00 -19.90 -65.14
N THR C 91 -6.84 -19.86 -66.17
CA THR C 91 -6.41 -19.37 -67.48
C THR C 91 -6.36 -17.85 -67.47
N ALA C 92 -5.41 -17.28 -68.20
CA ALA C 92 -5.28 -15.84 -68.36
C ALA C 92 -4.14 -15.53 -69.31
N VAL C 93 -4.06 -14.27 -69.70
CA VAL C 93 -2.85 -13.71 -70.31
C VAL C 93 -2.07 -13.08 -69.17
N TYR C 94 -0.95 -13.69 -68.79
CA TYR C 94 -0.27 -13.34 -67.55
C TYR C 94 0.67 -12.17 -67.83
N TYR C 95 0.57 -11.13 -67.00
CA TYR C 95 1.39 -9.93 -67.17
C TYR C 95 2.22 -9.67 -65.92
N CYS C 96 3.38 -9.05 -66.15
CA CYS C 96 4.34 -8.69 -65.12
C CYS C 96 4.76 -7.24 -65.29
N VAL C 97 4.95 -6.54 -64.17
CA VAL C 97 4.96 -5.08 -64.16
C VAL C 97 6.01 -4.56 -63.19
N THR C 98 6.69 -3.49 -63.58
CA THR C 98 7.46 -2.69 -62.63
C THR C 98 6.52 -1.74 -61.89
N GLY C 99 6.46 -1.88 -60.58
CA GLY C 99 5.69 -0.97 -59.73
C GLY C 99 6.47 0.30 -59.46
N GLY C 100 6.28 0.83 -58.26
CA GLY C 100 6.87 2.10 -57.92
C GLY C 100 8.28 1.97 -57.38
N TRP C 101 8.95 3.11 -57.33
CA TRP C 101 10.31 3.20 -56.83
C TRP C 101 10.36 2.74 -55.37
N ILE C 102 11.54 2.28 -54.95
CA ILE C 102 11.74 1.71 -53.62
C ILE C 102 12.54 2.72 -52.82
N SER C 103 11.96 3.18 -51.68
CA SER C 103 12.66 4.03 -50.74
C SER C 103 12.94 3.28 -49.44
N PRO C 104 14.02 3.59 -48.72
CA PRO C 104 14.20 2.97 -47.40
C PRO C 104 13.31 3.55 -46.33
N TYR C 105 12.59 4.63 -46.61
CA TYR C 105 11.93 5.44 -45.58
C TYR C 105 10.42 5.32 -45.57
N TYR C 106 9.81 4.80 -46.63
CA TYR C 106 8.35 4.67 -46.65
C TYR C 106 7.98 3.51 -47.56
N ASP C 107 6.76 3.02 -47.38
CA ASP C 107 6.28 1.82 -48.07
C ASP C 107 5.49 2.24 -49.29
N SER C 108 6.10 2.13 -50.47
CA SER C 108 5.46 2.37 -51.75
C SER C 108 5.03 1.09 -52.44
N SER C 109 5.02 -0.04 -51.73
CA SER C 109 4.79 -1.32 -52.37
C SER C 109 3.38 -1.42 -52.94
N TYR C 110 2.40 -0.91 -52.20
CA TYR C 110 0.99 -1.04 -52.55
C TYR C 110 0.49 0.11 -53.43
N TYR C 111 1.39 0.82 -54.12
CA TYR C 111 0.97 1.89 -55.00
C TYR C 111 0.66 1.29 -56.37
N PRO C 112 -0.57 1.45 -56.91
CA PRO C 112 -0.88 0.78 -58.18
C PRO C 112 -0.36 1.51 -59.41
N ASN C 113 0.91 1.95 -59.37
CA ASN C 113 1.51 2.67 -60.49
C ASN C 113 2.13 1.68 -61.47
N PHE C 114 1.25 0.91 -62.10
CA PHE C 114 1.68 -0.18 -62.98
C PHE C 114 2.16 0.41 -64.28
N ASP C 115 3.42 0.84 -64.28
CA ASP C 115 3.92 1.72 -65.33
C ASP C 115 4.26 0.95 -66.59
N HIS C 116 5.27 0.09 -66.53
CA HIS C 116 5.73 -0.70 -67.65
C HIS C 116 5.42 -2.16 -67.38
N TRP C 117 5.13 -2.89 -68.46
CA TRP C 117 4.55 -4.23 -68.39
C TRP C 117 5.45 -5.22 -69.12
N GLY C 118 5.14 -6.50 -68.96
CA GLY C 118 5.75 -7.55 -69.76
C GLY C 118 4.94 -7.85 -71.00
N GLN C 119 5.56 -8.56 -71.95
CA GLN C 119 4.97 -8.65 -73.28
C GLN C 119 3.89 -9.72 -73.38
N GLY C 120 3.57 -10.42 -72.29
CA GLY C 120 2.38 -11.25 -72.25
C GLY C 120 2.66 -12.69 -72.61
N THR C 121 1.99 -13.59 -71.88
CA THR C 121 2.09 -15.04 -72.09
C THR C 121 0.73 -15.64 -71.77
N LEU C 122 0.06 -16.21 -72.78
CA LEU C 122 -1.29 -16.76 -72.64
C LEU C 122 -1.22 -18.19 -72.12
N ILE C 123 -1.37 -18.33 -70.81
CA ILE C 123 -1.38 -19.63 -70.15
C ILE C 123 -2.81 -20.13 -70.02
N THR C 124 -3.31 -20.81 -71.05
CA THR C 124 -4.53 -21.59 -70.89
C THR C 124 -4.19 -22.91 -70.20
N VAL C 125 -4.83 -23.16 -69.07
CA VAL C 125 -4.60 -24.37 -68.29
C VAL C 125 -5.29 -25.50 -69.03
N SER C 126 -4.58 -26.07 -70.00
CA SER C 126 -5.21 -26.87 -71.04
C SER C 126 -5.51 -28.28 -70.54
N GLN D 1 -20.47 -10.03 -58.31
CA GLN D 1 -19.41 -8.98 -58.41
C GLN D 1 -18.10 -9.48 -57.81
N SER D 2 -16.99 -8.85 -58.21
CA SER D 2 -15.68 -9.22 -57.73
C SER D 2 -14.78 -8.00 -57.75
N ALA D 3 -13.95 -7.87 -56.70
CA ALA D 3 -13.01 -6.77 -56.60
C ALA D 3 -13.77 -5.44 -56.61
N LEU D 4 -13.23 -4.40 -57.24
CA LEU D 4 -13.95 -3.16 -57.37
C LEU D 4 -15.12 -3.31 -58.34
N THR D 5 -16.23 -2.67 -58.01
CA THR D 5 -17.40 -2.69 -58.89
C THR D 5 -17.17 -1.78 -60.10
N GLN D 6 -17.47 -2.27 -61.29
CA GLN D 6 -17.34 -1.51 -62.52
C GLN D 6 -18.49 -1.85 -63.46
N PRO D 7 -18.88 -0.92 -64.34
CA PRO D 7 -19.80 -1.31 -65.43
C PRO D 7 -19.18 -2.35 -66.35
N ALA D 8 -20.02 -3.23 -66.89
CA ALA D 8 -19.53 -4.25 -67.81
C ALA D 8 -19.14 -3.64 -69.15
N SER D 9 -19.95 -2.72 -69.67
CA SER D 9 -19.62 -2.01 -70.90
C SER D 9 -20.37 -0.69 -70.93
N VAL D 10 -19.75 0.29 -71.58
CA VAL D 10 -20.26 1.66 -71.67
C VAL D 10 -20.06 2.09 -73.12
N SER D 11 -20.72 3.19 -73.50
CA SER D 11 -20.61 3.67 -74.87
C SER D 11 -21.08 5.13 -74.92
N GLY D 12 -21.05 5.68 -76.11
CA GLY D 12 -21.43 7.07 -76.34
C GLY D 12 -20.80 7.64 -77.58
N SER D 13 -21.54 8.48 -78.31
CA SER D 13 -21.04 9.09 -79.52
C SER D 13 -20.06 10.22 -79.20
N PRO D 14 -19.25 10.66 -80.17
CA PRO D 14 -18.44 11.87 -79.94
C PRO D 14 -19.31 13.07 -79.62
N GLY D 15 -18.84 13.89 -78.68
CA GLY D 15 -19.58 15.01 -78.17
C GLY D 15 -20.47 14.70 -76.99
N GLN D 16 -20.73 13.42 -76.73
CA GLN D 16 -21.54 13.01 -75.59
C GLN D 16 -20.66 12.82 -74.36
N SER D 17 -21.26 13.04 -73.18
CA SER D 17 -20.55 12.91 -71.92
C SER D 17 -20.62 11.47 -71.41
N ILE D 18 -19.49 10.99 -70.90
CA ILE D 18 -19.35 9.62 -70.42
C ILE D 18 -18.62 9.67 -69.09
N THR D 19 -18.93 8.71 -68.22
CA THR D 19 -18.12 8.41 -67.05
C THR D 19 -18.18 6.92 -66.78
N ILE D 20 -17.01 6.29 -66.71
CA ILE D 20 -16.87 4.87 -66.39
C ILE D 20 -16.40 4.83 -64.95
N SER D 21 -17.31 4.57 -64.02
CA SER D 21 -17.03 4.72 -62.60
C SER D 21 -16.53 3.41 -61.99
N CYS D 22 -15.75 3.56 -60.93
CA CYS D 22 -15.20 2.48 -60.13
C CYS D 22 -15.53 2.76 -58.68
N THR D 23 -15.86 1.71 -57.92
CA THR D 23 -16.31 1.90 -56.54
C THR D 23 -15.77 0.79 -55.64
N GLY D 24 -15.35 1.19 -54.43
CA GLY D 24 -14.84 0.28 -53.43
C GLY D 24 -15.29 0.70 -52.04
N THR D 25 -14.82 -0.04 -51.04
CA THR D 25 -15.26 0.13 -49.66
C THR D 25 -14.45 1.24 -48.97
N SER D 26 -14.67 1.38 -47.66
CA SER D 26 -13.89 2.33 -46.88
C SER D 26 -12.44 1.89 -46.71
N TYR D 27 -12.15 0.60 -46.90
CA TYR D 27 -10.80 0.06 -46.86
C TYR D 27 -10.17 0.03 -48.25
N ASP D 28 -10.45 1.05 -49.05
CA ASP D 28 -10.35 0.96 -50.50
C ASP D 28 -10.14 2.38 -51.01
N VAL D 29 -10.60 2.73 -52.22
CA VAL D 29 -10.44 4.04 -52.85
C VAL D 29 -10.65 5.22 -51.90
N ALA D 30 -11.45 5.04 -50.83
CA ALA D 30 -11.73 6.11 -49.89
C ALA D 30 -10.46 6.76 -49.34
N LYS D 31 -9.51 5.96 -48.87
CA LYS D 31 -8.53 6.48 -47.92
C LYS D 31 -7.38 7.22 -48.60
N PHE D 32 -6.54 6.52 -49.37
CA PHE D 32 -5.28 7.10 -49.85
C PHE D 32 -5.37 7.87 -51.16
N ASP D 33 -6.50 7.84 -51.87
CA ASP D 33 -6.58 8.36 -53.23
C ASP D 33 -5.61 7.63 -54.15
N LEU D 34 -5.46 6.31 -53.99
CA LEU D 34 -4.58 5.50 -54.83
C LEU D 34 -5.44 4.75 -55.83
N VAL D 35 -5.65 5.38 -57.00
CA VAL D 35 -6.48 4.84 -58.06
C VAL D 35 -5.83 5.15 -59.39
N SER D 36 -5.93 4.21 -60.33
CA SER D 36 -5.34 4.37 -61.64
C SER D 36 -6.17 3.60 -62.67
N TRP D 37 -6.04 4.00 -63.94
CA TRP D 37 -6.85 3.51 -65.04
C TRP D 37 -5.96 3.05 -66.18
N PHE D 38 -6.34 1.95 -66.81
CA PHE D 38 -5.62 1.38 -67.94
C PHE D 38 -6.64 1.05 -69.02
N GLN D 39 -6.27 1.28 -70.28
CA GLN D 39 -7.15 1.04 -71.42
C GLN D 39 -6.42 0.15 -72.42
N GLN D 40 -6.85 -1.12 -72.47
CA GLN D 40 -6.18 -2.13 -73.27
C GLN D 40 -6.86 -2.31 -74.62
N HIS D 41 -6.05 -2.31 -75.66
CA HIS D 41 -6.41 -2.78 -76.99
C HIS D 41 -6.00 -4.24 -77.13
N PRO D 42 -6.60 -4.99 -78.07
CA PRO D 42 -6.27 -6.42 -78.16
C PRO D 42 -4.84 -6.65 -78.62
N GLY D 43 -4.20 -7.65 -78.01
CA GLY D 43 -2.81 -7.96 -78.29
C GLY D 43 -1.84 -6.85 -77.99
N LYS D 44 -2.00 -6.16 -76.86
CA LYS D 44 -1.22 -4.99 -76.52
C LYS D 44 -1.05 -4.92 -75.01
N ALA D 45 -0.33 -3.90 -74.57
CA ALA D 45 -0.24 -3.60 -73.14
C ALA D 45 -1.51 -2.88 -72.67
N PRO D 46 -1.84 -2.97 -71.37
CA PRO D 46 -2.82 -2.04 -70.81
C PRO D 46 -2.26 -0.63 -70.61
N LYS D 47 -2.35 0.19 -71.66
CA LYS D 47 -1.81 1.54 -71.68
C LYS D 47 -2.19 2.36 -70.45
N TYR D 48 -1.17 2.88 -69.76
CA TYR D 48 -1.28 3.45 -68.42
C TYR D 48 -1.74 4.91 -68.48
N MET D 49 -3.05 5.14 -68.29
CA MET D 49 -3.69 6.39 -68.68
C MET D 49 -3.81 7.39 -67.53
N ILE D 50 -4.25 6.96 -66.35
CA ILE D 50 -4.46 7.85 -65.22
C ILE D 50 -3.96 7.17 -63.96
N TYR D 51 -3.41 7.97 -63.04
CA TYR D 51 -2.90 7.49 -61.77
C TYR D 51 -2.93 8.64 -60.80
N GLU D 52 -2.82 8.31 -59.50
CA GLU D 52 -3.05 9.27 -58.43
C GLU D 52 -4.36 10.01 -58.66
N VAL D 53 -5.43 9.23 -58.80
CA VAL D 53 -6.79 9.62 -59.15
C VAL D 53 -6.90 10.43 -60.45
N ASN D 54 -6.18 11.55 -60.58
CA ASN D 54 -6.43 12.50 -61.65
C ASN D 54 -5.24 12.81 -62.56
N LYS D 55 -4.02 12.50 -62.17
CA LYS D 55 -2.86 12.81 -63.01
C LYS D 55 -2.84 11.92 -64.24
N TRP D 56 -2.21 12.43 -65.31
CA TRP D 56 -2.03 11.67 -66.55
C TRP D 56 -0.55 11.57 -66.89
N PRO D 57 0.05 10.38 -67.02
CA PRO D 57 1.47 10.32 -67.38
C PRO D 57 1.73 10.75 -68.82
N SER D 58 3.02 10.78 -69.15
CA SER D 58 3.46 11.11 -70.50
C SER D 58 2.95 10.06 -71.48
N GLY D 59 2.74 10.48 -72.73
CA GLY D 59 2.11 9.64 -73.72
C GLY D 59 0.60 9.69 -73.71
N VAL D 60 0.00 10.23 -72.66
CA VAL D 60 -1.45 10.38 -72.58
C VAL D 60 -1.83 11.74 -73.16
N SER D 61 -2.96 11.77 -73.87
CA SER D 61 -3.57 13.01 -74.31
C SER D 61 -4.46 13.53 -73.19
N HIS D 62 -4.46 14.85 -72.99
CA HIS D 62 -5.10 15.42 -71.81
C HIS D 62 -6.61 15.56 -71.98
N ARG D 63 -7.20 14.87 -72.96
CA ARG D 63 -8.63 14.61 -72.90
C ARG D 63 -8.96 13.75 -71.68
N PHE D 64 -8.19 12.68 -71.48
CA PHE D 64 -8.43 11.78 -70.38
C PHE D 64 -8.25 12.49 -69.04
N SER D 65 -9.08 12.12 -68.08
CA SER D 65 -9.01 12.70 -66.74
C SER D 65 -9.78 11.80 -65.79
N GLY D 66 -9.61 12.05 -64.49
CA GLY D 66 -10.22 11.24 -63.47
C GLY D 66 -10.67 12.09 -62.31
N SER D 67 -11.19 11.44 -61.28
CA SER D 67 -11.71 12.13 -60.13
C SER D 67 -11.98 11.13 -59.02
N LYS D 68 -12.10 11.65 -57.79
CA LYS D 68 -12.50 10.88 -56.63
C LYS D 68 -13.70 11.55 -55.98
N SER D 69 -14.63 10.74 -55.49
CA SER D 69 -15.69 11.22 -54.59
C SER D 69 -15.92 10.14 -53.55
N GLY D 70 -15.22 10.25 -52.43
CA GLY D 70 -15.36 9.30 -51.34
C GLY D 70 -15.04 7.88 -51.75
N ASN D 71 -16.07 7.03 -51.80
CA ASN D 71 -15.89 5.61 -52.02
C ASN D 71 -15.80 5.22 -53.48
N THR D 72 -15.83 6.18 -54.41
CA THR D 72 -15.79 5.90 -55.84
C THR D 72 -14.84 6.85 -56.54
N ALA D 73 -14.33 6.40 -57.69
CA ALA D 73 -13.45 7.18 -58.55
C ALA D 73 -13.94 7.04 -59.97
N SER D 74 -14.30 8.17 -60.58
CA SER D 74 -14.96 8.19 -61.88
C SER D 74 -13.97 8.58 -62.96
N LEU D 75 -13.84 7.73 -63.98
CA LEU D 75 -13.10 8.13 -65.16
C LEU D 75 -13.85 9.25 -65.85
N THR D 76 -13.16 10.35 -66.15
CA THR D 76 -13.77 11.52 -66.74
C THR D 76 -13.39 11.58 -68.22
N ILE D 77 -14.39 11.82 -69.07
CA ILE D 77 -14.29 11.57 -70.51
C ILE D 77 -14.50 12.87 -71.26
N SER D 78 -13.74 13.04 -72.34
CA SER D 78 -13.98 14.10 -73.31
C SER D 78 -13.60 13.57 -74.69
N GLY D 79 -14.19 14.19 -75.72
CA GLY D 79 -13.74 14.06 -77.10
C GLY D 79 -13.46 12.66 -77.60
N LEU D 80 -14.50 11.83 -77.75
CA LEU D 80 -14.28 10.43 -78.05
C LEU D 80 -13.62 10.25 -79.42
N GLN D 81 -12.77 9.23 -79.49
CA GLN D 81 -12.06 8.87 -80.72
C GLN D 81 -12.10 7.35 -80.87
N ALA D 82 -11.76 6.90 -82.09
CA ALA D 82 -11.61 5.47 -82.33
C ALA D 82 -10.52 4.85 -81.47
N GLU D 83 -9.57 5.64 -81.00
CA GLU D 83 -8.60 5.15 -80.03
C GLU D 83 -9.26 4.80 -78.70
N ASP D 84 -10.35 5.49 -78.36
CA ASP D 84 -11.01 5.31 -77.06
C ASP D 84 -11.88 4.06 -76.98
N GLU D 85 -12.21 3.45 -78.12
CA GLU D 85 -12.89 2.15 -78.11
C GLU D 85 -11.96 1.10 -77.54
N ALA D 86 -12.16 0.72 -76.28
CA ALA D 86 -11.22 -0.14 -75.60
C ALA D 86 -11.77 -0.46 -74.22
N ASP D 87 -11.08 -1.38 -73.54
CA ASP D 87 -11.41 -1.64 -72.15
C ASP D 87 -11.02 -0.43 -71.32
N TYR D 88 -11.55 -0.38 -70.09
CA TYR D 88 -11.14 0.64 -69.11
C TYR D 88 -11.15 -0.02 -67.73
N TYR D 89 -10.01 -0.57 -67.35
CA TYR D 89 -9.90 -1.27 -66.07
C TYR D 89 -9.60 -0.30 -64.95
N CYS D 90 -9.66 -0.82 -63.73
CA CYS D 90 -9.53 -0.03 -62.51
C CYS D 90 -8.74 -0.84 -61.51
N CYS D 91 -7.70 -0.23 -60.93
CA CYS D 91 -6.94 -0.87 -59.86
C CYS D 91 -6.51 0.17 -58.83
N SER D 92 -6.73 -0.18 -57.57
CA SER D 92 -6.62 0.75 -56.46
C SER D 92 -6.03 0.07 -55.25
N PHE D 93 -5.78 0.88 -54.23
CA PHE D 93 -5.28 0.38 -52.95
C PHE D 93 -6.33 -0.50 -52.28
N GLY D 94 -5.89 -1.68 -51.87
CA GLY D 94 -6.69 -2.56 -51.03
C GLY D 94 -5.98 -2.73 -49.70
N GLY D 95 -6.74 -3.00 -48.63
CA GLY D 95 -6.15 -3.06 -47.31
C GLY D 95 -5.10 -4.13 -47.13
N SER D 96 -4.40 -4.09 -46.00
CA SER D 96 -3.36 -5.06 -45.66
C SER D 96 -2.27 -5.12 -46.72
N ALA D 97 -1.91 -3.95 -47.24
CA ALA D 97 -0.76 -3.81 -48.14
C ALA D 97 -0.96 -4.63 -49.42
N THR D 98 -2.07 -4.36 -50.11
CA THR D 98 -2.43 -5.03 -51.34
C THR D 98 -3.05 -4.03 -52.29
N VAL D 99 -3.37 -4.48 -53.49
CA VAL D 99 -4.25 -3.75 -54.39
C VAL D 99 -5.43 -4.65 -54.72
N VAL D 100 -6.51 -4.04 -55.20
CA VAL D 100 -7.69 -4.75 -55.65
C VAL D 100 -8.15 -4.08 -56.93
N CYS D 101 -8.40 -4.88 -57.96
CA CYS D 101 -8.62 -4.35 -59.30
C CYS D 101 -10.10 -4.20 -59.62
N GLY D 102 -10.44 -3.93 -60.88
CA GLY D 102 -11.81 -3.73 -61.29
C GLY D 102 -12.20 -4.73 -62.36
N GLY D 103 -13.52 -4.89 -62.51
CA GLY D 103 -14.06 -5.87 -63.45
C GLY D 103 -13.74 -5.59 -64.91
N GLY D 104 -13.29 -4.38 -65.23
CA GLY D 104 -13.01 -4.02 -66.60
C GLY D 104 -14.13 -3.22 -67.22
N THR D 105 -14.18 -3.19 -68.54
CA THR D 105 -15.13 -2.40 -69.31
C THR D 105 -14.87 -2.71 -70.78
N LYS D 106 -15.79 -2.30 -71.64
CA LYS D 106 -15.55 -2.16 -73.07
C LYS D 106 -16.30 -0.92 -73.56
N VAL D 107 -15.58 -0.01 -74.18
CA VAL D 107 -16.19 1.14 -74.85
C VAL D 107 -16.43 0.77 -76.30
N THR D 108 -17.58 1.19 -76.82
CA THR D 108 -17.85 1.21 -78.25
C THR D 108 -18.28 2.62 -78.63
N VAL D 109 -17.34 3.41 -79.14
CA VAL D 109 -17.65 4.76 -79.58
C VAL D 109 -18.66 4.67 -80.72
N LEU D 110 -19.77 5.38 -80.57
CA LEU D 110 -20.90 5.25 -81.50
C LEU D 110 -20.82 6.29 -82.60
N GLU E 2 -14.88 46.69 50.70
CA GLU E 2 -14.96 46.78 49.21
C GLU E 2 -15.70 45.57 48.63
N ASN E 3 -16.39 45.78 47.51
CA ASN E 3 -17.09 44.71 46.85
C ASN E 3 -16.11 43.82 46.08
N LEU E 4 -16.66 42.84 45.37
CA LEU E 4 -15.87 41.94 44.54
C LEU E 4 -16.73 41.49 43.37
N TRP E 5 -16.19 41.66 42.16
CA TRP E 5 -16.79 41.18 40.92
C TRP E 5 -15.91 40.05 40.38
N VAL E 6 -16.23 39.59 39.17
CA VAL E 6 -15.46 38.51 38.54
C VAL E 6 -14.48 39.10 37.54
N THR E 7 -13.41 38.35 37.28
CA THR E 7 -12.31 38.79 36.45
C THR E 7 -11.62 37.57 35.87
N VAL E 8 -11.11 37.70 34.64
CA VAL E 8 -10.54 36.57 33.91
C VAL E 8 -9.08 36.85 33.57
N TYR E 9 -8.22 35.89 33.88
CA TYR E 9 -6.81 35.92 33.54
C TYR E 9 -6.53 34.87 32.48
N TYR E 10 -5.63 35.20 31.55
CA TYR E 10 -5.17 34.25 30.55
C TYR E 10 -3.66 34.06 30.70
N GLY E 11 -3.18 32.88 30.33
CA GLY E 11 -1.79 32.54 30.53
C GLY E 11 -1.47 32.00 31.89
N VAL E 12 -2.46 31.49 32.61
CA VAL E 12 -2.28 31.04 33.98
C VAL E 12 -1.55 29.69 33.98
N PRO E 13 -0.72 29.37 34.98
CA PRO E 13 -0.25 27.98 35.12
C PRO E 13 -1.26 27.06 35.80
N VAL E 14 -1.88 26.15 35.04
CA VAL E 14 -2.81 25.17 35.59
C VAL E 14 -2.64 23.91 34.75
N TRP E 15 -2.82 22.75 35.41
CA TRP E 15 -2.53 21.46 34.80
C TRP E 15 -3.72 20.52 34.93
N LYS E 16 -3.84 19.64 33.94
CA LYS E 16 -4.56 18.38 34.06
C LYS E 16 -3.89 17.37 33.15
N GLU E 17 -3.60 16.20 33.69
CA GLU E 17 -2.95 15.16 32.90
C GLU E 17 -3.96 14.55 31.92
N ALA E 18 -3.48 14.28 30.71
CA ALA E 18 -4.34 13.74 29.66
C ALA E 18 -3.49 13.07 28.60
N LYS E 19 -4.15 12.32 27.73
CA LYS E 19 -3.47 11.59 26.67
C LYS E 19 -3.06 12.54 25.55
N THR E 20 -2.01 12.16 24.83
CA THR E 20 -1.57 12.89 23.64
C THR E 20 -0.51 12.07 22.94
N THR E 21 -0.43 12.24 21.62
CA THR E 21 0.66 11.65 20.86
C THR E 21 1.91 12.51 20.97
N LEU E 22 3.01 11.88 21.32
CA LEU E 22 4.29 12.54 21.47
C LEU E 22 5.16 12.23 20.26
N PHE E 23 5.72 13.26 19.65
CA PHE E 23 6.54 13.08 18.46
C PHE E 23 7.99 12.82 18.84
N CYS E 24 8.61 11.88 18.12
CA CYS E 24 9.98 11.48 18.40
C CYS E 24 10.96 12.45 17.76
N ALA E 25 12.07 12.70 18.45
CA ALA E 25 13.13 13.55 17.95
C ALA E 25 14.48 12.90 18.28
N SER E 26 15.49 13.28 17.52
CA SER E 26 16.82 12.68 17.65
C SER E 26 17.86 13.69 17.20
N ASP E 27 19.12 13.38 17.50
CA ASP E 27 20.21 14.29 17.22
C ASP E 27 20.39 14.44 15.71
N ALA E 28 20.99 15.57 15.31
CA ALA E 28 21.01 15.94 13.91
C ALA E 28 21.97 15.08 13.08
N ARG E 29 22.89 14.36 13.72
CA ARG E 29 23.91 13.64 12.96
C ARG E 29 23.33 12.52 12.09
N ALA E 30 22.14 12.05 12.40
CA ALA E 30 21.55 10.92 11.67
C ALA E 30 20.72 11.34 10.47
N TYR E 31 20.53 12.64 10.23
CA TYR E 31 19.57 13.10 9.25
C TYR E 31 20.16 13.31 7.85
N GLU E 32 21.44 13.00 7.66
CA GLU E 32 22.04 12.86 6.33
C GLU E 32 22.09 11.41 5.87
N LYS E 33 21.52 10.47 6.63
CA LYS E 33 21.65 9.05 6.35
C LYS E 33 20.51 8.58 5.44
N GLU E 34 20.57 7.29 5.09
CA GLU E 34 19.70 6.73 4.07
C GLU E 34 18.34 6.34 4.67
N VAL E 35 17.48 5.83 3.80
CA VAL E 35 16.13 5.44 4.22
C VAL E 35 16.20 4.25 5.18
N HIS E 36 15.37 4.29 6.22
CA HIS E 36 15.25 3.21 7.20
C HIS E 36 16.55 2.95 7.97
N ASN E 37 17.52 3.85 7.87
CA ASN E 37 18.87 3.64 8.38
C ASN E 37 19.29 4.84 9.22
N VAL E 38 19.03 4.81 10.52
CA VAL E 38 18.25 3.92 11.37
C VAL E 38 16.82 4.45 11.37
N TRP E 39 15.87 3.68 11.93
CA TRP E 39 14.51 4.18 12.10
C TRP E 39 14.46 5.49 12.89
N ALA E 40 15.43 5.71 13.77
CA ALA E 40 15.43 6.88 14.65
C ALA E 40 15.44 8.20 13.89
N THR E 41 15.88 8.21 12.62
CA THR E 41 15.85 9.38 11.77
C THR E 41 14.80 9.31 10.67
N HIS E 42 14.36 8.10 10.30
CA HIS E 42 13.42 7.95 9.20
C HIS E 42 12.01 8.42 9.54
N ALA E 43 11.71 8.62 10.84
CA ALA E 43 10.37 8.98 11.28
C ALA E 43 10.37 10.02 12.40
N CYS E 44 11.45 10.80 12.54
CA CYS E 44 11.57 11.77 13.63
C CYS E 44 12.00 13.14 13.10
N VAL E 45 12.30 14.05 14.02
CA VAL E 45 12.58 15.46 13.72
C VAL E 45 13.91 15.80 14.39
N PRO E 46 14.79 16.62 13.81
CA PRO E 46 16.04 16.92 14.52
C PRO E 46 15.80 17.68 15.81
N THR E 47 16.23 17.09 16.92
CA THR E 47 15.97 17.62 18.24
C THR E 47 16.80 18.86 18.51
N ASP E 48 16.38 19.62 19.52
CA ASP E 48 17.09 20.78 20.03
C ASP E 48 17.38 20.62 21.51
N PRO E 49 18.61 20.81 21.99
CA PRO E 49 18.80 20.78 23.45
C PRO E 49 18.04 21.88 24.17
N SER E 50 17.87 23.04 23.55
CA SER E 50 17.15 24.16 24.17
C SER E 50 15.64 23.95 24.03
N PRO E 51 14.83 24.44 24.98
CA PRO E 51 15.17 25.07 26.27
C PRO E 51 15.64 24.05 27.30
N GLN E 52 16.55 24.45 28.18
CA GLN E 52 17.08 23.53 29.17
C GLN E 52 16.02 23.23 30.24
N GLU E 53 16.39 22.38 31.19
CA GLU E 53 15.47 21.99 32.25
C GLU E 53 15.08 23.20 33.09
N LEU E 54 13.84 23.20 33.58
CA LEU E 54 13.34 24.18 34.52
C LEU E 54 12.80 23.45 35.74
N VAL E 55 13.13 23.95 36.92
CA VAL E 55 12.68 23.34 38.17
C VAL E 55 11.56 24.20 38.78
N LEU E 56 10.50 23.55 39.23
CA LEU E 56 9.35 24.21 39.83
C LEU E 56 9.56 24.29 41.34
N GLY E 57 9.60 25.52 41.86
CA GLY E 57 10.14 25.76 43.19
C GLY E 57 9.24 25.39 44.34
N ASN E 58 7.96 25.15 44.09
CA ASN E 58 7.04 24.73 45.15
C ASN E 58 5.92 23.95 44.47
N VAL E 59 5.93 22.63 44.61
CA VAL E 59 5.08 21.75 43.81
C VAL E 59 4.88 20.44 44.54
N THR E 60 3.88 19.68 44.09
CA THR E 60 3.72 18.28 44.48
C THR E 60 2.78 17.64 43.46
N GLU E 61 3.27 16.64 42.74
CA GLU E 61 2.49 15.91 41.75
C GLU E 61 2.69 14.42 41.93
N ASN E 62 1.58 13.68 41.90
CA ASN E 62 1.60 12.23 42.10
C ASN E 62 1.95 11.49 40.81
N PHE E 63 3.25 11.35 40.55
CA PHE E 63 3.70 10.54 39.43
C PHE E 63 3.30 9.09 39.62
N ASN E 64 3.27 8.35 38.52
CA ASN E 64 2.91 6.94 38.55
C ASN E 64 3.63 6.23 37.40
N MET E 65 4.50 5.27 37.74
CA MET E 65 5.23 4.55 36.71
C MET E 65 4.36 3.53 36.00
N TRP E 66 3.40 2.93 36.69
CA TRP E 66 2.63 1.81 36.17
C TRP E 66 1.39 2.27 35.41
N LYS E 67 0.60 3.15 36.02
CA LYS E 67 -0.55 3.76 35.35
C LYS E 67 -0.03 4.94 34.53
N ASN E 68 0.55 4.62 33.38
CA ASN E 68 1.20 5.59 32.52
C ASN E 68 0.78 5.34 31.08
N ASP E 69 0.62 6.42 30.31
CA ASP E 69 0.21 6.33 28.92
C ASP E 69 1.38 6.29 27.96
N MET E 70 2.57 6.68 28.40
CA MET E 70 3.71 6.82 27.48
C MET E 70 4.20 5.45 27.00
N VAL E 71 4.16 4.44 27.86
CA VAL E 71 4.68 3.13 27.48
C VAL E 71 3.83 2.52 26.36
N ASP E 72 2.51 2.69 26.43
CA ASP E 72 1.64 2.17 25.38
C ASP E 72 1.94 2.86 24.05
N GLN E 73 2.14 4.17 24.08
CA GLN E 73 2.46 4.90 22.86
C GLN E 73 3.80 4.45 22.30
N MET E 74 4.78 4.22 23.17
CA MET E 74 6.08 3.71 22.73
C MET E 74 5.93 2.35 22.04
N HIS E 75 5.16 1.45 22.66
CA HIS E 75 4.96 0.12 22.09
C HIS E 75 4.30 0.20 20.72
N GLU E 76 3.22 0.99 20.62
CA GLU E 76 2.49 1.09 19.37
C GLU E 76 3.37 1.68 18.26
N ASP E 77 4.08 2.78 18.58
CA ASP E 77 4.92 3.42 17.59
C ASP E 77 6.04 2.49 17.14
N ILE E 78 6.66 1.76 18.07
CA ILE E 78 7.76 0.89 17.69
C ILE E 78 7.26 -0.29 16.86
N ILE E 79 6.09 -0.83 17.20
CA ILE E 79 5.52 -1.92 16.42
C ILE E 79 5.26 -1.45 14.99
N SER E 80 4.54 -0.33 14.86
CA SER E 80 4.22 0.17 13.53
C SER E 80 5.48 0.52 12.75
N LEU E 81 6.50 1.02 13.46
CA LEU E 81 7.74 1.42 12.80
C LEU E 81 8.51 0.22 12.29
N TRP E 82 8.62 -0.84 13.11
CA TRP E 82 9.33 -2.02 12.63
C TRP E 82 8.58 -2.61 11.44
N ASP E 83 7.24 -2.66 11.55
CA ASP E 83 6.43 -3.23 10.49
C ASP E 83 6.60 -2.45 9.19
N GLN E 84 6.68 -1.13 9.28
CA GLN E 84 6.93 -0.32 8.09
C GLN E 84 8.32 -0.59 7.52
N SER E 85 9.30 -0.86 8.39
CA SER E 85 10.66 -1.06 7.90
C SER E 85 10.84 -2.37 7.15
N LEU E 86 9.93 -3.34 7.28
CA LEU E 86 10.08 -4.63 6.62
C LEU E 86 9.44 -4.70 5.24
N LYS E 87 8.66 -3.70 4.84
CA LYS E 87 7.96 -3.75 3.57
C LYS E 87 8.86 -3.86 2.35
N PRO E 88 9.91 -3.04 2.18
CA PRO E 88 10.71 -3.12 0.93
C PRO E 88 11.64 -4.32 0.84
N CYS E 89 11.56 -5.28 1.76
CA CYS E 89 12.45 -6.43 1.76
C CYS E 89 11.82 -7.62 1.02
N VAL E 90 12.64 -8.64 0.78
CA VAL E 90 12.19 -9.83 0.05
C VAL E 90 11.48 -10.79 1.00
N LYS E 91 10.49 -11.52 0.50
CA LYS E 91 9.53 -12.22 1.34
C LYS E 91 9.66 -13.75 1.29
N LEU E 92 10.73 -14.29 0.69
CA LEU E 92 11.19 -15.66 0.94
C LEU E 92 10.21 -16.77 0.59
N THR E 93 9.06 -16.46 -0.01
CA THR E 93 8.05 -17.49 -0.26
C THR E 93 8.56 -18.65 -1.11
N PRO E 94 9.51 -18.44 -2.03
CA PRO E 94 10.15 -19.61 -2.66
C PRO E 94 10.90 -20.54 -1.71
N LEU E 95 11.36 -20.06 -0.56
CA LEU E 95 12.15 -20.93 0.31
C LEU E 95 11.32 -21.98 1.02
N CYS E 96 9.99 -21.92 0.95
CA CYS E 96 9.13 -22.95 1.53
C CYS E 96 9.17 -24.20 0.65
N VAL E 97 10.31 -24.90 0.70
CA VAL E 97 10.58 -26.05 -0.13
C VAL E 97 11.17 -27.17 0.72
N THR E 98 11.25 -28.34 0.12
CA THR E 98 11.92 -29.46 0.77
C THR E 98 13.40 -29.17 0.90
N LEU E 99 13.97 -29.51 2.06
CA LEU E 99 15.39 -29.35 2.34
C LEU E 99 15.98 -30.71 2.68
N ILE E 100 16.97 -31.13 1.90
CA ILE E 100 17.70 -32.37 2.12
C ILE E 100 18.99 -32.01 2.83
N CYS E 101 19.25 -32.64 3.98
CA CYS E 101 20.32 -32.24 4.88
C CYS E 101 21.29 -33.41 5.09
N SER E 102 22.56 -33.06 5.27
CA SER E 102 23.59 -34.04 5.57
C SER E 102 23.70 -34.25 7.07
N ASN E 103 24.26 -35.41 7.45
CA ASN E 103 24.24 -35.87 8.82
C ASN E 103 25.65 -36.06 9.38
N ALA E 104 26.52 -35.07 9.20
CA ALA E 104 27.82 -35.10 9.84
C ALA E 104 27.66 -35.17 11.35
N THR E 105 28.54 -35.92 12.00
CA THR E 105 28.38 -36.26 13.41
C THR E 105 29.73 -36.25 14.10
N VAL E 106 29.72 -35.90 15.40
CA VAL E 106 30.88 -35.98 16.26
C VAL E 106 30.43 -36.63 17.57
N LYS E 107 31.36 -37.37 18.19
CA LYS E 107 31.08 -38.08 19.43
C LYS E 107 32.17 -37.78 20.45
N ASN E 108 31.83 -37.99 21.72
CA ASN E 108 32.66 -37.65 22.88
C ASN E 108 32.83 -36.15 23.02
N GLY E 109 33.03 -35.67 24.24
CA GLY E 109 33.14 -34.24 24.47
C GLY E 109 31.83 -33.54 24.15
N THR E 110 31.90 -32.53 23.30
CA THR E 110 30.73 -31.73 22.92
C THR E 110 30.92 -31.22 21.50
N VAL E 111 29.81 -30.84 20.87
CA VAL E 111 29.84 -30.34 19.50
C VAL E 111 28.65 -29.40 19.32
N GLU E 112 28.87 -28.31 18.58
CA GLU E 112 27.91 -27.21 18.44
C GLU E 112 27.51 -27.01 16.97
N GLU E 113 27.36 -28.11 16.24
CA GLU E 113 27.36 -28.06 14.78
C GLU E 113 25.99 -27.65 14.24
N MET E 114 25.98 -27.20 12.98
CA MET E 114 24.77 -26.79 12.28
C MET E 114 24.68 -27.53 10.95
N LYS E 115 23.46 -27.73 10.47
CA LYS E 115 23.21 -28.64 9.36
C LYS E 115 23.53 -27.98 8.03
N ASN E 116 23.92 -28.82 7.05
CA ASN E 116 24.24 -28.40 5.69
C ASN E 116 23.14 -28.95 4.77
N CYS E 117 22.20 -28.09 4.40
CA CYS E 117 20.96 -28.51 3.75
C CYS E 117 20.88 -27.95 2.33
N SER E 118 20.63 -28.83 1.37
CA SER E 118 20.45 -28.45 -0.02
C SER E 118 18.98 -28.32 -0.36
N PHE E 119 18.68 -27.61 -1.44
CA PHE E 119 17.32 -27.33 -1.83
C PHE E 119 17.28 -26.79 -3.24
N ASN E 120 16.34 -27.31 -4.04
CA ASN E 120 16.13 -26.83 -5.39
C ASN E 120 15.60 -25.40 -5.37
N THR E 121 16.07 -24.58 -6.30
CA THR E 121 15.74 -23.17 -6.36
C THR E 121 15.41 -22.76 -7.77
N THR E 122 14.41 -21.89 -7.90
CA THR E 122 14.10 -21.28 -9.19
C THR E 122 15.08 -20.15 -9.45
N THR E 123 15.78 -20.22 -10.59
CA THR E 123 16.71 -19.17 -10.97
C THR E 123 15.96 -17.99 -11.58
N GLU E 124 16.69 -17.08 -12.23
CA GLU E 124 16.05 -15.96 -12.92
C GLU E 124 15.00 -16.39 -13.93
N ILE E 125 15.19 -17.52 -14.58
CA ILE E 125 14.21 -18.11 -15.48
C ILE E 125 13.19 -18.82 -14.62
N ARG E 126 11.90 -18.59 -14.90
CA ARG E 126 10.85 -19.20 -14.09
C ARG E 126 10.89 -20.72 -14.18
N ASP E 127 11.08 -21.26 -15.39
CA ASP E 127 10.95 -22.70 -15.64
C ASP E 127 12.32 -23.36 -15.83
N LYS E 128 13.32 -22.91 -15.07
CA LYS E 128 14.61 -23.58 -14.98
C LYS E 128 15.12 -23.47 -13.56
N GLU E 129 15.66 -24.57 -13.03
CA GLU E 129 16.02 -24.69 -11.62
C GLU E 129 17.44 -25.20 -11.51
N LYS E 130 18.07 -24.98 -10.34
CA LYS E 130 19.45 -25.41 -10.13
C LYS E 130 19.67 -25.79 -8.67
N LYS E 131 20.61 -26.71 -8.46
CA LYS E 131 20.89 -27.24 -7.13
C LYS E 131 21.76 -26.25 -6.35
N GLU E 132 21.53 -26.19 -5.03
CA GLU E 132 22.07 -25.15 -4.17
C GLU E 132 22.06 -25.65 -2.73
N TYR E 133 22.80 -24.94 -1.87
CA TYR E 133 22.92 -25.33 -0.48
C TYR E 133 23.22 -24.13 0.39
N ALA E 134 22.97 -24.32 1.69
CA ALA E 134 23.19 -23.31 2.71
C ALA E 134 23.26 -24.02 4.05
N LEU E 135 24.01 -23.44 4.98
CA LEU E 135 24.07 -23.94 6.35
C LEU E 135 23.04 -23.20 7.20
N PHE E 136 22.30 -23.96 8.02
CA PHE E 136 21.26 -23.42 8.89
C PHE E 136 21.47 -23.94 10.30
N TYR E 137 21.32 -23.05 11.29
CA TYR E 137 21.27 -23.48 12.67
C TYR E 137 20.05 -24.38 12.87
N LYS E 138 20.19 -25.39 13.72
CA LYS E 138 19.12 -26.35 13.95
C LYS E 138 17.80 -25.75 14.44
N PRO E 139 17.76 -24.75 15.33
CA PRO E 139 16.46 -24.27 15.83
C PRO E 139 15.51 -23.80 14.74
N ASP E 140 16.06 -23.39 13.60
CA ASP E 140 15.28 -22.92 12.48
C ASP E 140 15.04 -23.99 11.42
N ILE E 141 15.41 -25.24 11.72
CA ILE E 141 15.27 -26.37 10.80
C ILE E 141 14.52 -27.47 11.54
N VAL E 142 13.45 -27.98 10.93
CA VAL E 142 12.58 -28.99 11.53
C VAL E 142 12.42 -30.14 10.55
N PRO E 143 12.31 -31.40 11.00
CA PRO E 143 12.02 -32.47 10.03
C PRO E 143 10.64 -32.28 9.39
N LEU E 144 10.56 -32.65 8.11
CA LEU E 144 9.37 -32.35 7.32
C LEU E 144 8.27 -33.38 7.53
N SER E 145 8.54 -34.63 7.16
CA SER E 145 7.49 -35.64 7.09
C SER E 145 7.15 -36.17 8.47
N GLU E 146 5.85 -36.41 8.70
CA GLU E 146 5.44 -37.15 9.88
C GLU E 146 5.92 -38.59 9.82
N THR E 147 6.06 -39.15 8.62
CA THR E 147 6.67 -40.45 8.45
C THR E 147 8.18 -40.36 8.67
N ASN E 148 8.80 -41.49 8.95
CA ASN E 148 10.21 -41.50 9.33
C ASN E 148 11.08 -41.24 8.10
N ASN E 149 11.91 -40.21 8.18
CA ASN E 149 12.91 -39.92 7.17
C ASN E 149 14.04 -39.14 7.83
N THR E 150 15.27 -39.61 7.65
CA THR E 150 16.41 -39.05 8.36
C THR E 150 17.07 -37.89 7.64
N SER E 151 16.52 -37.45 6.50
CA SER E 151 17.17 -36.42 5.69
C SER E 151 16.24 -35.32 5.19
N GLU E 152 14.92 -35.49 5.23
CA GLU E 152 13.98 -34.55 4.64
C GLU E 152 13.50 -33.57 5.71
N TYR E 153 13.86 -32.29 5.57
CA TYR E 153 13.63 -31.28 6.59
C TYR E 153 12.90 -30.07 5.99
N ARG E 154 12.45 -29.20 6.89
CA ARG E 154 11.66 -28.01 6.57
C ARG E 154 12.18 -26.81 7.35
N LEU E 155 11.95 -25.62 6.83
CA LEU E 155 12.05 -24.43 7.66
C LEU E 155 10.90 -24.41 8.65
N ILE E 156 11.15 -23.87 9.84
CA ILE E 156 10.15 -23.94 10.91
C ILE E 156 8.89 -23.19 10.52
N ASN E 157 9.00 -22.20 9.64
CA ASN E 157 7.82 -21.53 9.11
C ASN E 157 7.18 -22.39 8.03
N CYS E 158 6.24 -21.80 7.30
CA CYS E 158 5.48 -22.39 6.20
C CYS E 158 4.39 -23.32 6.73
N ASN E 159 4.43 -23.68 8.02
CA ASN E 159 3.26 -24.25 8.68
C ASN E 159 2.39 -23.11 9.19
N THR E 160 3.03 -22.09 9.75
CA THR E 160 2.43 -20.83 10.11
C THR E 160 2.60 -19.86 8.94
N SER E 161 2.43 -18.56 9.20
CA SER E 161 2.40 -17.53 8.16
C SER E 161 3.64 -17.50 7.27
N ALA E 162 3.52 -16.82 6.13
CA ALA E 162 4.69 -16.49 5.32
C ALA E 162 5.60 -15.54 6.09
N CYS E 163 6.80 -15.34 5.56
CA CYS E 163 7.92 -15.02 6.44
C CYS E 163 8.96 -14.29 5.59
N THR E 164 9.66 -13.31 6.17
CA THR E 164 10.39 -12.28 5.39
C THR E 164 11.84 -12.14 5.84
N GLN E 165 12.68 -11.72 4.89
CA GLN E 165 14.09 -11.40 5.17
C GLN E 165 14.22 -9.96 5.61
N ALA E 166 15.09 -9.73 6.60
CA ALA E 166 15.44 -8.36 6.99
C ALA E 166 16.24 -7.70 5.88
N CYS E 167 15.95 -6.44 5.62
CA CYS E 167 16.65 -5.74 4.56
C CYS E 167 18.14 -5.63 4.90
N PRO E 168 19.05 -5.80 3.94
CA PRO E 168 20.47 -5.82 4.29
C PRO E 168 21.04 -4.45 4.58
N LYS E 169 20.38 -3.38 4.13
CA LYS E 169 20.91 -2.04 4.30
C LYS E 169 20.52 -1.40 5.63
N VAL E 170 19.45 -1.90 6.27
CA VAL E 170 18.98 -1.34 7.54
C VAL E 170 19.65 -2.09 8.69
N THR E 171 19.63 -1.48 9.87
CA THR E 171 20.28 -2.06 11.05
C THR E 171 19.30 -2.05 12.21
N PHE E 172 19.64 -2.85 13.22
CA PHE E 172 18.88 -2.94 14.46
C PHE E 172 19.52 -2.15 15.59
N GLU E 173 20.48 -1.29 15.29
CA GLU E 173 21.23 -0.57 16.31
C GLU E 173 20.27 0.34 17.08
N PRO E 174 20.22 0.27 18.41
CA PRO E 174 19.30 1.17 19.14
C PRO E 174 19.84 2.59 19.28
N ILE E 175 19.59 3.42 18.28
CA ILE E 175 19.89 4.85 18.40
C ILE E 175 18.96 5.44 19.47
N PRO E 176 19.42 6.36 20.33
CA PRO E 176 18.52 6.89 21.36
C PRO E 176 17.39 7.74 20.77
N ILE E 177 16.27 7.78 21.48
CA ILE E 177 15.05 8.42 21.02
C ILE E 177 14.58 9.40 22.10
N HIS E 178 14.18 10.60 21.67
CA HIS E 178 13.60 11.61 22.55
C HIS E 178 12.12 11.76 22.21
N TYR E 179 11.26 11.32 23.11
CA TYR E 179 9.82 11.59 22.99
C TYR E 179 9.51 12.95 23.59
N CYS E 180 8.70 13.74 22.89
CA CYS E 180 8.21 14.96 23.52
C CYS E 180 6.92 15.46 22.89
N ALA E 181 6.32 16.45 23.57
CA ALA E 181 4.91 16.80 23.54
C ALA E 181 4.65 17.97 22.61
N PRO E 182 3.43 18.08 22.07
CA PRO E 182 3.10 19.23 21.22
C PRO E 182 2.73 20.44 22.08
N ALA E 183 2.42 21.54 21.39
CA ALA E 183 2.08 22.79 22.05
C ALA E 183 0.82 22.63 22.89
N GLY E 184 0.77 23.34 24.00
CA GLY E 184 -0.33 23.22 24.93
C GLY E 184 -0.21 22.08 25.91
N TYR E 185 0.86 21.29 25.82
CA TYR E 185 1.15 20.23 26.77
C TYR E 185 2.56 20.42 27.32
N ALA E 186 2.77 19.96 28.55
CA ALA E 186 4.06 20.02 29.20
C ALA E 186 4.42 18.64 29.74
N ILE E 187 5.71 18.36 29.78
CA ILE E 187 6.23 17.14 30.39
C ILE E 187 6.76 17.50 31.77
N LEU E 188 6.22 16.85 32.79
CA LEU E 188 6.67 17.02 34.16
C LEU E 188 7.59 15.87 34.54
N LYS E 189 8.70 16.21 35.20
CA LYS E 189 9.76 15.27 35.53
C LYS E 189 9.94 15.25 37.04
N CYS E 190 9.90 14.05 37.62
CA CYS E 190 10.29 13.91 39.01
C CYS E 190 11.81 13.99 39.11
N ASN E 191 12.29 14.69 40.14
CA ASN E 191 13.72 14.89 40.36
C ASN E 191 14.15 14.45 41.76
N ASP E 192 13.29 13.79 42.53
CA ASP E 192 13.68 13.22 43.82
C ASP E 192 14.26 11.84 43.59
N GLU E 193 15.54 11.68 43.91
CA GLU E 193 16.31 10.51 43.50
C GLU E 193 15.83 9.22 44.13
N THR E 194 15.21 9.27 45.31
CA THR E 194 14.77 8.10 46.04
C THR E 194 13.34 7.69 45.67
N PHE E 195 12.87 8.02 44.48
CA PHE E 195 11.45 7.91 44.18
C PHE E 195 11.04 6.45 44.08
N ASN E 196 10.01 6.08 44.84
CA ASN E 196 9.52 4.71 44.87
C ASN E 196 8.95 4.30 43.51
N GLY E 197 8.38 5.25 42.77
CA GLY E 197 7.79 5.00 41.47
C GLY E 197 6.37 5.50 41.34
N THR E 198 5.57 5.38 42.40
CA THR E 198 4.23 5.96 42.46
C THR E 198 4.11 6.72 43.76
N GLY E 199 3.19 7.69 43.77
CA GLY E 199 3.02 8.58 44.90
C GLY E 199 3.63 9.94 44.61
N PRO E 200 3.59 10.84 45.59
CA PRO E 200 4.02 12.21 45.34
C PRO E 200 5.52 12.33 45.16
N CYS E 201 5.92 13.27 44.30
CA CYS E 201 7.29 13.76 44.23
C CYS E 201 7.30 15.20 44.74
N SER E 202 8.06 15.45 45.80
CA SER E 202 8.15 16.78 46.37
C SER E 202 9.06 17.72 45.58
N ASN E 203 9.86 17.18 44.67
CA ASN E 203 10.67 17.97 43.76
C ASN E 203 10.27 17.57 42.34
N VAL E 204 9.64 18.49 41.62
CA VAL E 204 9.10 18.23 40.28
C VAL E 204 9.54 19.35 39.35
N SER E 205 9.93 18.97 38.15
CA SER E 205 10.50 19.88 37.16
C SER E 205 9.77 19.71 35.84
N THR E 206 10.05 20.61 34.91
CA THR E 206 9.49 20.57 33.56
C THR E 206 10.60 20.61 32.53
N VAL E 207 10.46 19.77 31.50
CA VAL E 207 11.45 19.65 30.43
C VAL E 207 10.72 19.83 29.11
N GLN E 208 11.46 20.24 28.08
CA GLN E 208 10.89 20.25 26.75
C GLN E 208 10.77 18.84 26.20
N CYS E 209 11.91 18.15 26.05
CA CYS E 209 11.93 16.78 25.59
C CYS E 209 12.71 15.86 26.52
N THR E 210 12.30 14.60 26.53
CA THR E 210 12.77 13.62 27.48
C THR E 210 14.22 13.22 27.17
N HIS E 211 14.83 12.56 28.15
CA HIS E 211 16.15 11.98 27.96
C HIS E 211 16.10 10.91 26.88
N GLY E 212 17.22 10.74 26.17
CA GLY E 212 17.29 9.76 25.11
C GLY E 212 17.03 8.34 25.60
N ILE E 213 15.89 7.78 25.23
CA ILE E 213 15.58 6.40 25.57
C ILE E 213 16.21 5.48 24.53
N ARG E 214 16.73 4.35 24.99
CA ARG E 214 17.31 3.34 24.10
C ARG E 214 16.27 2.28 23.77
N PRO E 215 15.71 2.24 22.55
CA PRO E 215 14.88 1.08 22.18
C PRO E 215 15.71 -0.19 22.01
N VAL E 216 16.17 -0.73 23.14
CA VAL E 216 17.00 -1.94 23.18
C VAL E 216 16.18 -3.05 23.81
N VAL E 217 16.21 -4.22 23.19
CA VAL E 217 15.40 -5.37 23.59
C VAL E 217 16.27 -6.37 24.32
N SER E 218 15.82 -6.79 25.50
CA SER E 218 16.46 -7.87 26.24
C SER E 218 15.48 -8.36 27.28
N THR E 219 15.44 -9.68 27.47
CA THR E 219 14.41 -10.27 28.31
C THR E 219 14.77 -10.24 29.79
N GLN E 220 15.83 -10.95 30.18
CA GLN E 220 16.11 -11.16 31.60
C GLN E 220 17.07 -10.13 32.18
N LEU E 221 17.92 -9.53 31.35
CA LEU E 221 18.86 -8.51 31.78
C LEU E 221 18.59 -7.23 30.99
N LEU E 222 18.53 -6.11 31.69
CA LEU E 222 18.30 -4.81 31.08
C LEU E 222 19.66 -4.19 30.78
N LEU E 223 19.86 -3.81 29.52
CA LEU E 223 21.18 -3.51 28.99
C LEU E 223 21.23 -2.08 28.46
N ASN E 224 22.41 -1.46 28.61
CA ASN E 224 22.74 -0.17 27.99
C ASN E 224 21.79 0.96 28.41
N GLY E 225 21.05 0.80 29.51
CA GLY E 225 20.13 1.81 29.96
C GLY E 225 20.81 2.85 30.83
N SER E 226 19.99 3.76 31.37
CA SER E 226 20.49 4.70 32.35
C SER E 226 20.67 4.00 33.68
N LEU E 227 21.45 4.63 34.57
CA LEU E 227 21.81 4.07 35.85
C LEU E 227 21.10 4.81 36.98
N ALA E 228 20.84 4.11 38.07
CA ALA E 228 20.22 4.74 39.23
C ALA E 228 21.13 5.82 39.80
N GLU E 229 20.56 6.64 40.68
CA GLU E 229 21.27 7.82 41.18
C GLU E 229 22.21 7.46 42.32
N LYS E 230 21.66 7.00 43.45
CA LYS E 230 22.45 6.82 44.68
C LYS E 230 22.35 5.43 45.29
N GLU E 231 21.36 4.62 44.96
CA GLU E 231 21.31 3.25 45.47
C GLU E 231 20.42 2.43 44.57
N ILE E 232 20.45 1.11 44.78
CA ILE E 232 19.52 0.24 44.08
C ILE E 232 18.11 0.57 44.53
N VAL E 233 17.17 0.56 43.59
CA VAL E 233 15.76 0.76 43.86
C VAL E 233 15.00 -0.46 43.35
N ILE E 234 14.08 -0.95 44.16
CA ILE E 234 13.20 -2.05 43.81
C ILE E 234 11.80 -1.48 43.64
N ARG E 235 11.15 -1.81 42.53
CA ARG E 235 9.88 -1.20 42.14
C ARG E 235 8.97 -2.26 41.55
N SER E 236 7.75 -2.34 42.08
CA SER E 236 6.72 -3.22 41.56
C SER E 236 5.37 -2.55 41.74
N GLU E 237 4.40 -2.95 40.92
CA GLU E 237 3.06 -2.37 41.04
C GLU E 237 2.43 -2.79 42.36
N ASN E 238 2.67 -4.03 42.79
CA ASN E 238 2.17 -4.51 44.07
C ASN E 238 3.08 -5.66 44.50
N LEU E 239 3.89 -5.42 45.53
CA LEU E 239 4.80 -6.44 46.02
C LEU E 239 4.12 -7.50 46.87
N THR E 240 2.87 -7.26 47.28
CA THR E 240 2.08 -8.31 47.91
C THR E 240 1.78 -9.45 46.93
N ASN E 241 1.80 -9.18 45.63
CA ASN E 241 1.45 -10.15 44.61
C ASN E 241 2.75 -10.80 44.13
N ASN E 242 2.71 -12.12 43.99
CA ASN E 242 3.89 -12.90 43.61
C ASN E 242 3.93 -13.24 42.12
N ALA E 243 2.95 -12.81 41.34
CA ALA E 243 2.95 -13.02 39.90
C ALA E 243 3.48 -11.82 39.13
N LYS E 244 3.37 -10.62 39.70
CA LYS E 244 3.72 -9.42 38.96
C LYS E 244 5.22 -9.24 38.88
N ILE E 245 5.67 -8.53 37.84
CA ILE E 245 7.09 -8.44 37.54
C ILE E 245 7.72 -7.33 38.38
N ILE E 246 8.76 -7.68 39.11
CA ILE E 246 9.47 -6.76 39.99
C ILE E 246 10.72 -6.28 39.26
N ILE E 247 10.87 -4.95 39.18
CA ILE E 247 11.95 -4.32 38.42
C ILE E 247 13.00 -3.84 39.40
N VAL E 248 14.23 -4.35 39.26
CA VAL E 248 15.34 -3.97 40.11
C VAL E 248 16.32 -3.20 39.24
N HIS E 249 16.64 -1.98 39.65
CA HIS E 249 17.35 -1.00 38.85
C HIS E 249 18.63 -0.62 39.59
N LEU E 250 19.78 -1.00 39.03
CA LEU E 250 21.03 -1.00 39.77
C LEU E 250 21.67 0.38 39.84
N HIS E 251 22.57 0.53 40.81
CA HIS E 251 23.43 1.71 40.88
C HIS E 251 24.60 1.59 39.91
N THR E 252 25.48 0.61 40.15
CA THR E 252 26.67 0.43 39.35
C THR E 252 26.43 -0.61 38.25
N PRO E 253 26.92 -0.43 37.03
CA PRO E 253 26.69 -1.46 36.01
C PRO E 253 27.63 -2.64 36.20
N VAL E 254 27.26 -3.75 35.56
CA VAL E 254 28.10 -4.94 35.44
C VAL E 254 28.39 -5.11 33.96
N GLU E 255 29.67 -5.02 33.59
CA GLU E 255 30.04 -5.13 32.19
C GLU E 255 29.92 -6.58 31.74
N ILE E 256 29.40 -6.76 30.51
CA ILE E 256 29.23 -8.07 29.91
C ILE E 256 29.76 -8.00 28.48
N VAL E 257 30.57 -8.99 28.11
CA VAL E 257 31.08 -9.15 26.76
C VAL E 257 30.50 -10.43 26.17
N CYS E 258 30.11 -10.37 24.90
CA CYS E 258 29.56 -11.50 24.17
C CYS E 258 30.29 -11.65 22.84
N THR E 259 30.35 -12.88 22.34
CA THR E 259 31.16 -13.16 21.16
C THR E 259 30.70 -14.44 20.48
N ARG E 260 30.78 -14.43 19.15
CA ARG E 260 30.67 -15.63 18.32
C ARG E 260 32.02 -15.86 17.66
N PRO E 261 32.85 -16.79 18.13
CA PRO E 261 34.20 -16.91 17.54
C PRO E 261 34.23 -17.45 16.12
N ASN E 262 33.17 -18.13 15.67
CA ASN E 262 33.23 -18.80 14.38
C ASN E 262 33.35 -17.78 13.25
N ASN E 263 34.26 -18.07 12.31
CA ASN E 263 34.54 -17.19 11.19
C ASN E 263 33.61 -17.57 10.04
N ASN E 264 32.37 -17.13 10.13
CA ASN E 264 31.38 -17.47 9.12
C ASN E 264 31.66 -16.73 7.81
N THR E 265 30.99 -17.18 6.76
CA THR E 265 31.16 -16.64 5.41
C THR E 265 29.79 -16.24 4.88
N ARG E 266 29.76 -15.22 4.03
CA ARG E 266 28.52 -14.76 3.41
C ARG E 266 28.33 -15.48 2.07
N LYS E 267 27.17 -16.09 1.89
CA LYS E 267 26.78 -16.72 0.64
C LYS E 267 25.48 -16.11 0.17
N SER E 268 25.39 -15.83 -1.13
CA SER E 268 24.25 -15.13 -1.72
C SER E 268 23.59 -16.03 -2.75
N VAL E 269 22.28 -15.87 -2.88
CA VAL E 269 21.45 -16.75 -3.70
C VAL E 269 20.41 -15.92 -4.41
N ARG E 270 20.41 -15.93 -5.75
CA ARG E 270 19.36 -15.26 -6.50
C ARG E 270 18.10 -16.11 -6.46
N ILE E 271 17.02 -15.53 -5.93
CA ILE E 271 15.77 -16.24 -5.72
C ILE E 271 14.64 -15.40 -6.28
N GLY E 272 14.25 -15.67 -7.52
CA GLY E 272 13.27 -14.85 -8.21
C GLY E 272 13.95 -13.71 -8.92
N PRO E 273 13.20 -12.98 -9.74
CA PRO E 273 13.84 -11.96 -10.60
C PRO E 273 14.41 -10.77 -9.83
N GLY E 274 15.74 -10.73 -9.73
CA GLY E 274 16.43 -9.57 -9.20
C GLY E 274 16.42 -9.39 -7.70
N GLN E 275 16.24 -10.46 -6.93
CA GLN E 275 16.24 -10.39 -5.48
C GLN E 275 16.99 -11.58 -4.92
N THR E 276 17.83 -11.33 -3.90
CA THR E 276 18.84 -12.28 -3.46
C THR E 276 18.56 -12.77 -2.05
N PHE E 277 18.57 -14.09 -1.87
CA PHE E 277 18.54 -14.70 -0.55
C PHE E 277 19.97 -14.97 -0.07
N TYR E 278 20.19 -14.71 1.22
CA TYR E 278 21.51 -14.82 1.82
C TYR E 278 21.56 -16.02 2.76
N ALA E 279 22.78 -16.49 3.02
CA ALA E 279 22.96 -17.67 3.84
C ALA E 279 24.43 -17.77 4.22
N THR E 280 24.73 -18.65 5.17
CA THR E 280 26.11 -18.89 5.57
C THR E 280 26.71 -20.00 4.72
N GLY E 281 27.86 -19.70 4.12
CA GLY E 281 28.72 -20.72 3.53
C GLY E 281 29.66 -21.27 4.57
N ASP E 282 30.75 -21.87 4.08
CA ASP E 282 31.62 -22.70 4.92
C ASP E 282 32.12 -21.95 6.14
N ILE E 283 32.15 -22.65 7.27
CA ILE E 283 32.71 -22.10 8.50
C ILE E 283 34.23 -22.19 8.37
N ILE E 284 34.89 -21.04 8.38
CA ILE E 284 36.33 -21.00 8.23
C ILE E 284 36.98 -21.26 9.58
N GLY E 285 38.10 -21.97 9.57
CA GLY E 285 38.77 -22.29 10.81
C GLY E 285 38.05 -23.38 11.59
N ASP E 286 38.26 -23.37 12.89
CA ASP E 286 37.73 -24.38 13.80
C ASP E 286 36.37 -23.95 14.33
N ILE E 287 35.55 -24.93 14.70
CA ILE E 287 34.20 -24.68 15.19
C ILE E 287 34.25 -24.51 16.69
N LYS E 288 33.62 -23.44 17.19
CA LYS E 288 33.67 -23.07 18.60
C LYS E 288 32.30 -22.63 19.07
N GLN E 289 32.22 -22.27 20.35
CA GLN E 289 30.95 -22.01 21.03
C GLN E 289 30.79 -20.52 21.29
N ALA E 290 29.61 -19.99 20.97
CA ALA E 290 29.27 -18.62 21.34
C ALA E 290 28.97 -18.54 22.82
N HIS E 291 29.28 -17.40 23.44
CA HIS E 291 29.13 -17.29 24.89
C HIS E 291 29.18 -15.83 25.31
N CYS E 292 29.00 -15.62 26.61
CA CYS E 292 29.11 -14.30 27.25
C CYS E 292 29.73 -14.47 28.63
N ASN E 293 30.58 -13.52 29.01
CA ASN E 293 31.36 -13.58 30.24
C ASN E 293 30.91 -12.49 31.22
N ILE E 294 30.91 -12.85 32.50
CA ILE E 294 30.58 -11.95 33.60
C ILE E 294 31.61 -12.16 34.70
N SER E 295 32.10 -11.06 35.27
CA SER E 295 33.01 -11.16 36.41
C SER E 295 32.25 -11.68 37.62
N GLU E 296 32.86 -12.64 38.34
CA GLU E 296 32.13 -13.36 39.37
C GLU E 296 31.86 -12.48 40.59
N GLU E 297 32.88 -11.79 41.08
CA GLU E 297 32.73 -11.06 42.33
C GLU E 297 31.79 -9.86 42.16
N LYS E 298 31.80 -9.25 40.97
CA LYS E 298 30.86 -8.18 40.71
C LYS E 298 29.42 -8.69 40.71
N TRP E 299 29.19 -9.88 40.17
CA TRP E 299 27.85 -10.44 40.23
C TRP E 299 27.44 -10.78 41.65
N ASN E 300 28.38 -11.32 42.44
CA ASN E 300 28.07 -11.58 43.85
C ASN E 300 27.72 -10.30 44.58
N ASP E 301 28.50 -9.23 44.35
CA ASP E 301 28.20 -7.95 44.97
C ASP E 301 26.84 -7.42 44.54
N THR E 302 26.52 -7.52 43.25
CA THR E 302 25.24 -7.04 42.76
C THR E 302 24.09 -7.82 43.40
N LEU E 303 24.18 -9.15 43.41
CA LEU E 303 23.11 -9.95 43.98
C LEU E 303 23.00 -9.78 45.48
N GLN E 304 24.11 -9.50 46.18
CA GLN E 304 24.02 -9.25 47.61
C GLN E 304 23.41 -7.90 47.90
N LYS E 305 23.78 -6.87 47.15
CA LYS E 305 23.18 -5.56 47.35
C LYS E 305 21.71 -5.57 47.00
N VAL E 306 21.33 -6.35 45.99
CA VAL E 306 19.91 -6.53 45.69
C VAL E 306 19.23 -7.31 46.81
N GLY E 307 19.95 -8.26 47.42
CA GLY E 307 19.36 -9.00 48.52
C GLY E 307 19.07 -8.13 49.73
N ILE E 308 19.95 -7.16 49.99
CA ILE E 308 19.73 -6.24 51.11
C ILE E 308 18.41 -5.50 50.96
N GLU E 309 17.98 -5.22 49.73
CA GLU E 309 16.74 -4.50 49.48
C GLU E 309 15.54 -5.39 49.22
N LEU E 310 15.75 -6.65 48.85
CA LEU E 310 14.65 -7.59 48.80
C LEU E 310 14.24 -8.03 50.19
N GLN E 311 15.16 -7.97 51.16
CA GLN E 311 14.81 -8.25 52.55
C GLN E 311 14.17 -7.07 53.25
N LYS E 312 14.14 -5.89 52.63
CA LYS E 312 13.37 -4.78 53.18
C LYS E 312 11.88 -5.10 53.26
N HIS E 313 11.41 -6.00 52.41
CA HIS E 313 10.02 -6.48 52.46
C HIS E 313 9.92 -7.92 52.91
N PHE E 314 11.03 -8.67 52.90
CA PHE E 314 11.06 -10.06 53.35
C PHE E 314 12.23 -10.24 54.32
N PRO E 315 12.15 -9.60 55.51
CA PRO E 315 13.33 -9.57 56.38
C PRO E 315 13.73 -10.91 56.93
N ASN E 316 12.80 -11.66 57.52
CA ASN E 316 13.14 -12.93 58.15
C ASN E 316 13.53 -13.98 57.11
N LYS E 317 12.80 -14.05 56.00
CA LYS E 317 12.92 -15.17 55.08
C LYS E 317 14.18 -15.06 54.23
N THR E 318 14.54 -16.18 53.59
CA THR E 318 15.70 -16.22 52.73
C THR E 318 15.29 -15.68 51.35
N ILE E 319 16.28 -15.39 50.50
CA ILE E 319 16.03 -14.81 49.19
C ILE E 319 16.25 -15.78 48.03
N LYS E 320 17.17 -16.74 48.14
CA LYS E 320 17.21 -17.97 47.34
C LYS E 320 16.96 -17.82 45.83
N TYR E 321 17.88 -17.18 45.11
CA TYR E 321 17.75 -17.09 43.65
C TYR E 321 17.73 -18.48 43.01
N ASN E 322 17.14 -18.57 41.82
CA ASN E 322 17.02 -19.85 41.12
C ASN E 322 16.85 -19.63 39.62
N GLN E 323 16.99 -20.73 38.88
CA GLN E 323 16.85 -20.82 37.43
C GLN E 323 15.51 -20.28 36.95
N SER E 324 15.41 -19.96 35.65
CA SER E 324 14.13 -19.66 35.02
C SER E 324 13.14 -20.81 35.25
N ALA E 325 11.85 -20.47 35.25
CA ALA E 325 10.82 -21.46 35.50
C ALA E 325 10.79 -22.53 34.42
N GLY E 326 10.85 -22.13 33.16
CA GLY E 326 10.78 -23.07 32.05
C GLY E 326 10.20 -22.39 30.82
N GLY E 327 9.49 -23.20 30.02
CA GLY E 327 8.87 -22.70 28.82
C GLY E 327 9.74 -22.87 27.58
N ASP E 328 9.34 -22.16 26.53
CA ASP E 328 10.01 -22.28 25.24
C ASP E 328 11.34 -21.53 25.26
N MET E 329 12.07 -21.67 24.16
CA MET E 329 13.41 -21.08 24.05
C MET E 329 13.36 -19.55 24.14
N GLU E 330 12.28 -18.94 23.63
CA GLU E 330 12.15 -17.49 23.73
C GLU E 330 11.78 -17.03 25.13
N ILE E 331 11.25 -17.92 25.98
CA ILE E 331 10.77 -17.53 27.29
C ILE E 331 11.85 -17.66 28.35
N THR E 332 12.68 -18.71 28.26
CA THR E 332 13.60 -19.01 29.36
C THR E 332 14.94 -18.29 29.23
N THR E 333 15.41 -18.04 28.02
CA THR E 333 16.77 -17.55 27.81
C THR E 333 16.82 -16.02 27.91
N HIS E 334 18.05 -15.53 28.08
CA HIS E 334 18.33 -14.09 28.00
C HIS E 334 18.59 -13.76 26.54
N SER E 335 17.52 -13.45 25.81
CA SER E 335 17.62 -13.14 24.40
C SER E 335 17.98 -11.67 24.23
N PHE E 336 18.93 -11.41 23.34
CA PHE E 336 19.31 -10.04 23.02
C PHE E 336 19.87 -10.03 21.61
N ASN E 337 19.92 -8.84 21.03
CA ASN E 337 20.52 -8.61 19.73
C ASN E 337 21.57 -7.53 19.89
N CYS E 338 22.82 -7.88 19.58
CA CYS E 338 23.88 -6.89 19.50
C CYS E 338 25.00 -7.45 18.65
N GLY E 339 25.47 -6.63 17.71
CA GLY E 339 26.26 -7.10 16.60
C GLY E 339 25.45 -7.55 15.40
N GLY E 340 24.12 -7.58 15.51
CA GLY E 340 23.25 -7.95 14.43
C GLY E 340 22.74 -9.39 14.49
N GLU E 341 23.40 -10.26 15.25
CA GLU E 341 22.98 -11.64 15.41
C GLU E 341 22.21 -11.82 16.70
N PHE E 342 21.11 -12.56 16.61
CA PHE E 342 20.23 -12.77 17.76
C PHE E 342 20.79 -13.89 18.63
N PHE E 343 21.27 -13.53 19.82
CA PHE E 343 21.77 -14.47 20.79
C PHE E 343 20.65 -14.93 21.73
N TYR E 344 20.81 -16.12 22.29
CA TYR E 344 19.90 -16.65 23.30
C TYR E 344 20.76 -17.38 24.33
N CYS E 345 21.13 -16.67 25.40
CA CYS E 345 22.13 -17.15 26.34
C CYS E 345 21.47 -17.77 27.57
N ASN E 346 22.05 -18.87 28.05
CA ASN E 346 21.54 -19.56 29.23
C ASN E 346 22.11 -18.90 30.49
N THR E 347 21.23 -18.50 31.39
CA THR E 347 21.59 -17.69 32.55
C THR E 347 21.61 -18.47 33.85
N SER E 348 21.53 -19.81 33.80
CA SER E 348 21.35 -20.60 35.00
C SER E 348 22.52 -20.48 35.97
N ASN E 349 23.70 -20.06 35.49
CA ASN E 349 24.85 -19.90 36.37
C ASN E 349 24.86 -18.55 37.08
N LEU E 350 24.16 -17.56 36.52
CA LEU E 350 24.07 -16.26 37.17
C LEU E 350 23.25 -16.28 38.45
N PHE E 351 22.39 -17.29 38.62
CA PHE E 351 21.46 -17.35 39.74
C PHE E 351 21.50 -18.73 40.38
N ASN E 352 22.70 -19.25 40.60
CA ASN E 352 22.89 -20.62 41.07
C ASN E 352 22.94 -20.74 42.59
N GLY E 353 23.34 -19.66 43.28
CA GLY E 353 23.46 -19.65 44.72
C GLY E 353 22.59 -18.57 45.31
N THR E 354 22.86 -18.14 46.54
CA THR E 354 22.06 -17.08 47.13
C THR E 354 22.73 -16.50 48.37
N TYR E 355 22.62 -15.18 48.46
CA TYR E 355 22.81 -14.44 49.71
C TYR E 355 21.87 -14.98 50.78
N ASN E 356 22.45 -15.48 51.87
CA ASN E 356 21.73 -16.08 52.99
C ASN E 356 21.69 -15.15 54.19
N GLY E 357 21.54 -13.85 53.97
CA GLY E 357 21.61 -12.88 55.05
C GLY E 357 23.04 -12.50 55.38
N THR E 358 23.91 -13.49 55.46
CA THR E 358 25.35 -13.28 55.45
C THR E 358 25.76 -12.38 54.29
N TYR E 359 26.21 -11.17 54.62
CA TYR E 359 26.81 -10.26 53.64
C TYR E 359 28.33 -10.46 53.65
N ILE E 360 28.73 -11.54 52.97
CA ILE E 360 30.11 -11.98 52.98
C ILE E 360 31.01 -10.90 52.40
N SER E 361 32.23 -10.81 52.93
CA SER E 361 33.13 -9.70 52.60
C SER E 361 33.45 -9.69 51.11
N THR E 362 33.48 -8.48 50.53
CA THR E 362 33.68 -8.29 49.11
C THR E 362 35.13 -8.01 48.73
N ASN E 363 36.03 -7.84 49.70
CA ASN E 363 37.43 -7.52 49.44
C ASN E 363 38.30 -8.19 50.49
N SER E 364 39.57 -8.45 50.16
CA SER E 364 40.28 -8.23 48.89
C SER E 364 39.98 -9.35 47.90
N SER E 365 40.08 -9.05 46.61
CA SER E 365 39.73 -10.01 45.57
C SER E 365 40.90 -10.95 45.28
N ALA E 366 40.57 -12.24 45.12
CA ALA E 366 41.59 -13.21 44.74
C ALA E 366 42.03 -13.02 43.30
N ASN E 367 41.06 -12.90 42.38
CA ASN E 367 41.38 -12.63 40.97
C ASN E 367 40.15 -11.99 40.35
N SER E 368 40.18 -10.66 40.19
CA SER E 368 39.07 -9.93 39.61
C SER E 368 38.97 -10.12 38.10
N THR E 369 39.98 -10.67 37.45
CA THR E 369 39.93 -10.96 36.03
C THR E 369 39.22 -12.27 35.70
N SER E 370 38.96 -13.12 36.71
CA SER E 370 38.18 -14.31 36.49
C SER E 370 36.74 -13.94 36.17
N THR E 371 36.07 -14.82 35.41
CA THR E 371 34.73 -14.56 34.92
C THR E 371 33.92 -15.85 34.92
N ILE E 372 32.61 -15.71 34.89
CA ILE E 372 31.67 -16.81 34.74
C ILE E 372 31.01 -16.71 33.36
N THR E 373 31.06 -17.81 32.62
CA THR E 373 30.72 -17.82 31.20
C THR E 373 29.32 -18.40 31.01
N LEU E 374 28.53 -17.74 30.17
CA LEU E 374 27.20 -18.21 29.80
C LEU E 374 27.24 -18.70 28.36
N GLN E 375 26.82 -19.94 28.14
CA GLN E 375 26.79 -20.51 26.81
C GLN E 375 25.51 -20.08 26.09
N CYS E 376 25.66 -19.79 24.80
CA CYS E 376 24.60 -19.16 24.02
C CYS E 376 24.35 -19.93 22.73
N ARG E 377 23.15 -19.74 22.19
CA ARG E 377 22.72 -20.31 20.92
C ARG E 377 22.19 -19.19 20.04
N ILE E 378 22.35 -19.34 18.72
CA ILE E 378 22.05 -18.29 17.76
C ILE E 378 21.00 -18.79 16.79
N LYS E 379 20.06 -17.91 16.45
CA LYS E 379 18.99 -18.20 15.52
C LYS E 379 19.06 -17.27 14.33
N GLN E 380 18.32 -17.61 13.27
CA GLN E 380 18.16 -16.75 12.11
C GLN E 380 16.72 -16.35 11.86
N ILE E 381 15.76 -17.20 12.18
CA ILE E 381 14.33 -16.89 12.09
C ILE E 381 13.88 -16.47 13.47
N ILE E 382 13.23 -15.32 13.56
CA ILE E 382 12.89 -14.69 14.84
C ILE E 382 11.40 -14.43 14.85
N ASN E 383 10.77 -14.68 16.00
CA ASN E 383 9.41 -14.24 16.28
C ASN E 383 9.52 -13.13 17.34
N MET E 384 9.59 -11.90 16.84
CA MET E 384 9.92 -10.73 17.65
C MET E 384 8.79 -10.39 18.63
N TRP E 385 7.60 -10.17 18.09
CA TRP E 385 6.41 -9.94 18.89
C TRP E 385 5.26 -10.67 18.19
N GLN E 386 4.12 -10.72 18.89
CA GLN E 386 2.97 -11.42 18.33
C GLN E 386 2.27 -10.57 17.28
N GLY E 387 2.21 -11.10 16.06
CA GLY E 387 1.32 -10.56 15.05
C GLY E 387 1.86 -9.48 14.14
N VAL E 388 2.97 -8.83 14.52
CA VAL E 388 3.51 -7.74 13.71
C VAL E 388 4.47 -8.31 12.66
N GLY E 389 3.91 -8.87 11.58
CA GLY E 389 4.67 -9.57 10.56
C GLY E 389 5.72 -10.46 11.19
N ARG E 390 5.28 -11.45 11.97
CA ARG E 390 6.05 -11.88 13.12
C ARG E 390 7.42 -12.45 12.76
N CYS E 391 7.59 -13.02 11.58
CA CYS E 391 8.95 -13.36 11.16
C CYS E 391 9.82 -12.15 10.94
N MET E 392 11.09 -12.35 11.19
CA MET E 392 12.16 -11.68 10.47
C MET E 392 13.29 -12.69 10.35
N TYR E 393 13.59 -13.12 9.14
CA TYR E 393 14.80 -13.87 8.88
C TYR E 393 15.97 -12.89 8.90
N ALA E 394 16.84 -13.04 9.89
CA ALA E 394 17.98 -12.13 10.04
C ALA E 394 19.12 -12.66 9.17
N PRO E 395 19.54 -11.94 8.13
CA PRO E 395 20.63 -12.47 7.29
C PRO E 395 21.91 -12.58 8.10
N PRO E 396 22.66 -13.67 7.94
CA PRO E 396 23.85 -13.84 8.79
C PRO E 396 24.95 -12.84 8.44
N ILE E 397 25.77 -12.54 9.43
CA ILE E 397 26.87 -11.59 9.29
C ILE E 397 28.17 -12.38 9.21
N ALA E 398 28.93 -12.16 8.15
CA ALA E 398 30.16 -12.89 7.93
C ALA E 398 31.24 -12.45 8.91
N GLY E 399 32.18 -13.36 9.16
CA GLY E 399 33.23 -13.12 10.12
C GLY E 399 32.80 -13.43 11.53
N ASN E 400 33.76 -13.37 12.44
CA ASN E 400 33.47 -13.48 13.86
C ASN E 400 33.17 -12.09 14.44
N ILE E 401 32.27 -12.08 15.41
CA ILE E 401 31.75 -10.86 16.02
C ILE E 401 31.92 -10.90 17.52
N THR E 402 32.03 -9.72 18.12
CA THR E 402 32.11 -9.56 19.56
C THR E 402 31.25 -8.36 19.92
N CYS E 403 30.68 -8.41 21.11
CA CYS E 403 29.78 -7.38 21.60
C CYS E 403 30.11 -7.11 23.05
N ARG E 404 30.13 -5.83 23.43
CA ARG E 404 30.41 -5.42 24.80
C ARG E 404 29.36 -4.40 25.21
N SER E 405 28.75 -4.60 26.38
CA SER E 405 27.66 -3.77 26.83
C SER E 405 27.64 -3.78 28.35
N ASN E 406 26.81 -2.89 28.92
CA ASN E 406 26.69 -2.70 30.35
C ASN E 406 25.33 -3.20 30.82
N ILE E 407 25.33 -4.06 31.83
CA ILE E 407 24.11 -4.38 32.54
C ILE E 407 23.70 -3.18 33.40
N THR E 408 22.39 -2.97 33.54
CA THR E 408 21.87 -1.88 34.37
C THR E 408 20.70 -2.28 35.24
N GLY E 409 20.06 -3.41 35.01
CA GLY E 409 18.89 -3.76 35.80
C GLY E 409 18.47 -5.19 35.56
N LEU E 410 17.61 -5.67 36.45
CA LEU E 410 17.08 -7.02 36.41
C LEU E 410 15.56 -6.99 36.29
N LEU E 411 15.02 -8.04 35.68
CA LEU E 411 13.62 -8.38 35.80
C LEU E 411 13.53 -9.71 36.54
N LEU E 412 12.89 -9.68 37.72
CA LEU E 412 12.82 -10.85 38.58
C LEU E 412 11.36 -11.23 38.81
N THR E 413 11.15 -12.28 39.60
CA THR E 413 9.83 -12.70 40.00
C THR E 413 9.98 -13.55 41.26
N ARG E 414 9.02 -13.41 42.17
CA ARG E 414 9.01 -14.15 43.42
C ARG E 414 8.12 -15.38 43.25
N ASP E 415 8.69 -16.55 43.48
CA ASP E 415 8.00 -17.79 43.19
C ASP E 415 6.83 -18.00 44.14
N GLY E 416 5.89 -18.84 43.72
CA GLY E 416 4.76 -19.20 44.54
C GLY E 416 5.17 -19.89 45.83
N GLY E 417 4.64 -19.41 46.96
CA GLY E 417 4.96 -20.01 48.24
C GLY E 417 3.96 -21.09 48.64
N THR E 418 4.42 -22.03 49.45
CA THR E 418 3.57 -23.08 49.97
C THR E 418 4.17 -23.62 51.27
N ASN E 419 3.29 -24.18 52.10
CA ASN E 419 3.69 -24.80 53.37
C ASN E 419 4.35 -23.80 54.32
N SER E 420 3.97 -22.52 54.20
CA SER E 420 4.53 -21.45 55.03
C SER E 420 6.05 -21.41 54.95
N ASN E 421 6.58 -21.52 53.74
CA ASN E 421 8.03 -21.66 53.55
C ASN E 421 8.77 -20.43 54.06
N GLU E 422 9.82 -20.69 54.84
CA GLU E 422 10.68 -19.65 55.39
C GLU E 422 11.77 -19.22 54.43
N THR E 423 11.95 -19.90 53.30
CA THR E 423 13.13 -19.76 52.46
C THR E 423 12.80 -19.41 51.01
N GLU E 424 11.82 -18.53 50.79
CA GLU E 424 11.23 -18.38 49.45
C GLU E 424 12.23 -17.77 48.47
N THR E 425 11.99 -18.03 47.18
CA THR E 425 13.00 -17.95 46.14
C THR E 425 12.59 -16.95 45.07
N PHE E 426 13.57 -16.20 44.56
CA PHE E 426 13.41 -15.32 43.41
C PHE E 426 13.96 -15.99 42.16
N ARG E 427 13.56 -15.50 41.00
CA ARG E 427 13.96 -16.06 39.72
C ARG E 427 14.00 -14.95 38.68
N PRO E 428 14.74 -15.13 37.59
CA PRO E 428 14.62 -14.21 36.46
C PRO E 428 13.24 -14.27 35.83
N ALA E 429 12.85 -13.17 35.19
CA ALA E 429 11.54 -13.03 34.56
C ALA E 429 11.69 -12.61 33.10
N GLY E 430 10.92 -13.27 32.23
CA GLY E 430 10.78 -12.83 30.86
C GLY E 430 9.53 -11.97 30.73
N GLY E 431 9.71 -10.75 30.21
CA GLY E 431 8.67 -9.75 30.21
C GLY E 431 8.34 -9.21 28.84
N ASP E 432 7.15 -8.64 28.74
CA ASP E 432 6.78 -7.85 27.57
C ASP E 432 7.61 -6.56 27.55
N MET E 433 7.72 -5.95 26.38
CA MET E 433 8.57 -4.77 26.29
C MET E 433 7.97 -3.54 26.96
N ARG E 434 6.68 -3.57 27.29
CA ARG E 434 6.14 -2.53 28.14
C ARG E 434 6.92 -2.47 29.45
N ASP E 435 7.21 -3.64 30.02
CA ASP E 435 8.00 -3.71 31.24
C ASP E 435 9.41 -3.20 31.02
N ASN E 436 9.99 -3.51 29.86
CA ASN E 436 11.38 -3.13 29.59
C ASN E 436 11.50 -1.62 29.48
N TRP E 437 10.58 -0.99 28.73
CA TRP E 437 10.64 0.46 28.56
C TRP E 437 10.10 1.19 29.79
N ARG E 438 9.31 0.52 30.62
CA ARG E 438 8.82 1.15 31.84
C ARG E 438 9.95 1.51 32.79
N SER E 439 11.09 0.84 32.68
CA SER E 439 12.24 1.19 33.50
C SER E 439 12.90 2.49 33.07
N GLU E 440 12.52 3.05 31.92
CA GLU E 440 13.13 4.27 31.38
C GLU E 440 12.19 5.45 31.35
N LEU E 441 10.90 5.22 31.10
CA LEU E 441 9.91 6.30 31.07
C LEU E 441 9.32 6.60 32.44
N TYR E 442 9.85 5.99 33.51
CA TYR E 442 9.23 6.11 34.82
C TYR E 442 9.21 7.54 35.33
N LYS E 443 10.18 8.36 34.92
CA LYS E 443 10.35 9.68 35.49
C LYS E 443 9.33 10.69 34.99
N TYR E 444 8.59 10.38 33.93
CA TYR E 444 7.89 11.38 33.14
C TYR E 444 6.38 11.20 33.21
N LYS E 445 5.68 12.33 33.15
CA LYS E 445 4.23 12.37 32.98
C LYS E 445 3.89 13.63 32.20
N VAL E 446 2.88 13.52 31.34
CA VAL E 446 2.44 14.62 30.49
C VAL E 446 1.27 15.32 31.16
N VAL E 447 1.30 16.66 31.11
CA VAL E 447 0.22 17.48 31.63
C VAL E 447 -0.23 18.44 30.53
N LYS E 448 -1.53 18.71 30.52
CA LYS E 448 -2.07 19.78 29.68
C LYS E 448 -1.84 21.12 30.37
N ILE E 449 -1.94 22.18 29.60
CA ILE E 449 -1.93 23.54 30.13
C ILE E 449 -3.32 24.12 29.94
N GLU E 450 -3.94 24.57 31.03
CA GLU E 450 -5.29 25.13 31.05
C GLU E 450 -5.14 26.61 31.39
N PRO E 451 -4.84 27.47 30.42
CA PRO E 451 -4.32 28.79 30.74
C PRO E 451 -5.37 29.85 31.04
N LEU E 452 -6.65 29.49 31.14
CA LEU E 452 -7.73 30.46 31.37
C LEU E 452 -8.28 30.25 32.77
N GLY E 453 -8.21 31.31 33.59
CA GLY E 453 -8.69 31.24 34.96
C GLY E 453 -9.56 32.43 35.27
N VAL E 454 -10.24 32.34 36.42
CA VAL E 454 -11.24 33.31 36.85
C VAL E 454 -10.91 33.71 38.29
N ALA E 455 -11.21 34.97 38.64
CA ALA E 455 -10.74 35.54 39.89
C ALA E 455 -11.70 36.56 40.51
N PRO E 456 -11.70 36.72 41.84
CA PRO E 456 -12.23 37.96 42.42
C PRO E 456 -11.20 39.07 42.36
N THR E 457 -11.67 40.30 42.16
CA THR E 457 -10.78 41.39 41.81
C THR E 457 -11.43 42.70 42.25
N ARG E 458 -10.60 43.73 42.42
CA ARG E 458 -11.00 45.00 43.00
C ARG E 458 -11.46 46.05 41.99
N CYS E 459 -11.46 45.75 40.69
CA CYS E 459 -11.85 46.69 39.66
C CYS E 459 -13.10 46.23 38.93
N LYS E 460 -13.73 47.17 38.24
CA LYS E 460 -14.89 46.93 37.39
C LYS E 460 -14.64 47.53 36.02
N ARG E 461 -15.22 46.92 35.00
CA ARG E 461 -15.13 47.43 33.64
C ARG E 461 -15.70 48.84 33.57
N ARG E 462 -14.94 49.74 32.96
CA ARG E 462 -15.28 51.17 32.94
C ARG E 462 -16.33 51.52 31.90
N VAL E 463 -17.47 50.84 31.90
CA VAL E 463 -18.53 51.13 30.95
C VAL E 463 -19.26 52.39 31.37
N LEU F 9 12.24 33.07 34.10
CA LEU F 9 11.88 31.88 34.85
C LEU F 9 11.33 30.75 33.98
N GLY F 10 10.98 31.03 32.72
CA GLY F 10 10.59 29.97 31.80
C GLY F 10 9.10 29.73 31.72
N PHE F 11 8.76 28.56 31.17
CA PHE F 11 7.40 28.23 30.78
C PHE F 11 6.47 28.22 31.99
N LEU F 12 6.67 27.28 32.91
CA LEU F 12 5.84 27.18 34.11
C LEU F 12 6.63 27.72 35.30
N GLY F 13 7.46 28.74 35.05
CA GLY F 13 8.35 29.23 36.08
C GLY F 13 7.64 29.78 37.29
N ALA F 14 6.45 30.34 37.09
CA ALA F 14 5.65 30.90 38.17
C ALA F 14 4.67 29.88 38.77
N ALA F 15 4.68 28.64 38.30
CA ALA F 15 3.87 27.61 38.95
C ALA F 15 4.34 27.42 40.38
N GLY F 16 3.40 27.41 41.32
CA GLY F 16 3.71 27.37 42.72
C GLY F 16 3.91 28.72 43.37
N SER F 17 4.31 29.75 42.61
CA SER F 17 4.40 31.09 43.16
C SER F 17 3.03 31.57 43.60
N THR F 18 3.02 32.67 44.35
CA THR F 18 1.76 33.21 44.85
C THR F 18 0.88 33.64 43.69
N MET F 19 -0.44 33.64 43.93
CA MET F 19 -1.37 34.06 42.88
C MET F 19 -1.08 35.49 42.45
N GLY F 20 -0.69 36.35 43.38
CA GLY F 20 -0.23 37.67 43.02
C GLY F 20 1.03 37.64 42.20
N ALA F 21 2.01 36.83 42.63
CA ALA F 21 3.27 36.76 41.92
C ALA F 21 3.16 35.97 40.62
N ALA F 22 2.15 35.12 40.48
CA ALA F 22 1.91 34.40 39.24
C ALA F 22 0.96 35.11 38.29
N SER F 23 0.25 36.14 38.77
CA SER F 23 -0.67 36.88 37.91
C SER F 23 0.04 37.83 36.96
N MET F 24 1.31 38.13 37.22
CA MET F 24 2.17 38.80 36.25
C MET F 24 2.99 37.73 35.54
N THR F 25 3.72 38.17 34.52
CA THR F 25 4.50 37.26 33.67
C THR F 25 3.60 36.21 33.00
N LEU F 26 2.38 36.61 32.64
CA LEU F 26 1.46 35.70 31.97
C LEU F 26 1.80 35.53 30.49
N THR F 27 2.51 36.49 29.91
CA THR F 27 2.77 36.45 28.47
C THR F 27 3.65 35.28 28.09
N VAL F 28 4.67 34.98 28.91
CA VAL F 28 5.58 33.89 28.60
C VAL F 28 4.85 32.55 28.54
N GLN F 29 3.75 32.41 29.28
CA GLN F 29 2.95 31.20 29.22
C GLN F 29 1.88 31.28 28.13
N ALA F 30 1.48 32.49 27.74
CA ALA F 30 0.56 32.65 26.63
C ALA F 30 1.25 32.43 25.29
N ARG F 31 2.56 32.65 25.24
CA ARG F 31 3.30 32.60 23.98
C ARG F 31 3.61 31.18 23.54
N ASN F 32 3.57 30.20 24.46
CA ASN F 32 3.99 28.84 24.16
C ASN F 32 2.84 27.95 23.68
N LEU F 33 1.63 28.48 23.57
CA LEU F 33 0.48 27.64 23.23
C LEU F 33 0.38 27.35 21.74
N LEU F 34 1.24 27.92 20.90
CA LEU F 34 1.19 27.77 19.45
C LEU F 34 2.56 27.35 18.93
N SER F 35 2.63 26.13 18.39
CA SER F 35 3.83 25.64 17.70
C SER F 35 3.46 24.33 17.02
N GLY F 36 4.38 23.83 16.20
CA GLY F 36 4.14 22.58 15.50
C GLY F 36 5.32 22.02 14.71
N THR F 37 5.44 20.70 14.67
CA THR F 37 6.43 20.02 13.84
C THR F 37 6.09 18.53 13.83
N VAL F 38 6.16 17.90 12.65
CA VAL F 38 5.41 16.68 12.35
C VAL F 38 6.31 15.62 11.73
N TRP F 39 6.05 14.36 12.10
CA TRP F 39 6.15 13.23 11.19
C TRP F 39 4.79 12.53 11.16
N GLY F 40 4.29 12.26 9.95
CA GLY F 40 3.10 11.45 9.80
C GLY F 40 1.82 12.24 9.97
N ILE F 41 0.70 11.52 9.85
CA ILE F 41 -0.62 12.12 9.94
C ILE F 41 -1.04 12.29 11.40
N LYS F 42 -0.59 11.39 12.27
CA LYS F 42 -1.10 11.39 13.64
C LYS F 42 -0.55 12.54 14.46
N GLN F 43 0.51 13.21 13.98
CA GLN F 43 0.99 14.43 14.63
C GLN F 43 0.47 15.69 13.96
N LEU F 44 0.16 15.60 12.66
CA LEU F 44 -0.60 16.67 12.03
C LEU F 44 -1.95 16.86 12.71
N GLN F 45 -2.56 15.74 13.10
CA GLN F 45 -3.78 15.81 13.91
C GLN F 45 -3.54 16.60 15.19
N ALA F 46 -2.40 16.36 15.85
CA ALA F 46 -2.08 17.10 17.07
C ALA F 46 -1.94 18.59 16.81
N ARG F 47 -1.27 18.96 15.72
CA ARG F 47 -1.09 20.37 15.42
C ARG F 47 -2.42 21.07 15.19
N VAL F 48 -3.27 20.50 14.34
CA VAL F 48 -4.54 21.17 14.08
C VAL F 48 -5.40 21.18 15.34
N LEU F 49 -5.27 20.14 16.18
CA LEU F 49 -5.99 20.14 17.46
C LEU F 49 -5.54 21.30 18.35
N ALA F 50 -4.23 21.55 18.41
CA ALA F 50 -3.72 22.66 19.23
C ALA F 50 -4.18 24.00 18.69
N VAL F 51 -4.16 24.16 17.35
CA VAL F 51 -4.63 25.41 16.76
C VAL F 51 -6.10 25.63 17.09
N GLU F 52 -6.89 24.56 16.99
CA GLU F 52 -8.31 24.64 17.34
C GLU F 52 -8.50 25.03 18.79
N ARG F 53 -7.70 24.46 19.70
CA ARG F 53 -7.80 24.81 21.12
C ARG F 53 -7.53 26.28 21.35
N TYR F 54 -6.46 26.78 20.74
CA TYR F 54 -6.11 28.20 20.89
C TYR F 54 -7.24 29.08 20.38
N LEU F 55 -7.79 28.75 19.21
CA LEU F 55 -8.86 29.59 18.66
C LEU F 55 -10.12 29.50 19.51
N ARG F 56 -10.41 28.33 20.09
CA ARG F 56 -11.57 28.20 20.95
C ARG F 56 -11.46 29.11 22.16
N ASP F 57 -10.29 29.08 22.82
CA ASP F 57 -10.12 29.94 23.99
C ASP F 57 -10.17 31.42 23.62
N GLN F 58 -9.55 31.80 22.49
CA GLN F 58 -9.59 33.20 22.06
C GLN F 58 -11.02 33.64 21.74
N GLN F 59 -11.78 32.79 21.07
CA GLN F 59 -13.18 33.09 20.76
C GLN F 59 -13.99 33.24 22.03
N LEU F 60 -13.74 32.39 23.02
CA LEU F 60 -14.44 32.51 24.29
C LEU F 60 -14.12 33.84 24.96
N LEU F 61 -12.85 34.25 24.95
CA LEU F 61 -12.49 35.54 25.52
C LEU F 61 -13.17 36.69 24.78
N GLY F 62 -13.24 36.59 23.45
CA GLY F 62 -13.93 37.63 22.69
C GLY F 62 -15.41 37.71 23.03
N ILE F 63 -16.05 36.55 23.24
CA ILE F 63 -17.46 36.53 23.60
C ILE F 63 -17.70 37.21 24.94
N TRP F 64 -16.71 37.18 25.84
CA TRP F 64 -16.76 37.90 27.11
C TRP F 64 -16.30 39.35 27.01
N GLY F 65 -15.83 39.79 25.85
CA GLY F 65 -15.37 41.17 25.70
C GLY F 65 -13.95 41.43 26.16
N CYS F 66 -13.18 40.39 26.43
CA CYS F 66 -11.78 40.53 26.85
C CYS F 66 -10.80 40.35 25.69
N SER F 67 -11.19 40.78 24.49
CA SER F 67 -10.26 40.77 23.37
C SER F 67 -9.11 41.74 23.63
N GLY F 68 -7.99 41.52 22.96
CA GLY F 68 -6.76 42.13 23.43
C GLY F 68 -6.40 41.63 24.81
N LYS F 69 -6.41 40.30 24.97
CA LYS F 69 -6.53 39.67 26.27
C LYS F 69 -5.30 39.93 27.15
N LEU F 70 -5.38 39.34 28.34
CA LEU F 70 -4.28 38.86 29.18
C LEU F 70 -4.77 38.97 30.61
N ILE F 71 -5.22 40.16 31.00
CA ILE F 71 -5.97 40.39 32.22
C ILE F 71 -7.14 41.30 31.89
N CYS F 72 -8.32 41.00 32.45
CA CYS F 72 -9.55 41.67 32.03
C CYS F 72 -10.60 41.54 33.14
N CYS F 73 -10.83 42.62 33.89
CA CYS F 73 -11.89 42.60 34.89
C CYS F 73 -13.20 43.12 34.31
N THR F 74 -14.30 42.69 34.93
CA THR F 74 -15.63 42.68 34.34
C THR F 74 -16.67 43.17 35.34
N ASN F 75 -17.95 42.85 35.12
CA ASN F 75 -19.02 43.28 36.01
C ASN F 75 -19.83 42.18 36.67
N VAL F 76 -19.80 40.93 36.17
CA VAL F 76 -20.72 39.90 36.63
C VAL F 76 -20.41 39.63 38.10
N PRO F 77 -21.24 40.07 39.05
CA PRO F 77 -20.75 40.21 40.43
C PRO F 77 -20.40 38.88 41.07
N TRP F 78 -19.41 38.94 41.96
CA TRP F 78 -18.90 37.75 42.63
C TRP F 78 -19.93 37.35 43.68
N ASN F 79 -20.79 36.40 43.31
CA ASN F 79 -21.70 35.81 44.28
C ASN F 79 -20.88 35.12 45.36
N SER F 80 -21.25 35.35 46.63
CA SER F 80 -20.46 34.81 47.73
C SER F 80 -20.47 33.28 47.74
N SER F 81 -21.49 32.67 47.16
CA SER F 81 -21.62 31.21 47.15
C SER F 81 -20.59 30.51 46.27
N TRP F 82 -19.74 31.27 45.57
CA TRP F 82 -18.70 30.70 44.72
C TRP F 82 -17.39 30.45 45.48
N SER F 83 -17.02 31.31 46.44
CA SER F 83 -15.81 31.12 47.24
C SER F 83 -16.10 31.03 48.72
N ASN F 84 -16.80 32.02 49.27
CA ASN F 84 -17.01 32.13 50.72
C ASN F 84 -15.67 32.10 51.47
N ARG F 85 -14.67 32.81 50.93
CA ARG F 85 -13.33 32.79 51.47
C ARG F 85 -12.71 34.18 51.38
N ASN F 86 -11.72 34.42 52.23
CA ASN F 86 -11.17 35.75 52.43
C ASN F 86 -10.24 36.15 51.29
N LEU F 87 -10.28 37.42 50.92
CA LEU F 87 -9.54 37.91 49.76
C LEU F 87 -8.03 37.78 49.93
N SER F 88 -7.50 38.24 51.07
CA SER F 88 -6.05 38.26 51.25
C SER F 88 -5.46 36.85 51.26
N GLU F 89 -6.11 35.94 52.00
CA GLU F 89 -5.66 34.55 52.03
C GLU F 89 -5.83 33.86 50.68
N ILE F 90 -6.65 34.43 49.78
CA ILE F 90 -6.76 33.92 48.41
C ILE F 90 -5.66 34.48 47.51
N TRP F 91 -5.24 35.73 47.71
CA TRP F 91 -4.37 36.40 46.75
C TRP F 91 -2.92 36.45 47.19
N ASP F 92 -2.65 36.69 48.47
CA ASP F 92 -1.28 36.86 48.94
C ASP F 92 -0.54 35.52 49.07
N ASN F 93 -1.20 34.47 49.57
CA ASN F 93 -0.52 33.22 49.92
C ASN F 93 -1.27 31.98 49.44
N MET F 94 -1.85 32.03 48.24
CA MET F 94 -2.33 30.87 47.51
C MET F 94 -1.76 30.92 46.10
N THR F 95 -1.66 29.76 45.45
CA THR F 95 -1.11 29.67 44.10
C THR F 95 -2.20 29.17 43.17
N TRP F 96 -2.05 29.51 41.88
CA TRP F 96 -3.13 29.29 40.91
C TRP F 96 -3.44 27.81 40.76
N LEU F 97 -2.43 26.96 40.82
CA LEU F 97 -2.63 25.54 40.55
C LEU F 97 -3.53 24.91 41.62
N GLN F 98 -3.38 25.31 42.88
CA GLN F 98 -4.28 24.87 43.94
C GLN F 98 -5.43 25.83 44.19
N TRP F 99 -5.47 26.96 43.47
CA TRP F 99 -6.70 27.75 43.41
C TRP F 99 -7.77 27.02 42.63
N ASP F 100 -7.39 26.33 41.55
CA ASP F 100 -8.34 25.59 40.75
C ASP F 100 -9.03 24.51 41.57
N LYS F 101 -8.31 23.91 42.52
CA LYS F 101 -8.89 22.89 43.38
C LYS F 101 -9.70 23.51 44.52
N GLU F 102 -10.04 24.80 44.41
CA GLU F 102 -11.01 25.46 45.27
C GLU F 102 -12.17 26.10 44.52
N ILE F 103 -12.08 26.26 43.19
CA ILE F 103 -13.09 26.99 42.42
C ILE F 103 -13.47 26.26 41.13
N SER F 104 -12.90 25.08 40.89
CA SER F 104 -13.17 24.32 39.67
C SER F 104 -14.65 23.97 39.52
N ASN F 105 -15.36 23.84 40.65
CA ASN F 105 -16.75 23.40 40.58
C ASN F 105 -17.65 24.45 39.93
N TYR F 106 -17.25 25.72 39.95
CA TYR F 106 -18.17 26.82 39.70
C TYR F 106 -17.81 27.68 38.48
N THR F 107 -16.74 27.38 37.76
CA THR F 107 -16.36 28.18 36.60
C THR F 107 -17.38 28.06 35.47
N GLN F 108 -17.80 26.82 35.19
CA GLN F 108 -18.71 26.53 34.09
C GLN F 108 -20.04 27.26 34.24
N ILE F 109 -20.48 27.49 35.48
CA ILE F 109 -21.65 28.32 35.71
C ILE F 109 -21.36 29.76 35.32
N ILE F 110 -20.20 30.28 35.72
CA ILE F 110 -19.92 31.71 35.59
C ILE F 110 -19.79 32.11 34.12
N TYR F 111 -19.32 31.18 33.27
CA TYR F 111 -19.04 31.56 31.88
C TYR F 111 -20.28 32.07 31.14
N GLY F 112 -21.43 31.43 31.35
CA GLY F 112 -22.63 31.87 30.65
C GLY F 112 -23.11 33.25 31.05
N LEU F 113 -23.09 33.51 32.36
CA LEU F 113 -23.37 34.87 32.83
C LEU F 113 -22.38 35.85 32.23
N LEU F 114 -21.12 35.44 32.15
CA LEU F 114 -20.06 36.32 31.69
C LEU F 114 -20.18 36.60 30.19
N GLU F 115 -20.90 35.75 29.47
CA GLU F 115 -21.27 36.04 28.08
C GLU F 115 -22.46 36.99 28.01
N GLU F 116 -23.54 36.67 28.73
CA GLU F 116 -24.75 37.46 28.58
C GLU F 116 -24.56 38.88 29.12
N SER F 117 -23.64 39.08 30.05
CA SER F 117 -23.31 40.45 30.46
C SER F 117 -22.65 41.23 29.33
N GLN F 118 -21.81 40.57 28.54
CA GLN F 118 -21.24 41.23 27.37
C GLN F 118 -22.35 41.60 26.39
N ASN F 119 -23.32 40.73 26.23
CA ASN F 119 -24.47 41.08 25.38
C ASN F 119 -25.18 42.30 25.93
N GLN F 120 -25.38 42.33 27.24
CA GLN F 120 -26.08 43.41 27.92
C GLN F 120 -25.35 44.75 27.83
N GLN F 121 -24.03 44.76 27.72
CA GLN F 121 -23.31 46.01 27.42
C GLN F 121 -23.31 46.37 25.94
N GLU F 122 -23.28 45.38 25.04
CA GLU F 122 -23.33 45.70 23.62
C GLU F 122 -24.67 46.32 23.24
N LYS F 123 -25.73 45.93 23.94
CA LYS F 123 -27.02 46.62 23.81
C LYS F 123 -26.86 48.13 24.01
N ASN F 124 -26.19 48.54 25.08
CA ASN F 124 -26.00 49.96 25.33
C ASN F 124 -25.05 50.59 24.32
N GLU F 125 -23.99 49.86 23.93
CA GLU F 125 -23.08 50.35 22.89
C GLU F 125 -23.85 50.71 21.61
N GLN F 126 -24.91 49.95 21.30
CA GLN F 126 -25.81 50.32 20.21
C GLN F 126 -26.67 51.52 20.59
N ASP F 127 -27.46 51.39 21.67
CA ASP F 127 -28.52 52.34 21.93
C ASP F 127 -27.99 53.75 22.22
N LEU F 128 -27.08 53.86 23.18
CA LEU F 128 -26.64 55.20 23.61
C LEU F 128 -25.91 55.92 22.48
N LEU F 129 -25.13 55.18 21.69
CA LEU F 129 -24.50 55.79 20.53
C LEU F 129 -25.52 56.22 19.49
N ALA F 130 -26.59 55.43 19.32
CA ALA F 130 -27.65 55.84 18.39
C ALA F 130 -28.32 57.14 18.84
N LEU F 131 -28.58 57.28 20.13
CA LEU F 131 -29.18 58.51 20.64
C LEU F 131 -28.25 59.69 20.44
N ASP F 132 -26.97 59.52 20.70
CA ASP F 132 -25.99 60.59 20.55
C ASP F 132 -25.82 60.95 19.08
N GLU G 1 58.58 -35.18 30.65
CA GLU G 1 58.98 -34.27 29.54
C GLU G 1 57.94 -34.35 28.42
N VAL G 2 58.15 -33.54 27.39
CA VAL G 2 57.21 -33.38 26.28
C VAL G 2 57.91 -33.78 25.00
N GLN G 3 57.47 -34.90 24.40
CA GLN G 3 58.03 -35.39 23.15
C GLN G 3 56.90 -35.90 22.26
N LEU G 4 57.14 -35.87 20.95
CA LEU G 4 56.17 -36.29 19.93
C LEU G 4 56.85 -37.25 18.95
N VAL G 5 57.45 -38.31 19.51
CA VAL G 5 58.28 -39.27 18.77
C VAL G 5 57.55 -39.84 17.55
N GLN G 6 58.06 -39.57 16.36
CA GLN G 6 57.45 -40.05 15.13
C GLN G 6 57.90 -41.49 14.85
N SER G 7 57.34 -42.06 13.78
CA SER G 7 57.71 -43.38 13.29
C SER G 7 59.08 -43.35 12.63
N GLY G 8 59.49 -44.51 12.08
CA GLY G 8 60.66 -44.55 11.22
C GLY G 8 60.34 -44.15 9.81
N ALA G 9 61.40 -43.88 9.03
CA ALA G 9 61.23 -43.43 7.66
C ALA G 9 60.92 -44.59 6.73
N GLU G 10 60.02 -44.34 5.78
CA GLU G 10 59.66 -45.29 4.74
C GLU G 10 59.35 -44.51 3.47
N MET G 11 59.58 -45.14 2.32
CA MET G 11 59.50 -44.45 1.05
C MET G 11 58.93 -45.38 -0.02
N LYS G 12 58.16 -44.79 -0.93
CA LYS G 12 57.68 -45.43 -2.14
C LYS G 12 58.08 -44.56 -3.33
N ASN G 13 57.72 -45.01 -4.53
CA ASN G 13 58.14 -44.34 -5.76
C ASN G 13 57.22 -43.16 -6.07
N PRO G 14 57.64 -42.27 -6.97
CA PRO G 14 56.75 -41.16 -7.37
C PRO G 14 55.47 -41.66 -8.00
N GLY G 15 54.39 -40.90 -7.78
CA GLY G 15 53.07 -41.28 -8.23
C GLY G 15 52.27 -42.10 -7.24
N ALA G 16 52.94 -42.75 -6.29
CA ALA G 16 52.28 -43.53 -5.25
C ALA G 16 51.98 -42.62 -4.06
N SER G 17 51.62 -43.21 -2.92
CA SER G 17 51.38 -42.49 -1.69
C SER G 17 52.25 -43.09 -0.58
N VAL G 18 52.42 -42.33 0.51
CA VAL G 18 53.25 -42.74 1.64
C VAL G 18 52.55 -42.33 2.94
N LYS G 19 53.18 -42.72 4.06
CA LYS G 19 52.61 -42.61 5.40
C LYS G 19 53.68 -42.18 6.40
N VAL G 20 53.28 -41.33 7.35
CA VAL G 20 54.05 -41.02 8.54
C VAL G 20 53.09 -40.93 9.71
N SER G 21 53.48 -41.49 10.86
CA SER G 21 52.70 -41.46 12.09
C SER G 21 53.43 -40.66 13.15
N CYS G 22 52.67 -39.94 13.98
CA CYS G 22 53.18 -38.98 14.94
C CYS G 22 52.69 -39.31 16.35
N ALA G 23 53.56 -39.84 17.18
CA ALA G 23 53.16 -40.25 18.53
C ALA G 23 53.18 -39.03 19.46
N ALA G 24 52.95 -39.27 20.75
CA ALA G 24 52.98 -38.22 21.76
C ALA G 24 53.24 -38.84 23.12
N SER G 25 53.96 -38.10 23.96
CA SER G 25 54.22 -38.52 25.33
C SER G 25 54.95 -37.39 26.04
N GLY G 26 54.84 -37.35 27.37
CA GLY G 26 53.94 -38.04 28.28
C GLY G 26 52.66 -37.24 28.49
N TYR G 27 52.72 -35.95 28.16
CA TYR G 27 51.58 -35.05 28.28
C TYR G 27 50.41 -35.58 27.45
N GLY G 28 49.22 -35.04 27.73
CA GLY G 28 48.02 -35.53 27.08
C GLY G 28 48.02 -35.24 25.59
N PHE G 29 47.12 -35.92 24.88
CA PHE G 29 47.07 -35.83 23.43
C PHE G 29 45.96 -34.91 22.94
N THR G 30 44.77 -34.99 23.52
CA THR G 30 43.62 -34.26 23.02
C THR G 30 43.56 -32.83 23.52
N ASP G 31 44.69 -32.28 23.95
CA ASP G 31 44.75 -30.98 24.61
C ASP G 31 45.46 -29.91 23.80
N PHE G 32 46.27 -30.29 22.82
CA PHE G 32 46.99 -29.37 21.94
C PHE G 32 46.71 -29.74 20.50
N TYR G 33 46.76 -28.75 19.62
CA TYR G 33 46.72 -29.04 18.20
C TYR G 33 47.98 -29.78 17.80
N ILE G 34 47.86 -30.65 16.78
CA ILE G 34 49.00 -31.34 16.18
C ILE G 34 49.17 -30.80 14.77
N HIS G 35 50.37 -30.28 14.49
CA HIS G 35 50.69 -29.63 13.23
C HIS G 35 51.70 -30.46 12.44
N TRP G 36 51.60 -30.40 11.12
CA TRP G 36 52.52 -31.05 10.20
C TRP G 36 53.19 -29.98 9.34
N VAL G 37 54.52 -30.03 9.27
CA VAL G 37 55.29 -29.13 8.42
C VAL G 37 56.30 -29.94 7.63
N ARG G 38 56.79 -29.36 6.54
CA ARG G 38 57.69 -30.02 5.61
C ARG G 38 58.88 -29.10 5.34
N LEU G 39 60.08 -29.70 5.27
CA LEU G 39 61.33 -28.99 5.05
C LEU G 39 62.06 -29.65 3.88
N ALA G 40 61.86 -29.12 2.68
CA ALA G 40 62.37 -29.77 1.48
C ALA G 40 63.90 -29.71 1.42
N PRO G 41 64.53 -30.60 0.66
CA PRO G 41 66.00 -30.77 0.78
C PRO G 41 66.81 -29.58 0.29
N GLY G 42 66.29 -28.78 -0.64
CA GLY G 42 67.00 -27.61 -1.15
C GLY G 42 66.10 -26.39 -1.11
N HIS G 43 65.34 -26.26 -0.02
CA HIS G 43 64.28 -25.28 0.09
C HIS G 43 64.19 -24.83 1.55
N GLY G 44 63.34 -23.84 1.80
CA GLY G 44 62.94 -23.51 3.16
C GLY G 44 61.93 -24.52 3.67
N LEU G 45 60.88 -24.04 4.34
CA LEU G 45 59.95 -24.89 5.06
C LEU G 45 58.52 -24.59 4.62
N GLN G 46 57.67 -25.60 4.76
CA GLN G 46 56.29 -25.55 4.29
C GLN G 46 55.36 -26.03 5.41
N TRP G 47 54.06 -25.87 5.19
CA TRP G 47 53.04 -26.23 6.16
C TRP G 47 52.01 -27.16 5.51
N MET G 48 51.68 -28.24 6.20
CA MET G 48 50.78 -29.26 5.67
C MET G 48 49.36 -29.08 6.15
N GLY G 49 49.16 -28.92 7.45
CA GLY G 49 47.82 -28.76 7.99
C GLY G 49 47.86 -28.90 9.49
N TRP G 50 46.74 -28.51 10.11
CA TRP G 50 46.56 -28.64 11.54
C TRP G 50 45.52 -29.70 11.84
N MET G 51 45.80 -30.52 12.85
CA MET G 51 44.92 -31.56 13.34
C MET G 51 44.32 -31.12 14.66
N ASN G 52 43.01 -31.22 14.78
CA ASN G 52 42.33 -31.11 16.07
C ASN G 52 42.21 -32.52 16.64
N PRO G 53 43.10 -32.96 17.53
CA PRO G 53 43.04 -34.37 17.97
C PRO G 53 41.78 -34.75 18.74
N LYS G 54 40.99 -33.79 19.21
CA LYS G 54 39.78 -34.13 19.96
C LYS G 54 38.63 -34.49 19.03
N THR G 55 38.19 -33.53 18.21
CA THR G 55 37.01 -33.74 17.38
C THR G 55 37.34 -34.32 16.01
N GLY G 56 38.56 -34.14 15.53
CA GLY G 56 38.94 -34.58 14.20
C GLY G 56 38.78 -33.55 13.11
N ARG G 57 38.32 -32.34 13.44
CA ARG G 57 38.28 -31.27 12.46
C ARG G 57 39.71 -30.96 12.01
N THR G 58 39.87 -30.63 10.73
CA THR G 58 41.19 -30.36 10.18
C THR G 58 41.10 -29.29 9.11
N ASN G 59 42.24 -28.65 8.85
CA ASN G 59 42.41 -27.80 7.69
C ASN G 59 43.84 -27.99 7.19
N ASN G 60 44.01 -27.87 5.87
CA ASN G 60 45.26 -28.19 5.21
C ASN G 60 45.59 -27.10 4.21
N ALA G 61 46.87 -26.96 3.92
CA ALA G 61 47.32 -26.01 2.92
C ALA G 61 46.67 -26.31 1.57
N GLN G 62 46.22 -25.26 0.89
CA GLN G 62 45.46 -25.43 -0.34
C GLN G 62 46.23 -26.21 -1.41
N ASP G 63 47.56 -26.12 -1.43
CA ASP G 63 48.33 -26.91 -2.39
C ASP G 63 48.24 -28.40 -2.11
N PHE G 64 47.84 -28.81 -0.91
CA PHE G 64 47.54 -30.19 -0.58
C PHE G 64 46.06 -30.40 -0.27
N GLN G 65 45.17 -29.82 -1.08
CA GLN G 65 43.74 -29.86 -0.77
C GLN G 65 43.21 -31.29 -0.73
N GLY G 66 43.46 -32.06 -1.79
CA GLY G 66 43.02 -33.44 -1.86
C GLY G 66 44.11 -34.45 -1.58
N ARG G 67 45.37 -34.01 -1.60
CA ARG G 67 46.50 -34.93 -1.52
C ARG G 67 46.79 -35.42 -0.11
N VAL G 68 46.28 -34.75 0.93
CA VAL G 68 46.61 -35.06 2.31
C VAL G 68 45.34 -35.06 3.14
N THR G 69 45.16 -36.11 3.93
CA THR G 69 44.06 -36.23 4.88
C THR G 69 44.61 -36.67 6.23
N LEU G 70 44.24 -35.94 7.28
CA LEU G 70 44.81 -36.13 8.61
C LEU G 70 43.82 -36.87 9.51
N THR G 71 44.35 -37.73 10.38
CA THR G 71 43.54 -38.57 11.24
C THR G 71 44.32 -38.87 12.52
N ARG G 72 43.64 -39.42 13.52
CA ARG G 72 44.27 -39.68 14.81
C ARG G 72 43.56 -40.82 15.53
N ASP G 73 44.28 -41.39 16.50
CA ASP G 73 43.75 -42.37 17.45
C ASP G 73 44.15 -41.86 18.83
N THR G 74 43.16 -41.41 19.61
CA THR G 74 43.44 -40.77 20.88
C THR G 74 43.91 -41.76 21.95
N SER G 75 43.42 -43.00 21.94
CA SER G 75 43.85 -43.97 22.93
C SER G 75 45.34 -44.30 22.81
N ILE G 76 45.84 -44.50 21.58
CA ILE G 76 47.26 -44.70 21.39
C ILE G 76 48.02 -43.40 21.65
N GLY G 77 47.52 -42.29 21.09
CA GLY G 77 48.21 -41.02 21.11
C GLY G 77 49.04 -40.84 19.85
N THR G 78 48.44 -41.09 18.69
CA THR G 78 49.14 -41.08 17.42
C THR G 78 48.27 -40.40 16.37
N ALA G 79 48.93 -39.76 15.40
CA ALA G 79 48.26 -39.07 14.30
C ALA G 79 48.97 -39.37 13.00
N TYR G 80 48.19 -39.41 11.91
CA TYR G 80 48.63 -39.92 10.62
C TYR G 80 48.47 -38.86 9.54
N MET G 81 49.49 -38.72 8.70
CA MET G 81 49.43 -37.91 7.49
C MET G 81 49.87 -38.77 6.32
N GLU G 82 49.06 -38.81 5.27
CA GLU G 82 49.29 -39.66 4.12
C GLU G 82 49.26 -38.80 2.87
N LEU G 83 50.42 -38.62 2.25
CA LEU G 83 50.56 -37.77 1.08
C LEU G 83 50.44 -38.63 -0.18
N ARG G 84 49.57 -38.22 -1.08
CA ARG G 84 49.28 -38.93 -2.32
C ARG G 84 49.77 -38.13 -3.52
N ARG G 85 49.80 -38.80 -4.68
CA ARG G 85 50.19 -38.16 -5.94
C ARG G 85 51.61 -37.60 -5.85
N LEU G 86 52.56 -38.45 -5.52
CA LEU G 86 53.88 -37.99 -5.12
C LEU G 86 54.71 -37.53 -6.31
N THR G 87 55.72 -36.71 -6.01
CA THR G 87 56.73 -36.30 -6.98
C THR G 87 58.08 -36.27 -6.26
N SER G 88 59.14 -36.09 -7.04
CA SER G 88 60.46 -35.92 -6.43
C SER G 88 60.52 -34.66 -5.59
N ASP G 89 59.77 -33.62 -5.97
CA ASP G 89 59.73 -32.38 -5.22
C ASP G 89 59.09 -32.55 -3.84
N ASP G 90 58.38 -33.65 -3.62
CA ASP G 90 57.84 -33.97 -2.31
C ASP G 90 58.84 -34.70 -1.41
N THR G 91 60.13 -34.55 -1.66
CA THR G 91 61.15 -34.99 -0.72
C THR G 91 61.31 -33.95 0.39
N ALA G 92 61.57 -34.44 1.60
CA ALA G 92 61.82 -33.57 2.75
C ALA G 92 62.15 -34.45 3.95
N VAL G 93 62.59 -33.80 5.03
CA VAL G 93 62.61 -34.41 6.36
C VAL G 93 61.32 -33.97 7.05
N TYR G 94 60.35 -34.87 7.13
CA TYR G 94 59.01 -34.54 7.60
C TYR G 94 59.04 -34.38 9.12
N TYR G 95 58.40 -33.30 9.61
CA TYR G 95 58.32 -33.04 11.04
C TYR G 95 56.88 -32.91 11.48
N CYS G 96 56.65 -33.29 12.74
CA CYS G 96 55.35 -33.24 13.40
C CYS G 96 55.46 -32.49 14.71
N VAL G 97 54.44 -31.70 15.01
CA VAL G 97 54.54 -30.66 16.03
C VAL G 97 53.25 -30.60 16.84
N THR G 98 53.38 -30.28 18.13
CA THR G 98 52.24 -29.88 18.94
C THR G 98 52.08 -28.37 18.82
N GLY G 99 50.93 -27.93 18.32
CA GLY G 99 50.64 -26.52 18.25
C GLY G 99 50.19 -25.99 19.58
N GLY G 100 49.20 -25.10 19.57
CA GLY G 100 48.76 -24.44 20.78
C GLY G 100 47.66 -25.21 21.48
N TRP G 101 47.41 -24.78 22.72
CA TRP G 101 46.36 -25.36 23.55
C TRP G 101 45.00 -25.16 22.88
N ILE G 102 44.05 -26.02 23.24
CA ILE G 102 42.73 -26.03 22.64
C ILE G 102 41.74 -25.52 23.68
N SER G 103 41.02 -24.43 23.32
CA SER G 103 39.94 -23.90 24.14
C SER G 103 38.60 -24.12 23.46
N PRO G 104 37.51 -24.30 24.20
CA PRO G 104 36.19 -24.36 23.54
C PRO G 104 35.68 -23.00 23.09
N TYR G 105 36.35 -21.90 23.49
CA TYR G 105 35.78 -20.57 23.37
C TYR G 105 36.42 -19.72 22.29
N TYR G 106 37.57 -20.11 21.74
CA TYR G 106 38.20 -19.32 20.70
C TYR G 106 39.09 -20.23 19.87
N ASP G 107 39.45 -19.74 18.69
CA ASP G 107 40.19 -20.52 17.69
C ASP G 107 41.67 -20.21 17.83
N SER G 108 42.42 -21.14 18.40
CA SER G 108 43.87 -21.08 18.51
C SER G 108 44.57 -21.97 17.48
N SER G 109 43.83 -22.47 16.48
CA SER G 109 44.38 -23.48 15.58
C SER G 109 45.49 -22.90 14.72
N TYR G 110 45.32 -21.68 14.24
CA TYR G 110 46.23 -21.04 13.30
C TYR G 110 47.34 -20.26 13.99
N TYR G 111 47.65 -20.58 15.24
CA TYR G 111 48.73 -19.92 15.97
C TYR G 111 50.02 -20.67 15.71
N PRO G 112 51.07 -20.04 15.15
CA PRO G 112 52.27 -20.82 14.82
C PRO G 112 53.19 -21.07 16.03
N ASN G 113 52.62 -21.50 17.15
CA ASN G 113 53.39 -21.77 18.36
C ASN G 113 53.93 -23.20 18.32
N PHE G 114 54.83 -23.44 17.35
CA PHE G 114 55.34 -24.78 17.07
C PHE G 114 56.34 -25.14 18.15
N ASP G 115 55.82 -25.61 19.27
CA ASP G 115 56.61 -25.69 20.49
C ASP G 115 57.51 -26.92 20.48
N HIS G 116 56.92 -28.10 20.54
CA HIS G 116 57.63 -29.37 20.59
C HIS G 116 57.39 -30.14 19.30
N TRP G 117 58.44 -30.82 18.83
CA TRP G 117 58.48 -31.39 17.50
C TRP G 117 58.65 -32.90 17.59
N GLY G 118 58.51 -33.57 16.43
CA GLY G 118 58.89 -34.96 16.31
C GLY G 118 60.32 -35.13 15.82
N GLN G 119 60.88 -36.31 16.02
CA GLN G 119 62.31 -36.51 15.79
C GLN G 119 62.67 -36.72 14.32
N GLY G 120 61.72 -36.53 13.40
CA GLY G 120 62.05 -36.43 12.00
C GLY G 120 62.18 -37.74 11.27
N THR G 121 61.73 -37.76 10.02
CA THR G 121 61.80 -38.92 9.14
C THR G 121 62.15 -38.46 7.73
N LEU G 122 63.10 -39.14 7.10
CA LEU G 122 63.67 -38.73 5.81
C LEU G 122 62.90 -39.39 4.67
N ILE G 123 61.81 -38.76 4.27
CA ILE G 123 61.02 -39.23 3.13
C ILE G 123 61.55 -38.61 1.85
N THR G 124 62.61 -39.22 1.30
CA THR G 124 63.00 -38.94 -0.08
C THR G 124 62.16 -39.81 -1.00
N VAL G 125 61.44 -39.17 -1.92
CA VAL G 125 60.57 -39.89 -2.86
C VAL G 125 61.50 -40.53 -3.88
N SER G 126 61.99 -41.72 -3.56
CA SER G 126 63.13 -42.30 -4.24
C SER G 126 62.74 -42.87 -5.60
N GLN H 1 59.99 -16.44 -5.69
CA GLN H 1 59.75 -16.38 -4.22
C GLN H 1 58.60 -17.31 -3.82
N SER H 2 58.59 -17.71 -2.55
CA SER H 2 57.56 -18.61 -2.04
C SER H 2 57.29 -18.27 -0.58
N ALA H 3 56.00 -18.29 -0.21
CA ALA H 3 55.58 -18.03 1.16
C ALA H 3 56.06 -16.65 1.60
N LEU H 4 56.42 -16.48 2.88
CA LEU H 4 57.03 -15.24 3.33
C LEU H 4 58.40 -15.03 2.69
N THR H 5 58.67 -13.79 2.28
CA THR H 5 59.97 -13.44 1.71
C THR H 5 61.02 -13.38 2.81
N GLN H 6 62.20 -13.93 2.55
CA GLN H 6 63.30 -13.91 3.49
C GLN H 6 64.62 -13.77 2.75
N PRO H 7 65.66 -13.23 3.40
CA PRO H 7 67.01 -13.34 2.83
C PRO H 7 67.45 -14.80 2.73
N ALA H 8 68.27 -15.08 1.71
CA ALA H 8 68.79 -16.43 1.54
C ALA H 8 69.87 -16.75 2.56
N SER H 9 70.77 -15.81 2.83
CA SER H 9 71.78 -15.99 3.85
C SER H 9 72.29 -14.63 4.31
N VAL H 10 72.67 -14.57 5.59
CA VAL H 10 73.15 -13.35 6.22
C VAL H 10 74.38 -13.74 7.03
N SER H 11 75.17 -12.76 7.43
CA SER H 11 76.39 -13.05 8.18
C SER H 11 76.80 -11.81 8.96
N GLY H 12 77.88 -11.97 9.74
CA GLY H 12 78.40 -10.91 10.57
C GLY H 12 79.38 -11.44 11.60
N SER H 13 80.43 -10.69 11.89
CA SER H 13 81.44 -11.13 12.83
C SER H 13 80.89 -11.10 14.26
N PRO H 14 81.57 -11.75 15.21
CA PRO H 14 81.12 -11.69 16.60
C PRO H 14 81.02 -10.25 17.11
N GLY H 15 79.90 -9.94 17.76
CA GLY H 15 79.65 -8.62 18.28
C GLY H 15 79.03 -7.64 17.30
N GLN H 16 78.81 -8.05 16.06
CA GLN H 16 78.24 -7.15 15.05
C GLN H 16 76.72 -7.22 15.04
N SER H 17 76.11 -6.18 14.50
CA SER H 17 74.66 -6.05 14.48
C SER H 17 74.09 -6.60 13.17
N ILE H 18 73.01 -7.38 13.31
CA ILE H 18 72.39 -8.09 12.19
C ILE H 18 70.89 -7.90 12.29
N THR H 19 70.19 -8.01 11.17
CA THR H 19 68.75 -8.17 11.15
C THR H 19 68.37 -9.10 10.00
N ILE H 20 67.66 -10.17 10.32
CA ILE H 20 67.16 -11.14 9.34
C ILE H 20 65.65 -10.95 9.29
N SER H 21 65.16 -10.29 8.24
CA SER H 21 63.78 -9.86 8.19
C SER H 21 62.91 -10.84 7.42
N CYS H 22 61.63 -10.82 7.74
CA CYS H 22 60.61 -11.67 7.14
C CYS H 22 59.40 -10.79 6.82
N THR H 23 58.85 -10.93 5.61
CA THR H 23 57.83 -10.02 5.11
C THR H 23 56.69 -10.78 4.44
N GLY H 24 55.46 -10.29 4.68
CA GLY H 24 54.27 -10.86 4.09
C GLY H 24 53.28 -9.78 3.71
N THR H 25 52.11 -10.23 3.26
CA THR H 25 51.07 -9.34 2.73
C THR H 25 50.14 -8.86 3.85
N SER H 26 49.05 -8.21 3.45
CA SER H 26 48.04 -7.77 4.42
C SER H 26 47.18 -8.92 4.92
N TYR H 27 47.17 -10.06 4.24
CA TYR H 27 46.53 -11.28 4.68
C TYR H 27 47.46 -12.15 5.51
N ASP H 28 48.39 -11.52 6.22
CA ASP H 28 49.63 -12.15 6.66
C ASP H 28 50.08 -11.39 7.90
N VAL H 29 51.40 -11.29 8.14
CA VAL H 29 52.00 -10.74 9.35
C VAL H 29 51.34 -9.45 9.85
N ALA H 30 50.72 -8.67 8.94
CA ALA H 30 50.12 -7.39 9.32
C ALA H 30 49.15 -7.50 10.49
N LYS H 31 48.24 -8.48 10.45
CA LYS H 31 47.05 -8.40 11.29
C LYS H 31 47.33 -8.75 12.76
N PHE H 32 47.71 -10.00 13.03
CA PHE H 32 47.55 -10.58 14.36
C PHE H 32 48.83 -10.62 15.19
N ASP H 33 49.94 -10.10 14.69
CA ASP H 33 51.23 -10.19 15.38
C ASP H 33 51.63 -11.64 15.63
N LEU H 34 51.18 -12.56 14.78
CA LEU H 34 51.45 -13.98 14.95
C LEU H 34 52.65 -14.33 14.07
N VAL H 35 53.84 -14.20 14.66
CA VAL H 35 55.10 -14.46 13.97
C VAL H 35 56.04 -15.16 14.95
N SER H 36 56.78 -16.14 14.45
CA SER H 36 57.71 -16.89 15.29
C SER H 36 58.91 -17.31 14.46
N TRP H 37 60.02 -17.57 15.16
CA TRP H 37 61.31 -17.83 14.55
C TRP H 37 61.90 -19.12 15.11
N PHE H 38 62.54 -19.89 14.25
CA PHE H 38 63.17 -21.15 14.61
C PHE H 38 64.55 -21.19 13.98
N GLN H 39 65.52 -21.74 14.73
CA GLN H 39 66.91 -21.80 14.27
C GLN H 39 67.39 -23.24 14.37
N GLN H 40 67.35 -23.94 13.24
CA GLN H 40 67.73 -25.35 13.16
C GLN H 40 69.23 -25.49 12.95
N HIS H 41 69.82 -26.46 13.64
CA HIS H 41 71.14 -26.98 13.31
C HIS H 41 70.98 -28.29 12.54
N PRO H 42 72.03 -28.74 11.85
CA PRO H 42 71.91 -30.01 11.10
C PRO H 42 71.63 -31.19 12.01
N GLY H 43 70.73 -32.05 11.57
CA GLY H 43 70.36 -33.23 12.34
C GLY H 43 69.79 -32.92 13.71
N LYS H 44 68.99 -31.87 13.82
CA LYS H 44 68.44 -31.42 15.09
C LYS H 44 67.01 -30.92 14.86
N ALA H 45 66.40 -30.46 15.95
CA ALA H 45 65.10 -29.81 15.84
C ALA H 45 65.25 -28.35 15.41
N PRO H 46 64.21 -27.75 14.83
CA PRO H 46 64.18 -26.28 14.71
C PRO H 46 63.87 -25.59 16.04
N LYS H 47 64.92 -25.36 16.83
CA LYS H 47 64.81 -24.75 18.16
C LYS H 47 63.98 -23.47 18.17
N TYR H 48 63.00 -23.43 19.08
CA TYR H 48 61.90 -22.46 19.08
C TYR H 48 62.31 -21.18 19.80
N MET H 49 62.72 -20.15 19.04
CA MET H 49 63.47 -19.02 19.59
C MET H 49 62.61 -17.80 19.90
N ILE H 50 61.65 -17.46 19.05
CA ILE H 50 60.82 -16.27 19.25
C ILE H 50 59.41 -16.60 18.78
N TYR H 51 58.43 -16.03 19.49
CA TYR H 51 57.03 -16.19 19.15
C TYR H 51 56.27 -15.00 19.69
N GLU H 52 55.04 -14.83 19.19
CA GLU H 52 54.27 -13.62 19.43
C GLU H 52 55.13 -12.38 19.16
N VAL H 53 55.57 -12.27 17.90
CA VAL H 53 56.56 -11.31 17.38
C VAL H 53 57.81 -11.17 18.25
N ASN H 54 57.67 -10.78 19.52
CA ASN H 54 58.80 -10.34 20.33
C ASN H 54 59.14 -11.23 21.52
N LYS H 55 58.22 -12.07 21.98
CA LYS H 55 58.46 -12.84 23.20
C LYS H 55 59.50 -13.93 22.99
N TRP H 56 60.15 -14.33 24.08
CA TRP H 56 61.15 -15.40 24.08
C TRP H 56 60.64 -16.56 24.92
N PRO H 57 60.54 -17.79 24.41
CA PRO H 57 60.18 -18.91 25.28
C PRO H 57 61.35 -19.35 26.16
N SER H 58 61.03 -20.22 27.12
CA SER H 58 62.05 -20.75 28.01
C SER H 58 63.07 -21.58 27.24
N GLY H 59 64.30 -21.60 27.74
CA GLY H 59 65.41 -22.20 27.03
C GLY H 59 66.12 -21.28 26.07
N VAL H 60 65.55 -20.11 25.77
CA VAL H 60 66.17 -19.13 24.90
C VAL H 60 67.02 -18.19 25.74
N SER H 61 68.18 -17.82 25.20
CA SER H 61 69.00 -16.76 25.75
C SER H 61 68.43 -15.44 25.26
N HIS H 62 68.29 -14.47 26.17
CA HIS H 62 67.61 -13.23 25.84
C HIS H 62 68.47 -12.26 25.03
N ARG H 63 69.58 -12.73 24.46
CA ARG H 63 70.18 -12.01 23.34
C ARG H 63 69.19 -11.92 22.18
N PHE H 64 68.58 -13.05 21.84
CA PHE H 64 67.62 -13.10 20.74
C PHE H 64 66.43 -12.21 21.05
N SER H 65 65.90 -11.56 20.01
CA SER H 65 64.75 -10.70 20.14
C SER H 65 64.15 -10.48 18.76
N GLY H 66 62.93 -9.96 18.74
CA GLY H 66 62.20 -9.74 17.50
C GLY H 66 61.35 -8.50 17.60
N SER H 67 60.73 -8.16 16.49
CA SER H 67 59.91 -6.95 16.42
C SER H 67 59.09 -7.00 15.14
N LYS H 68 58.03 -6.20 15.12
CA LYS H 68 57.13 -6.07 13.98
C LYS H 68 57.14 -4.62 13.50
N SER H 69 57.02 -4.45 12.18
CA SER H 69 56.72 -3.15 11.59
C SER H 69 55.78 -3.38 10.43
N GLY H 70 54.48 -3.30 10.69
CA GLY H 70 53.48 -3.47 9.66
C GLY H 70 53.53 -4.82 8.98
N ASN H 71 53.97 -4.84 7.72
CA ASN H 71 53.94 -6.03 6.89
C ASN H 71 55.19 -6.91 7.06
N THR H 72 56.14 -6.55 7.92
CA THR H 72 57.37 -7.29 8.08
C THR H 72 57.72 -7.44 9.55
N ALA H 73 58.46 -8.50 9.85
CA ALA H 73 58.94 -8.78 11.20
C ALA H 73 60.43 -9.08 11.14
N SER H 74 61.21 -8.35 11.92
CA SER H 74 62.67 -8.36 11.85
C SER H 74 63.24 -9.15 13.01
N LEU H 75 64.06 -10.14 12.72
CA LEU H 75 64.82 -10.81 13.76
C LEU H 75 65.89 -9.88 14.28
N THR H 76 65.82 -9.53 15.57
CA THR H 76 66.74 -8.58 16.17
C THR H 76 67.88 -9.34 16.83
N ILE H 77 69.11 -8.91 16.55
CA ILE H 77 70.31 -9.69 16.80
C ILE H 77 71.21 -8.93 17.76
N SER H 78 71.87 -9.67 18.65
CA SER H 78 72.94 -9.14 19.47
C SER H 78 73.95 -10.25 19.74
N GLY H 79 75.17 -9.84 20.13
CA GLY H 79 76.18 -10.73 20.69
C GLY H 79 76.38 -12.06 20.01
N LEU H 80 76.85 -12.05 18.77
CA LEU H 80 76.92 -13.28 17.98
C LEU H 80 77.85 -14.30 18.61
N GLN H 81 77.44 -15.57 18.54
CA GLN H 81 78.23 -16.70 19.00
C GLN H 81 78.18 -17.80 17.95
N ALA H 82 79.10 -18.76 18.09
CA ALA H 82 79.13 -19.92 17.19
C ALA H 82 77.84 -20.75 17.26
N GLU H 83 77.07 -20.62 18.33
CA GLU H 83 75.75 -21.24 18.36
C GLU H 83 74.78 -20.58 17.40
N ASP H 84 74.98 -19.29 17.11
CA ASP H 84 74.04 -18.54 16.26
C ASP H 84 74.20 -18.84 14.77
N GLU H 85 75.29 -19.49 14.37
CA GLU H 85 75.44 -19.96 12.99
C GLU H 85 74.44 -21.07 12.73
N ALA H 86 73.35 -20.76 12.02
CA ALA H 86 72.26 -21.70 11.88
C ALA H 86 71.23 -21.09 10.94
N ASP H 87 70.29 -21.93 10.52
CA ASP H 87 69.13 -21.46 9.79
C ASP H 87 68.36 -20.47 10.65
N TYR H 88 67.55 -19.64 10.01
CA TYR H 88 66.60 -18.79 10.73
C TYR H 88 65.32 -18.73 9.91
N TYR H 89 64.43 -19.68 10.18
CA TYR H 89 63.16 -19.78 9.47
C TYR H 89 62.15 -18.79 10.04
N CYS H 90 60.99 -18.74 9.40
CA CYS H 90 59.95 -17.78 9.72
C CYS H 90 58.60 -18.39 9.40
N CYS H 91 57.69 -18.38 10.37
CA CYS H 91 56.33 -18.89 10.15
C CYS H 91 55.33 -18.03 10.89
N SER H 92 54.28 -17.65 10.17
CA SER H 92 53.34 -16.63 10.62
C SER H 92 51.93 -17.02 10.23
N PHE H 93 50.97 -16.22 10.71
CA PHE H 93 49.58 -16.41 10.36
C PHE H 93 49.36 -16.13 8.88
N GLY H 94 48.65 -17.04 8.22
CA GLY H 94 48.16 -16.83 6.88
C GLY H 94 46.65 -16.92 6.90
N GLY H 95 46.00 -16.18 6.02
CA GLY H 95 44.55 -16.09 6.02
C GLY H 95 43.87 -17.43 5.83
N SER H 96 42.55 -17.41 6.00
CA SER H 96 41.71 -18.60 5.86
C SER H 96 42.14 -19.71 6.82
N ALA H 97 42.55 -19.34 8.03
CA ALA H 97 42.87 -20.29 9.09
C ALA H 97 44.02 -21.21 8.69
N THR H 98 45.14 -20.61 8.31
CA THR H 98 46.33 -21.30 7.89
C THR H 98 47.55 -20.60 8.47
N VAL H 99 48.72 -21.16 8.21
CA VAL H 99 49.97 -20.45 8.42
C VAL H 99 50.73 -20.47 7.10
N VAL H 100 51.70 -19.56 6.98
CA VAL H 100 52.57 -19.47 5.82
C VAL H 100 53.98 -19.24 6.33
N CYS H 101 54.93 -20.03 5.83
CA CYS H 101 56.27 -20.06 6.41
C CYS H 101 57.25 -19.19 5.63
N GLY H 102 58.54 -19.30 5.94
CA GLY H 102 59.56 -18.50 5.28
C GLY H 102 60.59 -19.37 4.61
N GLY H 103 61.30 -18.77 3.66
CA GLY H 103 62.28 -19.49 2.86
C GLY H 103 63.48 -19.98 3.64
N GLY H 104 63.66 -19.51 4.88
CA GLY H 104 64.81 -19.90 5.67
C GLY H 104 65.91 -18.86 5.61
N THR H 105 67.12 -19.30 5.94
CA THR H 105 68.29 -18.43 6.07
C THR H 105 69.46 -19.38 6.37
N LYS H 106 70.67 -18.83 6.31
CA LYS H 106 71.83 -19.45 6.94
C LYS H 106 72.74 -18.34 7.46
N VAL H 107 72.99 -18.33 8.76
CA VAL H 107 73.97 -17.43 9.33
C VAL H 107 75.33 -18.09 9.26
N THR H 108 76.36 -17.29 8.96
CA THR H 108 77.75 -17.66 9.13
C THR H 108 78.43 -16.57 9.95
N VAL H 109 78.62 -16.85 11.24
CA VAL H 109 79.34 -15.91 12.11
C VAL H 109 80.78 -15.86 11.63
N LEU H 110 81.24 -14.66 11.29
CA LEU H 110 82.54 -14.49 10.66
C LEU H 110 83.65 -14.42 11.71
N GLU I 2 -34.00 60.68 10.67
CA GLU I 2 -32.61 60.20 10.93
C GLU I 2 -31.99 59.63 9.66
N ASN I 3 -30.67 59.70 9.58
CA ASN I 3 -29.94 59.12 8.45
C ASN I 3 -29.75 57.63 8.68
N LEU I 4 -28.98 56.99 7.80
CA LEU I 4 -28.68 55.57 7.90
C LEU I 4 -27.30 55.31 7.31
N TRP I 5 -26.51 54.53 8.05
CA TRP I 5 -25.14 54.17 7.68
C TRP I 5 -25.06 52.64 7.61
N VAL I 6 -23.85 52.14 7.33
CA VAL I 6 -23.64 50.70 7.27
C VAL I 6 -23.24 50.17 8.64
N THR I 7 -23.73 48.97 8.96
CA THR I 7 -23.44 48.27 10.21
C THR I 7 -23.32 46.79 9.92
N VAL I 8 -22.42 46.10 10.64
CA VAL I 8 -22.13 44.69 10.39
C VAL I 8 -22.46 43.88 11.63
N TYR I 9 -23.22 42.80 11.43
CA TYR I 9 -23.56 41.83 12.46
C TYR I 9 -22.83 40.54 12.16
N TYR I 10 -22.33 39.87 13.20
CA TYR I 10 -21.74 38.55 13.09
C TYR I 10 -22.57 37.57 13.91
N GLY I 11 -22.59 36.32 13.45
CA GLY I 11 -23.42 35.30 14.07
C GLY I 11 -24.84 35.27 13.55
N VAL I 12 -25.07 35.80 12.36
CA VAL I 12 -26.42 35.88 11.80
C VAL I 12 -26.85 34.50 11.30
N PRO I 13 -28.15 34.14 11.35
CA PRO I 13 -28.59 32.93 10.64
C PRO I 13 -28.83 33.15 9.16
N VAL I 14 -27.96 32.62 8.31
CA VAL I 14 -28.12 32.69 6.86
C VAL I 14 -27.58 31.39 6.28
N TRP I 15 -28.19 30.94 5.17
CA TRP I 15 -27.88 29.65 4.59
C TRP I 15 -27.60 29.76 3.10
N LYS I 16 -26.73 28.88 2.63
CA LYS I 16 -26.72 28.41 1.26
C LYS I 16 -26.24 26.97 1.26
N GLU I 17 -26.93 26.13 0.49
CA GLU I 17 -26.53 24.72 0.40
C GLU I 17 -25.26 24.58 -0.41
N ALA I 18 -24.40 23.65 0.00
CA ALA I 18 -23.14 23.43 -0.70
C ALA I 18 -22.61 22.05 -0.37
N LYS I 19 -21.61 21.63 -1.13
CA LYS I 19 -20.99 20.32 -0.96
C LYS I 19 -20.18 20.28 0.33
N THR I 20 -20.10 19.11 0.94
CA THR I 20 -19.24 18.89 2.10
C THR I 20 -19.16 17.41 2.38
N THR I 21 -18.06 17.00 3.01
CA THR I 21 -17.89 15.62 3.41
C THR I 21 -18.39 15.43 4.83
N LEU I 22 -19.48 14.66 4.97
CA LEU I 22 -20.05 14.35 6.27
C LEU I 22 -19.35 13.12 6.84
N PHE I 23 -19.00 13.19 8.12
CA PHE I 23 -18.31 12.09 8.78
C PHE I 23 -19.31 11.15 9.46
N CYS I 24 -19.02 9.85 9.37
CA CYS I 24 -19.88 8.82 9.93
C CYS I 24 -19.62 8.69 11.42
N ALA I 25 -20.69 8.47 12.18
CA ALA I 25 -20.63 8.22 13.61
C ALA I 25 -21.59 7.10 13.95
N SER I 26 -21.35 6.47 15.11
CA SER I 26 -22.12 5.32 15.52
C SER I 26 -22.10 5.23 17.04
N ASP I 27 -22.97 4.36 17.57
CA ASP I 27 -23.11 4.24 19.01
C ASP I 27 -21.84 3.66 19.62
N ALA I 28 -21.61 3.97 20.90
CA ALA I 28 -20.33 3.68 21.53
C ALA I 28 -20.11 2.18 21.78
N ARG I 29 -21.18 1.37 21.73
CA ARG I 29 -21.02 -0.03 22.10
C ARG I 29 -20.15 -0.81 21.12
N ALA I 30 -19.96 -0.31 19.91
CA ALA I 30 -19.19 -1.03 18.90
C ALA I 30 -17.70 -0.73 18.93
N TYR I 31 -17.24 0.18 19.80
CA TYR I 31 -15.88 0.69 19.71
C TYR I 31 -14.88 -0.07 20.56
N GLU I 32 -15.30 -1.16 21.21
CA GLU I 32 -14.36 -2.10 21.82
C GLU I 32 -14.00 -3.25 20.89
N LYS I 33 -14.45 -3.22 19.64
CA LYS I 33 -14.33 -4.36 18.73
C LYS I 33 -13.01 -4.29 17.96
N GLU I 34 -12.81 -5.31 17.11
CA GLU I 34 -11.53 -5.52 16.46
C GLU I 34 -11.46 -4.75 15.13
N VAL I 35 -10.33 -4.91 14.44
CA VAL I 35 -10.15 -4.23 13.16
C VAL I 35 -11.12 -4.79 12.13
N HIS I 36 -11.75 -3.88 11.37
CA HIS I 36 -12.66 -4.21 10.27
C HIS I 36 -13.97 -4.84 10.72
N ASN I 37 -14.16 -5.04 12.04
CA ASN I 37 -15.31 -5.75 12.58
C ASN I 37 -16.04 -4.82 13.55
N VAL I 38 -17.06 -4.11 13.09
CA VAL I 38 -17.69 -3.97 11.77
C VAL I 38 -17.12 -2.67 11.19
N TRP I 39 -17.35 -2.42 9.91
CA TRP I 39 -16.90 -1.17 9.30
C TRP I 39 -17.52 0.05 9.98
N ALA I 40 -18.70 -0.11 10.60
CA ALA I 40 -19.39 0.99 11.24
C ALA I 40 -18.61 1.59 12.41
N THR I 41 -17.62 0.89 12.94
CA THR I 41 -16.76 1.37 14.00
C THR I 41 -15.30 1.52 13.58
N HIS I 42 -14.87 0.76 12.56
CA HIS I 42 -13.48 0.81 12.12
C HIS I 42 -13.11 2.15 11.47
N ALA I 43 -14.11 2.92 11.02
CA ALA I 43 -13.86 4.16 10.29
C ALA I 43 -14.81 5.28 10.71
N CYS I 44 -15.34 5.24 11.93
CA CYS I 44 -16.28 6.26 12.40
C CYS I 44 -15.86 6.78 13.78
N VAL I 45 -16.71 7.60 14.40
CA VAL I 45 -16.42 8.31 15.64
C VAL I 45 -17.57 8.03 16.59
N PRO I 46 -17.37 7.88 17.90
CA PRO I 46 -18.52 7.55 18.76
C PRO I 46 -19.49 8.72 18.85
N THR I 47 -20.73 8.46 18.44
CA THR I 47 -21.74 9.50 18.32
C THR I 47 -22.24 9.92 19.69
N ASP I 48 -22.93 11.07 19.70
CA ASP I 48 -23.59 11.62 20.87
C ASP I 48 -25.05 11.88 20.56
N PRO I 49 -26.01 11.41 21.37
CA PRO I 49 -27.41 11.80 21.10
C PRO I 49 -27.63 13.30 21.20
N SER I 50 -26.91 13.98 22.10
CA SER I 50 -27.00 15.43 22.25
C SER I 50 -26.22 16.13 21.14
N PRO I 51 -26.63 17.34 20.72
CA PRO I 51 -27.83 18.11 21.09
C PRO I 51 -29.09 17.53 20.46
N GLN I 52 -30.22 17.68 21.12
CA GLN I 52 -31.46 17.12 20.61
C GLN I 52 -31.97 17.92 19.41
N GLU I 53 -32.93 17.34 18.73
CA GLU I 53 -33.56 17.96 17.56
C GLU I 53 -34.18 19.31 17.91
N LEU I 54 -34.01 20.26 17.00
CA LEU I 54 -34.52 21.63 17.11
C LEU I 54 -35.40 21.92 15.91
N VAL I 55 -36.52 22.60 16.14
CA VAL I 55 -37.46 22.94 15.06
C VAL I 55 -37.41 24.43 14.80
N LEU I 56 -37.34 24.81 13.52
CA LEU I 56 -37.31 26.20 13.10
C LEU I 56 -38.75 26.69 12.95
N GLY I 57 -39.12 27.68 13.75
CA GLY I 57 -40.53 27.99 13.98
C GLY I 57 -41.22 28.75 12.85
N ASN I 58 -40.47 29.28 11.89
CA ASN I 58 -41.08 29.96 10.75
C ASN I 58 -40.10 29.88 9.59
N VAL I 59 -40.35 28.97 8.66
CA VAL I 59 -39.37 28.63 7.63
C VAL I 59 -40.05 28.10 6.36
N THR I 60 -39.27 28.02 5.29
CA THR I 60 -39.66 27.30 4.08
C THR I 60 -38.40 27.07 3.26
N GLU I 61 -38.06 25.80 3.04
CA GLU I 61 -36.86 25.44 2.30
C GLU I 61 -37.18 24.37 1.29
N ASN I 62 -36.60 24.52 0.10
CA ASN I 62 -36.85 23.60 -1.00
C ASN I 62 -35.98 22.36 -0.85
N PHE I 63 -36.56 21.27 -0.36
CA PHE I 63 -35.86 20.00 -0.29
C PHE I 63 -35.95 19.28 -1.64
N ASN I 64 -35.07 18.30 -1.82
CA ASN I 64 -35.05 17.53 -3.05
C ASN I 64 -34.41 16.18 -2.77
N MET I 65 -35.19 15.11 -2.96
CA MET I 65 -34.69 13.76 -2.74
C MET I 65 -33.77 13.28 -3.86
N TRP I 66 -34.02 13.74 -5.09
CA TRP I 66 -33.33 13.28 -6.29
C TRP I 66 -32.09 14.09 -6.60
N LYS I 67 -32.19 15.42 -6.62
CA LYS I 67 -31.04 16.29 -6.80
C LYS I 67 -30.37 16.49 -5.43
N ASN I 68 -29.66 15.45 -5.01
CA ASN I 68 -28.98 15.40 -3.72
C ASN I 68 -27.61 14.81 -3.91
N ASP I 69 -26.65 15.26 -3.09
CA ASP I 69 -25.27 14.80 -3.14
C ASP I 69 -24.87 13.96 -1.92
N MET I 70 -25.77 13.77 -0.96
CA MET I 70 -25.44 12.91 0.18
C MET I 70 -25.34 11.44 -0.25
N VAL I 71 -26.24 10.99 -1.11
CA VAL I 71 -26.22 9.59 -1.55
C VAL I 71 -24.95 9.28 -2.34
N ASP I 72 -24.47 10.25 -3.13
CA ASP I 72 -23.22 10.05 -3.86
C ASP I 72 -22.06 9.84 -2.89
N GLN I 73 -22.03 10.63 -1.81
CA GLN I 73 -20.97 10.47 -0.83
C GLN I 73 -21.09 9.16 -0.09
N MET I 74 -22.32 8.71 0.17
CA MET I 74 -22.51 7.41 0.81
C MET I 74 -21.98 6.30 -0.08
N HIS I 75 -22.28 6.38 -1.37
CA HIS I 75 -21.78 5.40 -2.33
C HIS I 75 -20.25 5.37 -2.33
N GLU I 76 -19.63 6.55 -2.43
CA GLU I 76 -18.17 6.60 -2.48
C GLU I 76 -17.55 6.03 -1.22
N ASP I 77 -18.07 6.44 -0.05
CA ASP I 77 -17.52 5.96 1.21
C ASP I 77 -17.68 4.45 1.35
N ILE I 78 -18.86 3.92 1.01
CA ILE I 78 -19.09 2.50 1.22
C ILE I 78 -18.27 1.66 0.24
N ILE I 79 -18.11 2.14 -1.00
CA ILE I 79 -17.25 1.45 -1.96
C ILE I 79 -15.82 1.41 -1.42
N SER I 80 -15.28 2.56 -1.01
CA SER I 80 -13.92 2.58 -0.52
C SER I 80 -13.77 1.74 0.74
N LEU I 81 -14.83 1.69 1.55
CA LEU I 81 -14.77 0.96 2.82
C LEU I 81 -14.75 -0.55 2.58
N TRP I 82 -15.62 -1.04 1.68
CA TRP I 82 -15.57 -2.46 1.34
C TRP I 82 -14.24 -2.81 0.69
N ASP I 83 -13.73 -1.93 -0.18
CA ASP I 83 -12.46 -2.21 -0.83
C ASP I 83 -11.33 -2.28 0.18
N GLN I 84 -11.35 -1.39 1.19
CA GLN I 84 -10.32 -1.42 2.21
C GLN I 84 -10.44 -2.68 3.08
N SER I 85 -11.66 -3.13 3.32
CA SER I 85 -11.85 -4.29 4.21
C SER I 85 -11.37 -5.60 3.58
N LEU I 86 -11.14 -5.65 2.27
CA LEU I 86 -10.73 -6.88 1.61
C LEU I 86 -9.23 -7.04 1.48
N LYS I 87 -8.45 -6.02 1.83
CA LYS I 87 -6.99 -6.10 1.69
C LYS I 87 -6.34 -7.21 2.51
N PRO I 88 -6.63 -7.38 3.81
CA PRO I 88 -5.90 -8.41 4.58
C PRO I 88 -6.35 -9.84 4.33
N CYS I 89 -7.27 -10.09 3.41
CA CYS I 89 -7.76 -11.44 3.15
C CYS I 89 -6.89 -12.16 2.12
N VAL I 90 -7.20 -13.43 1.90
CA VAL I 90 -6.41 -14.27 0.98
C VAL I 90 -6.97 -14.14 -0.42
N LYS I 91 -6.10 -14.26 -1.42
CA LYS I 91 -6.39 -13.84 -2.78
C LYS I 91 -6.74 -15.01 -3.73
N LEU I 92 -6.76 -16.25 -3.25
CA LEU I 92 -7.37 -17.38 -3.96
C LEU I 92 -6.74 -17.70 -5.32
N THR I 93 -5.66 -17.05 -5.71
CA THR I 93 -5.05 -17.29 -7.02
C THR I 93 -4.65 -18.74 -7.22
N PRO I 94 -4.17 -19.49 -6.19
CA PRO I 94 -3.96 -20.93 -6.38
C PRO I 94 -5.20 -21.73 -6.75
N LEU I 95 -6.40 -21.25 -6.44
CA LEU I 95 -7.60 -22.01 -6.76
C LEU I 95 -7.94 -21.99 -8.25
N CYS I 96 -7.28 -21.17 -9.06
CA CYS I 96 -7.52 -21.15 -10.50
C CYS I 96 -6.84 -22.36 -11.14
N VAL I 97 -7.49 -23.52 -10.99
CA VAL I 97 -6.99 -24.79 -11.51
C VAL I 97 -8.15 -25.56 -12.10
N THR I 98 -7.83 -26.71 -12.71
CA THR I 98 -8.86 -27.59 -13.23
C THR I 98 -9.54 -28.31 -12.07
N LEU I 99 -10.88 -28.30 -12.10
CA LEU I 99 -11.71 -29.01 -11.14
C LEU I 99 -12.38 -30.18 -11.83
N ILE I 100 -12.14 -31.39 -11.31
CA ILE I 100 -12.76 -32.61 -11.79
C ILE I 100 -13.94 -32.90 -10.87
N CYS I 101 -15.13 -33.06 -11.45
CA CYS I 101 -16.37 -33.14 -10.70
C CYS I 101 -17.05 -34.49 -10.95
N SER I 102 -17.84 -34.90 -9.96
CA SER I 102 -18.58 -36.16 -9.99
C SER I 102 -20.04 -35.90 -10.27
N ASN I 103 -20.60 -36.65 -11.21
CA ASN I 103 -21.95 -36.40 -11.72
C ASN I 103 -23.00 -37.26 -11.02
N ALA I 104 -23.26 -36.98 -9.74
CA ALA I 104 -24.39 -37.58 -9.07
C ALA I 104 -25.69 -37.04 -9.68
N THR I 105 -26.72 -37.87 -9.68
CA THR I 105 -27.95 -37.56 -10.40
C THR I 105 -29.15 -38.10 -9.63
N VAL I 106 -30.27 -37.36 -9.73
CA VAL I 106 -31.57 -37.79 -9.22
C VAL I 106 -32.60 -37.47 -10.29
N LYS I 107 -33.61 -38.33 -10.38
CA LYS I 107 -34.67 -38.20 -11.39
C LYS I 107 -36.03 -38.24 -10.71
N ASN I 108 -37.03 -37.72 -11.42
CA ASN I 108 -38.40 -37.55 -10.94
C ASN I 108 -38.46 -36.55 -9.79
N GLY I 109 -39.62 -35.92 -9.59
CA GLY I 109 -39.75 -34.91 -8.55
C GLY I 109 -38.85 -33.72 -8.86
N THR I 110 -38.03 -33.35 -7.88
CA THR I 110 -37.11 -32.23 -8.01
C THR I 110 -35.87 -32.49 -7.18
N VAL I 111 -34.76 -31.85 -7.54
CA VAL I 111 -33.49 -32.00 -6.84
C VAL I 111 -32.74 -30.68 -6.92
N GLU I 112 -32.06 -30.33 -5.82
CA GLU I 112 -31.41 -29.04 -5.65
C GLU I 112 -29.91 -29.21 -5.35
N GLU I 113 -29.26 -30.19 -5.97
CA GLU I 113 -27.94 -30.64 -5.54
C GLU I 113 -26.84 -29.68 -6.00
N MET I 114 -25.66 -29.87 -5.41
CA MET I 114 -24.45 -29.14 -5.75
C MET I 114 -23.33 -30.14 -6.06
N LYS I 115 -22.32 -29.68 -6.80
CA LYS I 115 -21.29 -30.57 -7.31
C LYS I 115 -20.19 -30.82 -6.29
N ASN I 116 -19.60 -32.01 -6.38
CA ASN I 116 -18.48 -32.44 -5.54
C ASN I 116 -17.26 -32.53 -6.44
N CYS I 117 -16.39 -31.51 -6.38
CA CYS I 117 -15.31 -31.33 -7.33
C CYS I 117 -13.96 -31.38 -6.62
N SER I 118 -13.05 -32.19 -7.17
CA SER I 118 -11.69 -32.33 -6.64
C SER I 118 -10.72 -31.49 -7.45
N PHE I 119 -9.57 -31.20 -6.85
CA PHE I 119 -8.58 -30.34 -7.48
C PHE I 119 -7.25 -30.52 -6.78
N ASN I 120 -6.18 -30.53 -7.56
CA ASN I 120 -4.83 -30.64 -7.03
C ASN I 120 -4.44 -29.34 -6.35
N THR I 121 -3.96 -29.43 -5.12
CA THR I 121 -3.59 -28.26 -4.33
C THR I 121 -2.10 -28.25 -4.08
N THR I 122 -1.51 -27.06 -4.14
CA THR I 122 -0.14 -26.88 -3.70
C THR I 122 -0.13 -26.69 -2.19
N THR I 123 0.39 -27.66 -1.46
CA THR I 123 0.51 -27.54 -0.01
C THR I 123 1.58 -26.51 0.33
N GLU I 124 1.84 -26.32 1.63
CA GLU I 124 2.83 -25.33 2.03
C GLU I 124 4.23 -25.63 1.51
N ILE I 125 4.55 -26.88 1.24
CA ILE I 125 5.79 -27.26 0.57
C ILE I 125 5.55 -27.05 -0.92
N ARG I 126 6.38 -26.21 -1.53
CA ARG I 126 6.18 -25.91 -2.95
C ARG I 126 6.42 -27.15 -3.82
N ASP I 127 7.22 -28.09 -3.34
CA ASP I 127 7.50 -29.30 -4.12
C ASP I 127 6.32 -30.26 -4.14
N LYS I 128 5.51 -30.27 -3.09
CA LYS I 128 4.54 -31.32 -2.83
C LYS I 128 3.13 -30.83 -3.14
N GLU I 129 2.29 -31.74 -3.63
CA GLU I 129 0.88 -31.48 -3.91
C GLU I 129 0.05 -32.64 -3.40
N LYS I 130 -1.23 -32.37 -3.12
CA LYS I 130 -2.14 -33.39 -2.62
C LYS I 130 -3.54 -33.21 -3.19
N LYS I 131 -4.25 -34.33 -3.35
CA LYS I 131 -5.61 -34.31 -3.85
C LYS I 131 -6.57 -33.97 -2.72
N GLU I 132 -7.37 -32.92 -2.91
CA GLU I 132 -8.40 -32.53 -1.97
C GLU I 132 -9.64 -32.13 -2.76
N TYR I 133 -10.77 -32.04 -2.04
CA TYR I 133 -12.07 -31.82 -2.67
C TYR I 133 -12.87 -30.80 -1.87
N ALA I 134 -13.91 -30.28 -2.52
CA ALA I 134 -14.81 -29.32 -1.93
C ALA I 134 -16.13 -29.38 -2.67
N LEU I 135 -17.21 -29.03 -1.97
CA LEU I 135 -18.52 -28.93 -2.58
C LEU I 135 -18.79 -27.49 -2.99
N PHE I 136 -19.26 -27.31 -4.23
CA PHE I 136 -19.52 -26.00 -4.81
C PHE I 136 -20.90 -25.98 -5.43
N TYR I 137 -21.62 -24.87 -5.21
CA TYR I 137 -22.88 -24.67 -5.92
C TYR I 137 -22.62 -24.51 -7.41
N LYS I 138 -23.60 -24.92 -8.21
CA LYS I 138 -23.46 -24.86 -9.66
C LYS I 138 -23.16 -23.48 -10.23
N PRO I 139 -23.78 -22.37 -9.77
CA PRO I 139 -23.55 -21.09 -10.43
C PRO I 139 -22.10 -20.64 -10.43
N ASP I 140 -21.32 -21.03 -9.43
CA ASP I 140 -19.91 -20.68 -9.33
C ASP I 140 -19.00 -21.69 -10.03
N ILE I 141 -19.57 -22.64 -10.76
CA ILE I 141 -18.84 -23.70 -11.45
C ILE I 141 -19.27 -23.69 -12.91
N VAL I 142 -18.29 -23.63 -13.81
CA VAL I 142 -18.53 -23.57 -15.26
C VAL I 142 -17.70 -24.66 -15.91
N PRO I 143 -18.15 -25.33 -16.97
CA PRO I 143 -17.27 -26.28 -17.66
C PRO I 143 -16.08 -25.57 -18.27
N LEU I 144 -14.93 -26.25 -18.27
CA LEU I 144 -13.66 -25.61 -18.62
C LEU I 144 -13.44 -25.60 -20.12
N SER I 145 -13.39 -26.77 -20.73
CA SER I 145 -12.93 -26.90 -22.12
C SER I 145 -14.04 -26.53 -23.09
N GLU I 146 -13.65 -25.82 -24.16
CA GLU I 146 -14.57 -25.64 -25.27
C GLU I 146 -14.86 -26.96 -25.97
N THR I 147 -13.91 -27.89 -25.96
CA THR I 147 -14.17 -29.24 -26.44
C THR I 147 -15.04 -29.98 -25.45
N ASN I 148 -15.65 -31.06 -25.92
CA ASN I 148 -16.63 -31.78 -25.12
C ASN I 148 -15.94 -32.60 -24.03
N ASN I 149 -16.23 -32.28 -22.78
CA ASN I 149 -15.78 -33.06 -21.64
C ASN I 149 -16.79 -32.87 -20.52
N THR I 150 -17.29 -33.97 -19.97
CA THR I 150 -18.38 -33.93 -19.01
C THR I 150 -17.90 -33.82 -17.56
N SER I 151 -16.59 -33.68 -17.32
CA SER I 151 -16.05 -33.73 -15.97
C SER I 151 -15.07 -32.63 -15.62
N GLU I 152 -14.45 -31.96 -16.59
CA GLU I 152 -13.45 -30.94 -16.34
C GLU I 152 -14.12 -29.57 -16.28
N TYR I 153 -14.08 -28.93 -15.10
CA TYR I 153 -14.76 -27.67 -14.85
C TYR I 153 -13.77 -26.63 -14.33
N ARG I 154 -14.25 -25.39 -14.28
CA ARG I 154 -13.48 -24.24 -13.84
C ARG I 154 -14.34 -23.40 -12.90
N LEU I 155 -13.70 -22.66 -12.00
CA LEU I 155 -14.40 -21.58 -11.32
C LEU I 155 -14.73 -20.51 -12.35
N ILE I 156 -15.88 -19.84 -12.14
CA ILE I 156 -16.36 -18.90 -13.15
C ILE I 156 -15.40 -17.74 -13.34
N ASN I 157 -14.54 -17.48 -12.36
CA ASN I 157 -13.50 -16.47 -12.48
C ASN I 157 -12.27 -17.05 -13.16
N CYS I 158 -11.17 -16.30 -13.12
CA CYS I 158 -9.88 -16.60 -13.73
C CYS I 158 -9.90 -16.37 -15.24
N ASN I 159 -11.08 -16.19 -15.83
CA ASN I 159 -11.19 -15.60 -17.15
C ASN I 159 -11.22 -14.08 -17.03
N THR I 160 -11.98 -13.59 -16.07
CA THR I 160 -12.00 -12.20 -15.67
C THR I 160 -10.97 -12.03 -14.55
N SER I 161 -11.05 -10.93 -13.79
CA SER I 161 -10.04 -10.57 -12.81
C SER I 161 -9.81 -11.64 -11.74
N ALA I 162 -8.70 -11.53 -11.01
CA ALA I 162 -8.50 -12.36 -9.83
C ALA I 162 -9.50 -11.95 -8.74
N CYS I 163 -9.55 -12.74 -7.67
CA CYS I 163 -10.79 -12.86 -6.93
C CYS I 163 -10.43 -13.27 -5.50
N THR I 164 -11.11 -12.70 -4.49
CA THR I 164 -10.64 -12.70 -3.10
C THR I 164 -11.64 -13.37 -2.16
N GLN I 165 -11.12 -14.12 -1.20
CA GLN I 165 -11.95 -14.65 -0.11
C GLN I 165 -12.28 -13.53 0.87
N ALA I 166 -13.51 -13.54 1.37
CA ALA I 166 -13.87 -12.63 2.46
C ALA I 166 -13.19 -13.09 3.74
N CYS I 167 -12.62 -12.13 4.47
CA CYS I 167 -11.96 -12.46 5.72
C CYS I 167 -12.95 -13.11 6.69
N PRO I 168 -12.57 -14.18 7.40
CA PRO I 168 -13.57 -14.86 8.24
C PRO I 168 -13.93 -14.09 9.49
N LYS I 169 -13.07 -13.20 9.96
CA LYS I 169 -13.32 -12.47 11.19
C LYS I 169 -14.33 -11.34 11.01
N VAL I 170 -14.35 -10.69 9.85
CA VAL I 170 -15.25 -9.57 9.62
C VAL I 170 -16.63 -10.11 9.28
N THR I 171 -17.64 -9.24 9.35
CA THR I 171 -19.03 -9.60 9.09
C THR I 171 -19.63 -8.59 8.13
N PHE I 172 -20.76 -8.98 7.54
CA PHE I 172 -21.54 -8.12 6.66
C PHE I 172 -22.75 -7.53 7.34
N GLU I 173 -22.83 -7.61 8.67
CA GLU I 173 -23.99 -7.17 9.41
C GLU I 173 -24.19 -5.66 9.21
N PRO I 174 -25.39 -5.21 8.79
CA PRO I 174 -25.57 -3.75 8.64
C PRO I 174 -25.81 -3.04 9.98
N ILE I 175 -24.71 -2.66 10.62
CA ILE I 175 -24.79 -1.79 11.80
C ILE I 175 -25.22 -0.40 11.34
N PRO I 176 -26.11 0.30 12.06
CA PRO I 176 -26.57 1.60 11.55
C PRO I 176 -25.49 2.66 11.59
N ILE I 177 -25.65 3.66 10.71
CA ILE I 177 -24.64 4.70 10.48
C ILE I 177 -25.33 6.06 10.60
N HIS I 178 -24.66 6.99 11.30
CA HIS I 178 -25.10 8.38 11.41
C HIS I 178 -24.13 9.27 10.65
N TYR I 179 -24.61 9.91 9.58
CA TYR I 179 -23.83 10.91 8.86
C TYR I 179 -24.08 12.28 9.43
N CYS I 180 -23.00 13.05 9.65
CA CYS I 180 -23.19 14.44 10.06
C CYS I 180 -21.97 15.29 9.77
N ALA I 181 -22.21 16.60 9.73
CA ALA I 181 -21.47 17.64 9.04
C ALA I 181 -20.44 18.30 9.96
N PRO I 182 -19.37 18.87 9.41
CA PRO I 182 -18.40 19.57 10.25
C PRO I 182 -18.92 20.95 10.64
N ALA I 183 -18.09 21.67 11.41
CA ALA I 183 -18.45 22.99 11.88
C ALA I 183 -18.64 23.95 10.72
N GLY I 184 -19.56 24.90 10.88
CA GLY I 184 -19.90 25.83 9.83
C GLY I 184 -20.94 25.32 8.85
N TYR I 185 -21.41 24.08 9.02
CA TYR I 185 -22.48 23.50 8.22
C TYR I 185 -23.56 23.00 9.16
N ALA I 186 -24.79 22.96 8.64
CA ALA I 186 -25.94 22.45 9.37
C ALA I 186 -26.73 21.50 8.49
N ILE I 187 -27.38 20.54 9.14
CA ILE I 187 -28.28 19.62 8.48
C ILE I 187 -29.71 20.08 8.72
N LEU I 188 -30.45 20.30 7.64
CA LEU I 188 -31.86 20.66 7.71
C LEU I 188 -32.71 19.44 7.40
N LYS I 189 -33.75 19.25 8.22
CA LYS I 189 -34.60 18.07 8.18
C LYS I 189 -36.03 18.50 7.89
N CYS I 190 -36.63 17.93 6.84
CA CYS I 190 -38.05 18.11 6.63
C CYS I 190 -38.82 17.27 7.64
N ASN I 191 -39.89 17.85 8.18
CA ASN I 191 -40.69 17.20 9.22
C ASN I 191 -42.17 17.17 8.89
N ASP I 192 -42.57 17.51 7.66
CA ASP I 192 -43.95 17.35 7.22
C ASP I 192 -44.13 15.95 6.67
N GLU I 193 -45.07 15.20 7.26
CA GLU I 193 -45.16 13.76 7.03
C GLU I 193 -45.62 13.40 5.63
N THR I 194 -46.36 14.28 4.96
CA THR I 194 -46.91 13.99 3.64
C THR I 194 -45.99 14.41 2.51
N PHE I 195 -44.68 14.51 2.76
CA PHE I 195 -43.80 15.17 1.81
C PHE I 195 -43.65 14.35 0.55
N ASN I 196 -43.88 15.00 -0.60
CA ASN I 196 -43.78 14.34 -1.90
C ASN I 196 -42.34 13.92 -2.22
N GLY I 197 -41.35 14.58 -1.63
CA GLY I 197 -39.96 14.31 -1.87
C GLY I 197 -39.18 15.50 -2.41
N THR I 198 -39.79 16.28 -3.30
CA THR I 198 -39.20 17.52 -3.79
C THR I 198 -40.25 18.62 -3.66
N GLY I 199 -39.77 19.86 -3.60
CA GLY I 199 -40.62 21.00 -3.36
C GLY I 199 -40.48 21.49 -1.92
N PRO I 200 -41.25 22.51 -1.56
CA PRO I 200 -41.06 23.13 -0.24
C PRO I 200 -41.60 22.26 0.88
N CYS I 201 -40.94 22.35 2.03
CA CYS I 201 -41.45 21.82 3.30
C CYS I 201 -41.82 22.99 4.19
N SER I 202 -43.09 23.09 4.55
CA SER I 202 -43.54 24.17 5.42
C SER I 202 -43.05 24.02 6.85
N ASN I 203 -42.70 22.80 7.26
CA ASN I 203 -42.08 22.53 8.55
C ASN I 203 -40.69 22.00 8.29
N VAL I 204 -39.67 22.75 8.71
CA VAL I 204 -38.26 22.40 8.51
C VAL I 204 -37.55 22.56 9.84
N SER I 205 -36.62 21.66 10.12
CA SER I 205 -35.94 21.55 11.39
C SER I 205 -34.45 21.34 11.17
N THR I 206 -33.68 21.49 12.25
CA THR I 206 -32.24 21.31 12.24
C THR I 206 -31.84 20.27 13.28
N VAL I 207 -30.97 19.34 12.86
CA VAL I 207 -30.49 18.26 13.70
C VAL I 207 -28.97 18.28 13.66
N GLN I 208 -28.35 17.69 14.68
CA GLN I 208 -26.90 17.55 14.65
C GLN I 208 -26.49 16.43 13.71
N CYS I 209 -26.90 15.19 14.00
CA CYS I 209 -26.58 14.05 13.17
C CYS I 209 -27.83 13.24 12.83
N THR I 210 -27.79 12.65 11.64
CA THR I 210 -28.95 12.01 11.04
C THR I 210 -29.34 10.75 11.81
N HIS I 211 -30.56 10.28 11.55
CA HIS I 211 -31.00 9.01 12.07
C HIS I 211 -30.14 7.89 11.50
N GLY I 212 -29.99 6.82 12.28
CA GLY I 212 -29.17 5.69 11.87
C GLY I 212 -29.62 5.06 10.57
N ILE I 213 -28.85 5.26 9.50
CA ILE I 213 -29.15 4.63 8.22
C ILE I 213 -28.59 3.22 8.25
N ARG I 214 -29.29 2.28 7.63
CA ARG I 214 -28.85 0.89 7.56
C ARG I 214 -28.20 0.62 6.21
N PRO I 215 -26.88 0.48 6.13
CA PRO I 215 -26.27 -0.01 4.88
C PRO I 215 -26.61 -1.47 4.59
N VAL I 216 -27.87 -1.71 4.20
CA VAL I 216 -28.37 -3.04 3.89
C VAL I 216 -28.61 -3.13 2.39
N VAL I 217 -28.21 -4.26 1.81
CA VAL I 217 -28.25 -4.49 0.37
C VAL I 217 -29.45 -5.35 0.03
N SER I 218 -30.27 -4.87 -0.90
CA SER I 218 -31.37 -5.65 -1.45
C SER I 218 -31.83 -4.99 -2.74
N THR I 219 -32.27 -5.81 -3.69
CA THR I 219 -32.59 -5.32 -5.02
C THR I 219 -34.08 -4.99 -5.17
N GLN I 220 -34.95 -5.99 -5.02
CA GLN I 220 -36.35 -5.81 -5.40
C GLN I 220 -37.23 -5.45 -4.21
N LEU I 221 -36.83 -5.86 -3.00
CA LEU I 221 -37.54 -5.55 -1.77
C LEU I 221 -36.63 -4.72 -0.89
N LEU I 222 -37.16 -3.62 -0.36
CA LEU I 222 -36.40 -2.77 0.56
C LEU I 222 -36.58 -3.30 1.96
N LEU I 223 -35.53 -3.90 2.50
CA LEU I 223 -35.57 -4.62 3.76
C LEU I 223 -35.28 -3.66 4.91
N ASN I 224 -35.02 -4.19 6.12
CA ASN I 224 -34.94 -3.48 7.40
C ASN I 224 -34.59 -2.01 7.28
N GLY I 225 -35.44 -1.16 7.85
CA GLY I 225 -35.25 0.26 7.70
C GLY I 225 -36.41 1.02 8.32
N SER I 226 -36.48 2.31 8.00
CA SER I 226 -37.53 3.16 8.53
C SER I 226 -38.85 2.88 7.83
N LEU I 227 -39.94 3.24 8.50
CA LEU I 227 -41.29 3.08 8.00
C LEU I 227 -41.94 4.45 7.80
N ALA I 228 -42.86 4.52 6.85
CA ALA I 228 -43.56 5.78 6.61
C ALA I 228 -44.36 6.18 7.84
N GLU I 229 -44.83 7.43 7.83
CA GLU I 229 -45.48 8.00 9.00
C GLU I 229 -46.96 7.61 9.08
N LYS I 230 -47.76 8.06 8.11
CA LYS I 230 -49.21 7.93 8.19
C LYS I 230 -49.85 7.24 7.00
N GLU I 231 -49.15 7.05 5.89
CA GLU I 231 -49.70 6.31 4.76
C GLU I 231 -48.58 6.00 3.79
N ILE I 232 -48.89 5.14 2.82
CA ILE I 232 -47.94 4.84 1.76
C ILE I 232 -47.69 6.11 0.97
N VAL I 233 -46.44 6.32 0.58
CA VAL I 233 -46.02 7.41 -0.28
C VAL I 233 -45.37 6.82 -1.52
N ILE I 234 -45.72 7.36 -2.68
CA ILE I 234 -45.18 6.95 -3.96
C ILE I 234 -44.36 8.12 -4.50
N ARG I 235 -43.10 7.87 -4.80
CA ARG I 235 -42.13 8.91 -5.13
C ARG I 235 -41.31 8.49 -6.34
N SER I 236 -41.22 9.37 -7.33
CA SER I 236 -40.37 9.15 -8.48
C SER I 236 -39.91 10.51 -9.00
N GLU I 237 -38.76 10.51 -9.67
CA GLU I 237 -38.21 11.76 -10.19
C GLU I 237 -39.13 12.37 -11.22
N ASN I 238 -39.70 11.55 -12.11
CA ASN I 238 -40.67 12.04 -13.10
C ASN I 238 -41.57 10.86 -13.45
N LEU I 239 -42.81 10.89 -12.95
CA LEU I 239 -43.75 9.82 -13.24
C LEU I 239 -44.25 9.86 -14.68
N THR I 240 -44.02 10.95 -15.41
CA THR I 240 -44.26 10.94 -16.84
C THR I 240 -43.34 9.97 -17.57
N ASN I 241 -42.18 9.67 -17.00
CA ASN I 241 -41.20 8.78 -17.60
C ASN I 241 -41.44 7.36 -17.14
N ASN I 242 -41.44 6.42 -18.08
CA ASN I 242 -41.69 5.01 -17.78
C ASN I 242 -40.42 4.20 -17.56
N ALA I 243 -39.25 4.83 -17.61
CA ALA I 243 -37.98 4.15 -17.40
C ALA I 243 -37.41 4.35 -16.00
N LYS I 244 -37.78 5.44 -15.33
CA LYS I 244 -37.15 5.77 -14.06
C LYS I 244 -37.67 4.87 -12.94
N ILE I 245 -36.84 4.69 -11.92
CA ILE I 245 -37.18 3.83 -10.80
C ILE I 245 -38.16 4.57 -9.91
N ILE I 246 -39.29 3.94 -9.61
CA ILE I 246 -40.35 4.51 -8.79
C ILE I 246 -40.31 3.82 -7.43
N ILE I 247 -40.13 4.61 -6.37
CA ILE I 247 -39.90 4.11 -5.02
C ILE I 247 -41.20 4.19 -4.26
N VAL I 248 -41.66 3.05 -3.75
CA VAL I 248 -42.88 2.95 -2.94
C VAL I 248 -42.45 2.60 -1.52
N HIS I 249 -42.81 3.48 -0.58
CA HIS I 249 -42.36 3.38 0.80
C HIS I 249 -43.59 3.13 1.67
N LEU I 250 -43.62 1.98 2.33
CA LEU I 250 -44.83 1.48 2.96
C LEU I 250 -45.05 2.07 4.35
N HIS I 251 -46.30 1.99 4.81
CA HIS I 251 -46.63 2.31 6.19
C HIS I 251 -46.33 1.14 7.11
N THR I 252 -47.05 0.02 6.93
CA THR I 252 -46.92 -1.14 7.79
C THR I 252 -45.93 -2.13 7.20
N PRO I 253 -45.02 -2.73 7.96
CA PRO I 253 -44.11 -3.69 7.37
C PRO I 253 -44.80 -5.02 7.08
N VAL I 254 -44.16 -5.80 6.21
CA VAL I 254 -44.53 -7.19 5.95
C VAL I 254 -43.35 -8.04 6.36
N GLU I 255 -43.58 -8.94 7.31
CA GLU I 255 -42.51 -9.78 7.83
C GLU I 255 -42.16 -10.88 6.85
N ILE I 256 -40.86 -11.10 6.64
CA ILE I 256 -40.36 -12.13 5.76
C ILE I 256 -39.33 -12.94 6.53
N VAL I 257 -39.46 -14.26 6.50
CA VAL I 257 -38.51 -15.19 7.09
C VAL I 257 -37.82 -15.95 5.97
N CYS I 258 -36.52 -16.21 6.14
CA CYS I 258 -35.71 -16.91 5.16
C CYS I 258 -34.88 -17.97 5.85
N THR I 259 -34.58 -19.06 5.15
CA THR I 259 -33.91 -20.19 5.77
C THR I 259 -33.21 -21.06 4.73
N ARG I 260 -32.05 -21.57 5.11
CA ARG I 260 -31.38 -22.67 4.41
C ARG I 260 -31.43 -23.89 5.33
N PRO I 261 -32.26 -24.90 5.08
CA PRO I 261 -32.35 -26.00 6.04
C PRO I 261 -31.15 -26.94 6.07
N ASN I 262 -30.31 -26.95 5.04
CA ASN I 262 -29.28 -27.96 4.94
C ASN I 262 -28.24 -27.77 6.02
N ASN I 263 -27.88 -28.87 6.69
CA ASN I 263 -26.89 -28.86 7.78
C ASN I 263 -25.51 -28.98 7.16
N ASN I 264 -25.01 -27.87 6.63
CA ASN I 264 -23.70 -27.87 5.99
C ASN I 264 -22.59 -28.02 7.01
N THR I 265 -21.39 -28.32 6.52
CA THR I 265 -20.21 -28.56 7.33
C THR I 265 -19.08 -27.67 6.84
N ARG I 266 -18.25 -27.21 7.77
CA ARG I 266 -17.10 -26.38 7.43
C ARG I 266 -15.89 -27.27 7.15
N LYS I 267 -15.27 -27.06 5.99
CA LYS I 267 -14.04 -27.74 5.62
C LYS I 267 -12.97 -26.70 5.31
N SER I 268 -11.76 -26.94 5.79
CA SER I 268 -10.65 -26.02 5.64
C SER I 268 -9.53 -26.68 4.85
N VAL I 269 -8.85 -25.89 4.02
CA VAL I 269 -7.81 -26.37 3.14
C VAL I 269 -6.64 -25.40 3.20
N ARG I 270 -5.46 -25.89 3.58
CA ARG I 270 -4.27 -25.06 3.60
C ARG I 270 -3.81 -24.83 2.17
N ILE I 271 -3.65 -23.56 1.80
CA ILE I 271 -3.35 -23.17 0.43
C ILE I 271 -2.23 -22.14 0.46
N GLY I 272 -0.99 -22.58 0.28
CA GLY I 272 0.15 -21.71 0.39
C GLY I 272 0.60 -21.58 1.84
N PRO I 273 1.73 -20.91 2.06
CA PRO I 273 2.33 -20.92 3.41
C PRO I 273 1.51 -20.11 4.41
N GLY I 274 0.73 -20.81 5.21
CA GLY I 274 0.07 -20.22 6.36
C GLY I 274 -1.22 -19.48 6.11
N GLN I 275 -1.97 -19.80 5.07
CA GLN I 275 -3.32 -19.28 4.88
C GLN I 275 -4.24 -20.40 4.39
N THR I 276 -5.51 -20.32 4.78
CA THR I 276 -6.44 -21.44 4.66
C THR I 276 -7.60 -21.07 3.75
N PHE I 277 -7.90 -21.94 2.79
CA PHE I 277 -9.10 -21.84 1.98
C PHE I 277 -10.20 -22.68 2.60
N TYR I 278 -11.41 -22.14 2.62
CA TYR I 278 -12.56 -22.76 3.26
C TYR I 278 -13.52 -23.26 2.19
N ALA I 279 -14.31 -24.27 2.57
CA ALA I 279 -15.24 -24.89 1.64
C ALA I 279 -16.22 -25.73 2.42
N THR I 280 -17.28 -26.17 1.74
CA THR I 280 -18.25 -27.05 2.36
C THR I 280 -17.82 -28.48 2.19
N GLY I 281 -17.89 -29.26 3.27
CA GLY I 281 -17.70 -30.68 3.22
C GLY I 281 -19.01 -31.36 2.90
N ASP I 282 -19.21 -32.53 3.50
CA ASP I 282 -20.44 -33.28 3.29
C ASP I 282 -21.64 -32.51 3.82
N ILE I 283 -22.77 -32.66 3.14
CA ILE I 283 -24.04 -32.18 3.67
C ILE I 283 -24.56 -33.23 4.65
N ILE I 284 -24.87 -32.81 5.85
CA ILE I 284 -25.38 -33.70 6.89
C ILE I 284 -26.89 -33.74 6.79
N GLY I 285 -27.45 -34.92 7.05
CA GLY I 285 -28.89 -35.06 6.95
C GLY I 285 -29.36 -35.12 5.52
N ASP I 286 -30.62 -34.74 5.33
CA ASP I 286 -31.30 -34.79 4.05
C ASP I 286 -31.18 -33.45 3.33
N ILE I 287 -31.10 -33.51 2.00
CA ILE I 287 -30.93 -32.33 1.16
C ILE I 287 -32.29 -31.67 0.98
N LYS I 288 -32.36 -30.36 1.17
CA LYS I 288 -33.62 -29.62 1.12
C LYS I 288 -33.42 -28.28 0.44
N GLN I 289 -34.53 -27.59 0.21
CA GLN I 289 -34.58 -26.38 -0.61
C GLN I 289 -34.60 -25.14 0.28
N ALA I 290 -33.73 -24.18 -0.03
CA ALA I 290 -33.78 -22.88 0.63
C ALA I 290 -34.96 -22.07 0.11
N HIS I 291 -35.52 -21.22 0.95
CA HIS I 291 -36.73 -20.51 0.57
C HIS I 291 -36.98 -19.35 1.53
N CYS I 292 -38.03 -18.57 1.22
CA CYS I 292 -38.51 -17.49 2.06
C CYS I 292 -40.03 -17.43 1.99
N ASN I 293 -40.67 -17.15 3.12
CA ASN I 293 -42.11 -17.19 3.26
C ASN I 293 -42.70 -15.80 3.47
N ILE I 294 -43.89 -15.58 2.92
CA ILE I 294 -44.67 -14.35 3.08
C ILE I 294 -46.12 -14.73 3.35
N SER I 295 -46.77 -14.03 4.27
CA SER I 295 -48.19 -14.24 4.50
C SER I 295 -48.98 -13.67 3.32
N GLU I 296 -49.97 -14.44 2.86
CA GLU I 296 -50.64 -14.11 1.61
C GLU I 296 -51.52 -12.88 1.75
N GLU I 297 -52.34 -12.84 2.80
CA GLU I 297 -53.30 -11.74 2.92
C GLU I 297 -52.60 -10.42 3.20
N LYS I 298 -51.48 -10.45 3.92
CA LYS I 298 -50.72 -9.24 4.14
C LYS I 298 -50.14 -8.71 2.84
N TRP I 299 -49.66 -9.60 1.96
CA TRP I 299 -49.18 -9.15 0.68
C TRP I 299 -50.31 -8.61 -0.19
N ASN I 300 -51.48 -9.25 -0.13
CA ASN I 300 -52.63 -8.72 -0.88
C ASN I 300 -53.01 -7.34 -0.39
N ASP I 301 -53.03 -7.14 0.93
CA ASP I 301 -53.32 -5.83 1.50
C ASP I 301 -52.28 -4.80 1.08
N THR I 302 -51.01 -5.17 1.11
CA THR I 302 -49.96 -4.23 0.70
C THR I 302 -50.11 -3.84 -0.76
N LEU I 303 -50.28 -4.82 -1.64
CA LEU I 303 -50.41 -4.52 -3.06
C LEU I 303 -51.69 -3.78 -3.38
N GLN I 304 -52.77 -4.01 -2.63
CA GLN I 304 -53.99 -3.25 -2.84
C GLN I 304 -53.84 -1.81 -2.38
N LYS I 305 -53.23 -1.60 -1.22
CA LYS I 305 -53.01 -0.22 -0.76
C LYS I 305 -52.04 0.51 -1.68
N VAL I 306 -51.07 -0.19 -2.24
CA VAL I 306 -50.19 0.44 -3.21
C VAL I 306 -50.93 0.73 -4.52
N GLY I 307 -51.88 -0.12 -4.90
CA GLY I 307 -52.70 0.18 -6.06
C GLY I 307 -53.58 1.38 -5.86
N ILE I 308 -54.05 1.60 -4.63
CA ILE I 308 -54.85 2.78 -4.33
C ILE I 308 -54.09 4.06 -4.62
N GLU I 309 -52.76 4.04 -4.50
CA GLU I 309 -51.93 5.23 -4.77
C GLU I 309 -51.32 5.25 -6.14
N LEU I 310 -51.14 4.10 -6.79
CA LEU I 310 -50.70 4.09 -8.17
C LEU I 310 -51.81 4.55 -9.11
N GLN I 311 -53.07 4.50 -8.66
CA GLN I 311 -54.18 5.03 -9.44
C GLN I 311 -54.40 6.52 -9.24
N LYS I 312 -53.73 7.15 -8.27
CA LYS I 312 -53.78 8.60 -8.17
C LYS I 312 -53.10 9.28 -9.35
N HIS I 313 -52.30 8.55 -10.12
CA HIS I 313 -51.68 9.04 -11.34
C HIS I 313 -52.12 8.27 -12.58
N PHE I 314 -52.72 7.09 -12.40
CA PHE I 314 -53.27 6.29 -13.50
C PHE I 314 -54.67 5.83 -13.12
N PRO I 315 -55.63 6.76 -13.03
CA PRO I 315 -56.92 6.40 -12.42
C PRO I 315 -57.74 5.40 -13.22
N ASN I 316 -57.97 5.67 -14.50
CA ASN I 316 -58.80 4.79 -15.32
C ASN I 316 -58.14 3.43 -15.51
N LYS I 317 -56.83 3.42 -15.74
CA LYS I 317 -56.16 2.22 -16.23
C LYS I 317 -55.93 1.21 -15.10
N THR I 318 -55.53 0.01 -15.49
CA THR I 318 -55.26 -1.07 -14.56
C THR I 318 -53.81 -0.95 -14.06
N ILE I 319 -53.50 -1.70 -12.99
CA ILE I 319 -52.21 -1.63 -12.28
C ILE I 319 -51.62 -3.05 -12.30
N LYS I 320 -51.75 -3.73 -13.44
CA LYS I 320 -51.41 -5.15 -13.54
C LYS I 320 -49.96 -5.47 -13.19
N TYR I 321 -49.72 -6.04 -12.01
CA TYR I 321 -48.36 -6.41 -11.63
C TYR I 321 -47.87 -7.60 -12.46
N ASN I 322 -46.55 -7.72 -12.60
CA ASN I 322 -45.98 -8.78 -13.42
C ASN I 322 -44.55 -9.07 -12.99
N GLN I 323 -44.05 -10.22 -13.45
CA GLN I 323 -42.71 -10.75 -13.21
C GLN I 323 -41.62 -9.75 -13.61
N SER I 324 -40.42 -9.94 -13.09
CA SER I 324 -39.26 -9.16 -13.55
C SER I 324 -39.09 -9.27 -15.06
N ALA I 325 -38.45 -8.25 -15.64
CA ALA I 325 -38.30 -8.21 -17.09
C ALA I 325 -37.46 -9.37 -17.61
N GLY I 326 -36.35 -9.68 -16.94
CA GLY I 326 -35.46 -10.73 -17.38
C GLY I 326 -34.01 -10.43 -17.04
N GLY I 327 -33.10 -10.88 -17.90
CA GLY I 327 -31.69 -10.61 -17.72
C GLY I 327 -30.99 -11.68 -16.90
N ASP I 328 -29.86 -11.27 -16.32
CA ASP I 328 -28.99 -12.21 -15.62
C ASP I 328 -29.56 -12.51 -14.23
N MET I 329 -28.91 -13.46 -13.55
CA MET I 329 -29.35 -13.90 -12.23
C MET I 329 -29.29 -12.75 -11.22
N GLU I 330 -28.32 -11.86 -11.37
CA GLU I 330 -28.20 -10.73 -10.46
C GLU I 330 -29.25 -9.65 -10.71
N ILE I 331 -29.85 -9.63 -11.91
CA ILE I 331 -30.79 -8.57 -12.28
C ILE I 331 -32.22 -8.95 -11.90
N THR I 332 -32.61 -10.21 -12.12
CA THR I 332 -34.01 -10.58 -11.97
C THR I 332 -34.39 -10.93 -10.54
N THR I 333 -33.49 -11.52 -9.77
CA THR I 333 -33.84 -12.07 -8.47
C THR I 333 -33.80 -11.00 -7.39
N HIS I 334 -34.47 -11.30 -6.27
CA HIS I 334 -34.39 -10.49 -5.06
C HIS I 334 -33.16 -10.97 -4.29
N SER I 335 -32.02 -10.38 -4.60
CA SER I 335 -30.78 -10.74 -3.94
C SER I 335 -30.68 -9.99 -2.62
N PHE I 336 -30.19 -10.69 -1.61
CA PHE I 336 -29.94 -10.08 -0.32
C PHE I 336 -28.93 -10.94 0.41
N ASN I 337 -28.38 -10.37 1.48
CA ASN I 337 -27.47 -11.09 2.38
C ASN I 337 -27.99 -10.92 3.79
N CYS I 338 -28.33 -12.04 4.42
CA CYS I 338 -28.62 -12.02 5.85
C CYS I 338 -28.42 -13.42 6.40
N GLY I 339 -27.76 -13.50 7.54
CA GLY I 339 -27.16 -14.73 7.99
C GLY I 339 -25.77 -14.99 7.45
N GLY I 340 -25.28 -14.15 6.55
CA GLY I 340 -23.95 -14.27 5.98
C GLY I 340 -23.90 -14.95 4.63
N GLU I 341 -24.95 -15.69 4.26
CA GLU I 341 -25.02 -16.36 2.97
C GLU I 341 -25.85 -15.54 2.00
N PHE I 342 -25.38 -15.44 0.76
CA PHE I 342 -26.01 -14.61 -0.25
C PHE I 342 -27.14 -15.39 -0.92
N PHE I 343 -28.38 -14.99 -0.65
CA PHE I 343 -29.56 -15.59 -1.24
C PHE I 343 -29.93 -14.86 -2.52
N TYR I 344 -30.55 -15.58 -3.44
CA TYR I 344 -31.11 -15.01 -4.68
C TYR I 344 -32.48 -15.66 -4.89
N CYS I 345 -33.53 -14.99 -4.42
CA CYS I 345 -34.86 -15.56 -4.38
C CYS I 345 -35.67 -15.16 -5.60
N ASN I 346 -36.53 -16.08 -6.07
CA ASN I 346 -37.42 -15.80 -7.19
C ASN I 346 -38.72 -15.23 -6.66
N THR I 347 -39.12 -14.08 -7.20
CA THR I 347 -40.21 -13.28 -6.68
C THR I 347 -41.47 -13.35 -7.55
N SER I 348 -41.53 -14.27 -8.51
CA SER I 348 -42.61 -14.25 -9.50
C SER I 348 -43.97 -14.49 -8.87
N ASN I 349 -44.02 -15.12 -7.69
CA ASN I 349 -45.28 -15.38 -7.03
C ASN I 349 -45.79 -14.19 -6.25
N LEU I 350 -44.91 -13.24 -5.90
CA LEU I 350 -45.33 -12.03 -5.20
C LEU I 350 -46.08 -11.05 -6.10
N PHE I 351 -45.96 -11.18 -7.41
CA PHE I 351 -46.51 -10.24 -8.37
C PHE I 351 -47.22 -10.99 -9.48
N ASN I 352 -48.07 -11.95 -9.11
CA ASN I 352 -48.70 -12.86 -10.06
C ASN I 352 -50.06 -12.37 -10.53
N GLY I 353 -50.79 -11.62 -9.70
CA GLY I 353 -52.13 -11.16 -10.01
C GLY I 353 -52.20 -9.66 -9.97
N THR I 354 -53.40 -9.11 -9.75
CA THR I 354 -53.52 -7.66 -9.70
C THR I 354 -54.83 -7.23 -9.08
N TYR I 355 -54.74 -6.17 -8.28
CA TYR I 355 -55.85 -5.30 -7.91
C TYR I 355 -56.48 -4.72 -9.18
N ASN I 356 -57.74 -5.05 -9.43
CA ASN I 356 -58.51 -4.59 -10.59
C ASN I 356 -59.41 -3.43 -10.25
N GLY I 357 -59.00 -2.54 -9.34
CA GLY I 357 -59.85 -1.47 -8.89
C GLY I 357 -60.73 -1.92 -7.74
N THR I 358 -61.33 -3.10 -7.91
CA THR I 358 -61.91 -3.87 -6.82
C THR I 358 -60.98 -3.93 -5.61
N TYR I 359 -61.37 -3.25 -4.53
CA TYR I 359 -60.68 -3.36 -3.24
C TYR I 359 -61.37 -4.45 -2.42
N ILE I 360 -60.96 -5.68 -2.70
CA ILE I 360 -61.63 -6.84 -2.15
C ILE I 360 -61.46 -6.85 -0.63
N SER I 361 -62.46 -7.39 0.07
CA SER I 361 -62.50 -7.29 1.52
C SER I 361 -61.29 -7.95 2.15
N THR I 362 -60.65 -7.24 3.09
CA THR I 362 -59.43 -7.71 3.72
C THR I 362 -59.70 -8.55 4.98
N ASN I 363 -60.94 -8.62 5.45
CA ASN I 363 -61.30 -9.40 6.62
C ASN I 363 -62.67 -10.04 6.40
N SER I 364 -62.94 -11.16 7.08
CA SER I 364 -62.11 -11.94 8.01
C SER I 364 -61.27 -12.95 7.23
N SER I 365 -59.98 -13.01 7.56
CA SER I 365 -59.06 -13.89 6.86
C SER I 365 -59.32 -15.34 7.25
N ALA I 366 -59.27 -16.23 6.25
CA ALA I 366 -59.53 -17.64 6.51
C ALA I 366 -58.44 -18.26 7.37
N ASN I 367 -57.17 -18.06 6.99
CA ASN I 367 -56.05 -18.61 7.75
C ASN I 367 -54.83 -17.72 7.49
N SER I 368 -54.56 -16.81 8.44
CA SER I 368 -53.44 -15.90 8.33
C SER I 368 -52.09 -16.57 8.63
N THR I 369 -52.09 -17.79 9.16
CA THR I 369 -50.85 -18.52 9.38
C THR I 369 -50.31 -19.18 8.12
N SER I 370 -51.13 -19.28 7.06
CA SER I 370 -50.64 -19.75 5.77
C SER I 370 -49.76 -18.69 5.13
N THR I 371 -48.80 -19.14 4.33
CA THR I 371 -47.80 -18.27 3.71
C THR I 371 -47.52 -18.70 2.28
N ILE I 372 -47.05 -17.76 1.48
CA ILE I 372 -46.59 -18.03 0.12
C ILE I 372 -45.07 -18.07 0.12
N THR I 373 -44.52 -19.13 -0.45
CA THR I 373 -43.10 -19.47 -0.33
C THR I 373 -42.38 -19.08 -1.61
N LEU I 374 -41.22 -18.46 -1.46
CA LEU I 374 -40.34 -18.11 -2.58
C LEU I 374 -39.11 -19.01 -2.53
N GLN I 375 -38.87 -19.73 -3.63
CA GLN I 375 -37.71 -20.59 -3.71
C GLN I 375 -36.48 -19.79 -4.09
N CYS I 376 -35.35 -20.15 -3.50
CA CYS I 376 -34.13 -19.34 -3.59
C CYS I 376 -32.93 -20.21 -3.95
N ARG I 377 -31.88 -19.54 -4.42
CA ARG I 377 -30.63 -20.17 -4.81
C ARG I 377 -29.49 -19.38 -4.18
N ILE I 378 -28.43 -20.08 -3.81
CA ILE I 378 -27.35 -19.52 -3.01
C ILE I 378 -26.05 -19.60 -3.81
N LYS I 379 -25.25 -18.54 -3.72
CA LYS I 379 -23.96 -18.44 -4.38
C LYS I 379 -22.87 -18.30 -3.34
N GLN I 380 -21.63 -18.54 -3.77
CA GLN I 380 -20.45 -18.25 -2.97
C GLN I 380 -19.54 -17.21 -3.61
N ILE I 381 -19.60 -17.05 -4.92
CA ILE I 381 -18.84 -16.04 -5.64
C ILE I 381 -19.78 -14.89 -5.97
N ILE I 382 -19.38 -13.67 -5.61
CA ILE I 382 -20.27 -12.52 -5.61
C ILE I 382 -19.59 -11.38 -6.37
N ASN I 383 -20.36 -10.67 -7.18
CA ASN I 383 -19.94 -9.42 -7.83
C ASN I 383 -20.85 -8.31 -7.33
N MET I 384 -20.47 -7.72 -6.19
CA MET I 384 -21.36 -6.82 -5.47
C MET I 384 -21.62 -5.53 -6.25
N TRP I 385 -20.55 -4.87 -6.68
CA TRP I 385 -20.67 -3.69 -7.53
C TRP I 385 -19.57 -3.76 -8.58
N GLN I 386 -19.73 -2.95 -9.62
CA GLN I 386 -18.78 -2.97 -10.72
C GLN I 386 -17.44 -2.35 -10.32
N GLY I 387 -16.37 -3.13 -10.43
CA GLY I 387 -15.03 -2.60 -10.40
C GLY I 387 -14.34 -2.52 -9.05
N VAL I 388 -15.11 -2.60 -7.96
CA VAL I 388 -14.54 -2.48 -6.62
C VAL I 388 -14.08 -3.85 -6.15
N GLY I 389 -12.91 -4.28 -6.62
CA GLY I 389 -12.40 -5.63 -6.37
C GLY I 389 -13.51 -6.64 -6.51
N ARG I 390 -14.06 -6.74 -7.73
CA ARG I 390 -15.48 -7.05 -7.87
C ARG I 390 -15.84 -8.43 -7.31
N CYS I 391 -15.01 -9.44 -7.51
CA CYS I 391 -15.13 -10.65 -6.68
C CYS I 391 -15.00 -10.41 -5.20
N MET I 392 -15.90 -11.04 -4.48
CA MET I 392 -15.66 -11.56 -3.14
C MET I 392 -16.18 -12.98 -3.09
N TYR I 393 -15.33 -13.92 -2.70
CA TYR I 393 -15.77 -15.28 -2.39
C TYR I 393 -16.22 -15.31 -0.94
N ALA I 394 -17.50 -15.59 -0.73
CA ALA I 394 -18.07 -15.63 0.62
C ALA I 394 -17.86 -17.02 1.18
N PRO I 395 -17.11 -17.21 2.27
CA PRO I 395 -16.92 -18.56 2.79
C PRO I 395 -18.23 -19.12 3.31
N PRO I 396 -18.45 -20.43 3.21
CA PRO I 396 -19.73 -20.98 3.68
C PRO I 396 -19.81 -20.97 5.20
N ILE I 397 -21.06 -20.94 5.68
CA ILE I 397 -21.35 -20.98 7.11
C ILE I 397 -21.94 -22.34 7.43
N ALA I 398 -21.32 -23.05 8.37
CA ALA I 398 -21.74 -24.40 8.70
C ALA I 398 -23.07 -24.38 9.47
N GLY I 399 -23.81 -25.48 9.34
CA GLY I 399 -25.10 -25.62 9.97
C GLY I 399 -26.20 -25.02 9.14
N ASN I 400 -27.43 -25.22 9.60
CA ASN I 400 -28.59 -24.58 9.01
C ASN I 400 -28.77 -23.20 9.61
N ILE I 401 -29.21 -22.26 8.76
CA ILE I 401 -29.36 -20.86 9.13
C ILE I 401 -30.77 -20.40 8.79
N THR I 402 -31.24 -19.41 9.55
CA THR I 402 -32.55 -18.82 9.35
C THR I 402 -32.41 -17.32 9.54
N CYS I 403 -33.25 -16.57 8.86
CA CYS I 403 -33.20 -15.11 8.87
C CYS I 403 -34.62 -14.57 8.88
N ARG I 404 -34.88 -13.63 9.78
CA ARG I 404 -36.18 -12.98 9.90
C ARG I 404 -35.98 -11.48 9.80
N SER I 405 -36.78 -10.83 8.97
CA SER I 405 -36.62 -9.41 8.69
C SER I 405 -37.95 -8.82 8.29
N ASN I 406 -37.99 -7.49 8.24
CA ASN I 406 -39.20 -6.73 7.92
C ASN I 406 -39.03 -6.08 6.56
N ILE I 407 -40.02 -6.28 5.69
CA ILE I 407 -40.11 -5.50 4.46
C ILE I 407 -40.58 -4.10 4.82
N THR I 408 -40.07 -3.10 4.08
CA THR I 408 -40.45 -1.71 4.30
C THR I 408 -40.74 -0.94 3.02
N GLY I 409 -40.39 -1.44 1.85
CA GLY I 409 -40.62 -0.68 0.64
C GLY I 409 -40.36 -1.51 -0.60
N LEU I 410 -40.87 -1.02 -1.72
CA LEU I 410 -40.75 -1.66 -3.02
C LEU I 410 -40.02 -0.75 -3.99
N LEU I 411 -39.27 -1.36 -4.90
CA LEU I 411 -38.77 -0.70 -6.09
C LEU I 411 -39.52 -1.29 -7.28
N LEU I 412 -40.30 -0.46 -7.97
CA LEU I 412 -41.13 -0.90 -9.08
C LEU I 412 -40.71 -0.19 -10.36
N THR I 413 -41.41 -0.50 -11.44
CA THR I 413 -41.21 0.16 -12.71
C THR I 413 -42.47 -0.03 -13.55
N ARG I 414 -42.83 1.01 -14.30
CA ARG I 414 -43.99 0.97 -15.18
C ARG I 414 -43.52 0.60 -16.58
N ASP I 415 -44.11 -0.46 -17.13
CA ASP I 415 -43.65 -1.00 -18.39
C ASP I 415 -44.03 -0.10 -19.56
N GLY I 416 -43.36 -0.31 -20.69
CA GLY I 416 -43.65 0.43 -21.89
C GLY I 416 -45.03 0.12 -22.44
N GLY I 417 -45.82 1.17 -22.69
CA GLY I 417 -47.14 1.00 -23.25
C GLY I 417 -47.14 1.07 -24.77
N THR I 418 -48.16 0.47 -25.37
CA THR I 418 -48.34 0.52 -26.81
C THR I 418 -49.82 0.45 -27.14
N ASN I 419 -50.19 1.09 -28.25
CA ASN I 419 -51.57 1.12 -28.74
C ASN I 419 -52.52 1.74 -27.72
N SER I 420 -52.01 2.66 -26.90
CA SER I 420 -52.80 3.34 -25.87
C SER I 420 -53.49 2.35 -24.95
N ASN I 421 -52.73 1.38 -24.45
CA ASN I 421 -53.31 0.27 -23.69
C ASN I 421 -53.98 0.76 -22.42
N GLU I 422 -55.20 0.28 -22.18
CA GLU I 422 -56.00 0.65 -21.02
C GLU I 422 -55.58 -0.09 -19.75
N THR I 423 -54.69 -1.08 -19.85
CA THR I 423 -54.48 -2.06 -18.79
C THR I 423 -53.02 -2.16 -18.34
N GLU I 424 -52.29 -1.05 -18.31
CA GLU I 424 -50.83 -1.10 -18.25
C GLU I 424 -50.34 -1.65 -16.91
N THR I 425 -49.09 -2.11 -16.92
CA THR I 425 -48.57 -3.06 -15.95
C THR I 425 -47.36 -2.51 -15.22
N PHE I 426 -47.21 -2.90 -13.94
CA PHE I 426 -46.04 -2.60 -13.14
C PHE I 426 -45.22 -3.87 -12.92
N ARG I 427 -43.94 -3.69 -12.59
CA ARG I 427 -43.02 -4.80 -12.39
C ARG I 427 -42.02 -4.45 -11.30
N PRO I 428 -41.44 -5.45 -10.63
CA PRO I 428 -40.32 -5.16 -9.73
C PRO I 428 -39.13 -4.62 -10.50
N ALA I 429 -38.32 -3.80 -9.83
CA ALA I 429 -37.19 -3.11 -10.44
C ALA I 429 -35.90 -3.42 -9.71
N GLY I 430 -34.94 -3.96 -10.43
CA GLY I 430 -33.56 -3.88 -10.00
C GLY I 430 -33.01 -2.49 -10.28
N GLY I 431 -32.06 -2.08 -9.44
CA GLY I 431 -31.54 -0.73 -9.53
C GLY I 431 -30.19 -0.60 -8.89
N ASP I 432 -29.49 0.47 -9.25
CA ASP I 432 -28.25 0.81 -8.58
C ASP I 432 -28.51 1.09 -7.11
N MET I 433 -27.44 1.01 -6.32
CA MET I 433 -27.56 1.15 -4.88
C MET I 433 -27.91 2.57 -4.46
N ARG I 434 -27.64 3.56 -5.32
CA ARG I 434 -28.06 4.93 -5.04
C ARG I 434 -29.57 4.98 -4.85
N ASP I 435 -30.32 4.26 -5.68
CA ASP I 435 -31.75 4.17 -5.50
C ASP I 435 -32.11 3.53 -4.16
N ASN I 436 -31.28 2.59 -3.70
CA ASN I 436 -31.57 1.90 -2.44
C ASN I 436 -31.44 2.86 -1.26
N TRP I 437 -30.32 3.60 -1.19
CA TRP I 437 -30.15 4.52 -0.06
C TRP I 437 -30.97 5.80 -0.21
N ARG I 438 -31.41 6.13 -1.42
CA ARG I 438 -32.18 7.35 -1.60
C ARG I 438 -33.50 7.31 -0.84
N SER I 439 -34.02 6.10 -0.58
CA SER I 439 -35.21 5.96 0.23
C SER I 439 -35.00 6.36 1.69
N GLU I 440 -33.75 6.48 2.14
CA GLU I 440 -33.42 6.73 3.53
C GLU I 440 -32.91 8.14 3.77
N LEU I 441 -32.12 8.69 2.85
CA LEU I 441 -31.57 10.03 3.01
C LEU I 441 -32.53 11.12 2.51
N TYR I 442 -33.76 10.77 2.13
CA TYR I 442 -34.66 11.72 1.50
C TYR I 442 -34.97 12.92 2.39
N LYS I 443 -34.93 12.73 3.72
CA LYS I 443 -35.37 13.78 4.64
C LYS I 443 -34.38 14.93 4.79
N TYR I 444 -33.13 14.76 4.35
CA TYR I 444 -32.03 15.60 4.79
C TYR I 444 -31.45 16.44 3.65
N LYS I 445 -30.94 17.60 4.04
CA LYS I 445 -30.14 18.45 3.17
C LYS I 445 -29.14 19.21 4.03
N VAL I 446 -27.97 19.49 3.47
CA VAL I 446 -26.90 20.20 4.19
C VAL I 446 -26.90 21.65 3.76
N VAL I 447 -26.71 22.55 4.72
CA VAL I 447 -26.60 23.98 4.47
C VAL I 447 -25.33 24.50 5.14
N LYS I 448 -24.69 25.45 4.47
CA LYS I 448 -23.65 26.24 5.11
C LYS I 448 -24.28 27.32 5.98
N ILE I 449 -23.48 27.83 6.91
CA ILE I 449 -23.85 29.00 7.70
C ILE I 449 -22.96 30.15 7.25
N GLU I 450 -23.58 31.25 6.85
CA GLU I 450 -22.89 32.46 6.44
C GLU I 450 -23.14 33.54 7.48
N PRO I 451 -22.38 33.56 8.58
CA PRO I 451 -22.81 34.31 9.77
C PRO I 451 -22.51 35.79 9.74
N LEU I 452 -21.97 36.34 8.65
CA LEU I 452 -21.62 37.75 8.55
C LEU I 452 -22.66 38.47 7.72
N GLY I 453 -23.34 39.45 8.33
CA GLY I 453 -24.39 40.18 7.67
C GLY I 453 -24.20 41.68 7.84
N VAL I 454 -24.88 42.43 6.98
CA VAL I 454 -24.76 43.88 6.87
C VAL I 454 -26.16 44.46 6.81
N ALA I 455 -26.37 45.55 7.54
CA ALA I 455 -27.71 46.13 7.65
C ALA I 455 -27.58 47.60 8.03
N PRO I 456 -28.62 48.40 7.81
CA PRO I 456 -28.60 49.80 8.27
C PRO I 456 -29.20 49.93 9.67
N THR I 457 -28.53 50.72 10.52
CA THR I 457 -29.02 50.99 11.86
C THR I 457 -28.79 52.47 12.19
N ARG I 458 -29.06 52.84 13.45
CA ARG I 458 -29.20 54.23 13.84
C ARG I 458 -27.98 54.80 14.57
N CYS I 459 -26.89 54.05 14.70
CA CYS I 459 -25.70 54.51 15.41
C CYS I 459 -24.52 54.62 14.46
N LYS I 460 -23.71 55.66 14.68
CA LYS I 460 -22.47 55.88 13.96
C LYS I 460 -21.30 55.64 14.89
N ARG I 461 -20.18 55.19 14.32
CA ARG I 461 -18.96 54.98 15.10
C ARG I 461 -18.53 56.29 15.75
N ARG I 462 -18.22 56.22 17.05
CA ARG I 462 -17.95 57.42 17.83
C ARG I 462 -16.50 57.88 17.68
N VAL I 463 -16.08 58.14 16.45
CA VAL I 463 -14.72 58.60 16.20
C VAL I 463 -14.61 60.08 16.58
N LEU J 9 -32.76 28.49 22.74
CA LEU J 9 -33.39 28.13 21.48
C LEU J 9 -32.47 27.34 20.55
N GLY J 10 -31.17 27.28 20.83
CA GLY J 10 -30.28 26.44 20.07
C GLY J 10 -29.58 27.16 18.91
N PHE J 11 -29.03 26.34 18.01
CA PHE J 11 -28.12 26.79 16.98
C PHE J 11 -28.77 27.82 16.05
N LEU J 12 -29.77 27.38 15.28
CA LEU J 12 -30.46 28.28 14.36
C LEU J 12 -31.82 28.65 14.97
N GLY J 13 -31.88 28.72 16.30
CA GLY J 13 -33.14 28.90 16.98
C GLY J 13 -33.85 30.19 16.63
N ALA J 14 -33.10 31.21 16.24
CA ALA J 14 -33.67 32.49 15.84
C ALA J 14 -33.86 32.61 14.33
N ALA J 15 -33.58 31.55 13.56
CA ALA J 15 -33.88 31.58 12.14
C ALA J 15 -35.39 31.68 11.95
N GLY J 16 -35.80 32.63 11.10
CA GLY J 16 -37.20 32.94 10.93
C GLY J 16 -37.76 33.97 11.88
N SER J 17 -37.13 34.17 13.04
CA SER J 17 -37.54 35.25 13.93
C SER J 17 -37.28 36.59 13.27
N THR J 18 -37.85 37.65 13.86
CA THR J 18 -37.71 38.98 13.28
C THR J 18 -36.24 39.39 13.28
N MET J 19 -35.90 40.30 12.37
CA MET J 19 -34.51 40.76 12.30
C MET J 19 -34.10 41.43 13.60
N GLY J 20 -35.03 42.12 14.25
CA GLY J 20 -34.76 42.65 15.57
C GLY J 20 -34.58 41.55 16.58
N ALA J 21 -35.44 40.54 16.55
CA ALA J 21 -35.34 39.44 17.50
C ALA J 21 -34.20 38.50 17.18
N ALA J 22 -33.77 38.42 15.92
CA ALA J 22 -32.64 37.60 15.53
C ALA J 22 -31.30 38.33 15.61
N SER J 23 -31.31 39.66 15.73
CA SER J 23 -30.08 40.41 15.90
C SER J 23 -29.47 40.25 17.29
N MET J 24 -30.24 39.73 18.24
CA MET J 24 -29.75 39.36 19.55
C MET J 24 -29.48 37.86 19.55
N THR J 25 -28.86 37.37 20.63
CA THR J 25 -28.48 35.97 20.74
C THR J 25 -27.56 35.55 19.59
N LEU J 26 -26.64 36.43 19.20
CA LEU J 26 -25.71 36.10 18.13
C LEU J 26 -24.58 35.19 18.62
N THR J 27 -24.31 35.18 19.93
CA THR J 27 -23.18 34.42 20.45
C THR J 27 -23.37 32.93 20.25
N VAL J 28 -24.58 32.42 20.48
CA VAL J 28 -24.83 30.99 20.35
C VAL J 28 -24.57 30.50 18.94
N GLN J 29 -24.75 31.36 17.94
CA GLN J 29 -24.46 31.01 16.56
C GLN J 29 -23.01 31.32 16.19
N ALA J 30 -22.38 32.25 16.90
CA ALA J 30 -20.96 32.52 16.69
C ALA J 30 -20.10 31.45 17.33
N ARG J 31 -20.62 30.78 18.36
CA ARG J 31 -19.84 29.82 19.12
C ARG J 31 -19.75 28.45 18.44
N ASN J 32 -20.61 28.17 17.47
CA ASN J 32 -20.66 26.85 16.85
C ASN J 32 -19.78 26.74 15.61
N LEU J 33 -19.12 27.82 15.20
CA LEU J 33 -18.37 27.81 13.94
C LEU J 33 -17.02 27.10 14.06
N LEU J 34 -16.61 26.71 15.27
CA LEU J 34 -15.32 26.06 15.50
C LEU J 34 -15.55 24.75 16.24
N SER J 35 -15.21 23.64 15.59
CA SER J 35 -15.18 22.33 16.23
C SER J 35 -14.50 21.36 15.28
N GLY J 36 -14.18 20.17 15.78
CA GLY J 36 -13.52 19.19 14.96
C GLY J 36 -13.45 17.79 15.55
N THR J 37 -13.64 16.79 14.68
CA THR J 37 -13.41 15.39 15.01
C THR J 37 -13.36 14.61 13.71
N VAL J 38 -12.30 13.81 13.54
CA VAL J 38 -11.81 13.41 12.23
C VAL J 38 -11.57 11.91 12.17
N TRP J 39 -11.95 11.31 11.04
CA TRP J 39 -11.36 10.07 10.57
C TRP J 39 -10.80 10.30 9.17
N GLY J 40 -9.60 9.79 8.93
CA GLY J 40 -9.02 9.84 7.60
C GLY J 40 -8.47 11.21 7.28
N ILE J 41 -8.04 11.34 6.03
CA ILE J 41 -7.44 12.59 5.56
C ILE J 41 -8.50 13.58 5.10
N LYS J 42 -9.60 13.08 4.55
CA LYS J 42 -10.59 13.99 3.96
C LYS J 42 -11.35 14.76 5.03
N GLN J 43 -11.64 14.14 6.17
CA GLN J 43 -12.23 14.92 7.25
C GLN J 43 -11.23 15.86 7.91
N LEU J 44 -9.94 15.51 7.88
CA LEU J 44 -8.94 16.47 8.33
C LEU J 44 -8.91 17.69 7.42
N GLN J 45 -9.04 17.46 6.12
CA GLN J 45 -9.19 18.55 5.15
C GLN J 45 -10.40 19.40 5.50
N ALA J 46 -11.52 18.77 5.83
CA ALA J 46 -12.71 19.53 6.22
C ALA J 46 -12.45 20.37 7.47
N ARG J 47 -11.74 19.79 8.44
CA ARG J 47 -11.47 20.48 9.69
C ARG J 47 -10.63 21.74 9.45
N VAL J 48 -9.50 21.60 8.74
CA VAL J 48 -8.66 22.76 8.50
C VAL J 48 -9.38 23.76 7.60
N LEU J 49 -10.26 23.29 6.71
CA LEU J 49 -11.05 24.20 5.90
C LEU J 49 -11.96 25.07 6.78
N ALA J 50 -12.59 24.46 7.78
CA ALA J 50 -13.44 25.23 8.69
C ALA J 50 -12.62 26.24 9.47
N VAL J 51 -11.43 25.84 9.95
CA VAL J 51 -10.58 26.76 10.70
C VAL J 51 -10.20 27.94 9.82
N GLU J 52 -9.83 27.66 8.57
CA GLU J 52 -9.48 28.71 7.62
C GLU J 52 -10.66 29.65 7.39
N ARG J 53 -11.86 29.09 7.25
CA ARG J 53 -13.04 29.92 7.03
C ARG J 53 -13.28 30.88 8.19
N TYR J 54 -13.17 30.37 9.41
CA TYR J 54 -13.33 31.21 10.59
C TYR J 54 -12.29 32.34 10.60
N LEU J 55 -11.04 32.00 10.32
CA LEU J 55 -10.00 33.02 10.36
C LEU J 55 -10.19 34.04 9.25
N ARG J 56 -10.67 33.62 8.08
CA ARG J 56 -10.92 34.57 7.00
C ARG J 56 -11.98 35.58 7.41
N ASP J 57 -13.08 35.10 8.00
CA ASP J 57 -14.12 36.04 8.42
C ASP J 57 -13.62 36.96 9.54
N GLN J 58 -12.82 36.43 10.47
CA GLN J 58 -12.28 37.27 11.54
C GLN J 58 -11.35 38.34 10.99
N GLN J 59 -10.49 37.97 10.05
CA GLN J 59 -9.58 38.94 9.44
C GLN J 59 -10.36 40.00 8.69
N LEU J 60 -11.43 39.61 8.01
CA LEU J 60 -12.25 40.58 7.30
C LEU J 60 -12.89 41.56 8.28
N LEU J 61 -13.39 41.06 9.41
CA LEU J 61 -13.95 41.96 10.42
C LEU J 61 -12.89 42.91 10.97
N GLY J 62 -11.67 42.41 11.20
CA GLY J 62 -10.61 43.26 11.71
C GLY J 62 -10.23 44.34 10.72
N ILE J 63 -10.22 44.02 9.44
CA ILE J 63 -9.88 45.01 8.41
C ILE J 63 -10.90 46.14 8.39
N TRP J 64 -12.15 45.87 8.76
CA TRP J 64 -13.18 46.88 8.90
C TRP J 64 -13.14 47.61 10.24
N GLY J 65 -12.31 47.18 11.18
CA GLY J 65 -12.26 47.80 12.49
C GLY J 65 -13.27 47.30 13.49
N CYS J 66 -13.96 46.19 13.20
CA CYS J 66 -14.93 45.59 14.10
C CYS J 66 -14.35 44.44 14.91
N SER J 67 -13.07 44.51 15.28
CA SER J 67 -12.49 43.52 16.15
C SER J 67 -13.15 43.59 17.53
N GLY J 68 -13.09 42.49 18.27
CA GLY J 68 -14.00 42.35 19.38
C GLY J 68 -15.43 42.30 18.90
N LYS J 69 -15.70 41.46 17.90
CA LYS J 69 -16.87 41.56 17.07
C LYS J 69 -18.16 41.32 17.85
N LEU J 70 -19.27 41.44 17.10
CA LEU J 70 -20.58 40.82 17.26
C LEU J 70 -21.59 41.76 16.62
N ILE J 71 -21.62 43.00 17.11
CA ILE J 71 -22.36 44.10 16.50
C ILE J 71 -21.44 45.29 16.45
N CYS J 72 -21.39 45.96 15.31
CA CYS J 72 -20.39 47.02 15.09
C CYS J 72 -20.92 47.96 14.01
N CYS J 73 -21.43 49.11 14.43
CA CYS J 73 -21.88 50.12 13.48
C CYS J 73 -20.75 51.08 13.14
N THR J 74 -20.91 51.74 11.99
CA THR J 74 -19.79 52.25 11.19
C THR J 74 -20.12 53.64 10.67
N ASN J 75 -19.42 54.10 9.61
CA ASN J 75 -19.72 55.37 8.96
C ASN J 75 -20.07 55.30 7.48
N VAL J 76 -19.84 54.17 6.81
CA VAL J 76 -19.93 54.13 5.35
C VAL J 76 -21.38 54.38 4.96
N PRO J 77 -21.76 55.56 4.46
CA PRO J 77 -23.17 55.94 4.46
C PRO J 77 -24.02 55.03 3.59
N TRP J 78 -25.22 54.78 4.07
CA TRP J 78 -26.17 53.91 3.38
C TRP J 78 -26.66 54.66 2.16
N ASN J 79 -26.07 54.35 1.00
CA ASN J 79 -26.58 54.88 -0.26
C ASN J 79 -27.99 54.36 -0.46
N SER J 80 -28.89 55.27 -0.85
CA SER J 80 -30.30 54.91 -0.96
C SER J 80 -30.51 53.83 -2.02
N SER J 81 -29.64 53.77 -3.02
CA SER J 81 -29.77 52.81 -4.11
C SER J 81 -29.43 51.38 -3.72
N TRP J 82 -29.13 51.13 -2.44
CA TRP J 82 -28.87 49.79 -1.94
C TRP J 82 -30.12 49.07 -1.47
N SER J 83 -31.03 49.76 -0.77
CA SER J 83 -32.27 49.15 -0.29
C SER J 83 -33.52 49.82 -0.86
N ASN J 84 -33.65 51.13 -0.68
CA ASN J 84 -34.88 51.85 -1.01
C ASN J 84 -36.09 51.22 -0.32
N ARG J 85 -35.94 50.87 0.96
CA ARG J 85 -36.99 50.23 1.74
C ARG J 85 -37.11 50.89 3.10
N ASN J 86 -38.34 50.88 3.64
CA ASN J 86 -38.65 51.59 4.87
C ASN J 86 -38.06 50.86 6.07
N LEU J 87 -37.59 51.65 7.05
CA LEU J 87 -36.84 51.10 8.18
C LEU J 87 -37.67 50.18 9.05
N SER J 88 -38.93 50.53 9.33
CA SER J 88 -39.76 49.69 10.17
C SER J 88 -40.09 48.36 9.49
N GLU J 89 -40.43 48.41 8.20
CA GLU J 89 -40.79 47.21 7.46
C GLU J 89 -39.60 46.27 7.24
N ILE J 90 -38.37 46.75 7.45
CA ILE J 90 -37.20 45.88 7.32
C ILE J 90 -36.69 45.41 8.68
N TRP J 91 -36.83 46.21 9.73
CA TRP J 91 -36.32 45.81 11.04
C TRP J 91 -37.34 45.09 11.90
N ASP J 92 -38.57 45.57 11.95
CA ASP J 92 -39.56 44.99 12.85
C ASP J 92 -40.07 43.64 12.34
N ASN J 93 -40.36 43.54 11.04
CA ASN J 93 -41.09 42.39 10.49
C ASN J 93 -40.46 41.82 9.22
N MET J 94 -39.14 41.73 9.19
CA MET J 94 -38.39 40.89 8.25
C MET J 94 -37.45 40.01 9.04
N THR J 95 -37.04 38.89 8.44
CA THR J 95 -36.10 37.96 9.07
C THR J 95 -34.85 37.88 8.21
N TRP J 96 -33.73 37.56 8.87
CA TRP J 96 -32.42 37.74 8.24
C TRP J 96 -32.27 36.86 7.00
N LEU J 97 -32.81 35.65 7.04
CA LEU J 97 -32.62 34.71 5.94
C LEU J 97 -33.24 35.23 4.65
N GLN J 98 -34.41 35.85 4.74
CA GLN J 98 -35.05 36.49 3.60
C GLN J 98 -34.69 37.96 3.47
N TRP J 99 -33.88 38.50 4.38
CA TRP J 99 -33.24 39.79 4.13
C TRP J 99 -32.06 39.65 3.18
N ASP J 100 -31.37 38.51 3.23
CA ASP J 100 -30.27 38.26 2.30
C ASP J 100 -30.76 38.24 0.86
N LYS J 101 -31.96 37.71 0.63
CA LYS J 101 -32.54 37.65 -0.71
C LYS J 101 -33.15 38.99 -1.12
N GLU J 102 -32.85 40.06 -0.38
CA GLU J 102 -33.12 41.43 -0.79
C GLU J 102 -31.87 42.29 -0.92
N ILE J 103 -30.71 41.85 -0.41
CA ILE J 103 -29.51 42.67 -0.37
C ILE J 103 -28.26 41.88 -0.78
N SER J 104 -28.43 40.62 -1.21
CA SER J 104 -27.30 39.77 -1.57
C SER J 104 -26.44 40.36 -2.69
N ASN J 105 -27.06 41.17 -3.54
CA ASN J 105 -26.34 41.69 -4.71
C ASN J 105 -25.27 42.70 -4.31
N TYR J 106 -25.54 43.50 -3.27
CA TYR J 106 -24.80 44.72 -3.02
C TYR J 106 -23.83 44.66 -1.85
N THR J 107 -23.72 43.53 -1.15
CA THR J 107 -22.77 43.44 -0.03
C THR J 107 -21.32 43.49 -0.53
N GLN J 108 -21.03 42.76 -1.60
CA GLN J 108 -19.68 42.68 -2.14
C GLN J 108 -19.15 44.03 -2.59
N ILE J 109 -20.05 44.94 -2.98
CA ILE J 109 -19.64 46.31 -3.24
C ILE J 109 -19.27 47.01 -1.95
N ILE J 110 -20.08 46.82 -0.90
CA ILE J 110 -19.93 47.62 0.32
C ILE J 110 -18.64 47.26 1.05
N TYR J 111 -18.17 46.01 0.91
CA TYR J 111 -17.01 45.58 1.71
C TYR J 111 -15.75 46.42 1.44
N GLY J 112 -15.49 46.76 0.19
CA GLY J 112 -14.30 47.55 -0.11
C GLY J 112 -14.35 48.97 0.45
N LEU J 113 -15.50 49.63 0.32
CA LEU J 113 -15.70 50.91 0.98
C LEU J 113 -15.50 50.78 2.48
N LEU J 114 -15.99 49.68 3.04
CA LEU J 114 -15.95 49.47 4.48
C LEU J 114 -14.54 49.17 4.97
N GLU J 115 -13.65 48.75 4.06
CA GLU J 115 -12.22 48.68 4.37
C GLU J 115 -11.58 50.06 4.31
N GLU J 116 -11.78 50.77 3.19
CA GLU J 116 -11.04 52.01 2.99
C GLU J 116 -11.49 53.09 3.98
N SER J 117 -12.72 53.00 4.49
CA SER J 117 -13.14 53.93 5.55
C SER J 117 -12.35 53.71 6.83
N GLN J 118 -12.11 52.44 7.19
CA GLN J 118 -11.24 52.16 8.33
C GLN J 118 -9.85 52.70 8.09
N ASN J 119 -9.35 52.59 6.86
CA ASN J 119 -8.04 53.18 6.57
C ASN J 119 -8.07 54.69 6.79
N GLN J 120 -9.10 55.35 6.28
CA GLN J 120 -9.31 56.80 6.42
C GLN J 120 -9.49 57.23 7.89
N GLN J 121 -9.89 56.34 8.79
CA GLN J 121 -9.89 56.61 10.22
C GLN J 121 -8.54 56.36 10.88
N GLU J 122 -7.83 55.31 10.46
CA GLU J 122 -6.51 55.02 11.03
C GLU J 122 -5.52 56.13 10.68
N LYS J 123 -5.70 56.77 9.53
CA LYS J 123 -4.89 57.94 9.20
C LYS J 123 -5.01 59.02 10.26
N ASN J 124 -6.24 59.31 10.71
CA ASN J 124 -6.43 60.29 11.77
C ASN J 124 -5.93 59.80 13.11
N GLU J 125 -6.13 58.52 13.43
CA GLU J 125 -5.58 57.94 14.65
C GLU J 125 -4.07 58.15 14.72
N GLN J 126 -3.39 58.11 13.58
CA GLN J 126 -2.00 58.52 13.48
C GLN J 126 -1.80 60.02 13.66
N ASP J 127 -2.44 60.82 12.79
CA ASP J 127 -2.10 62.24 12.70
C ASP J 127 -2.44 62.98 13.99
N LEU J 128 -3.70 62.90 14.44
CA LEU J 128 -4.13 63.70 15.58
C LEU J 128 -3.38 63.30 16.84
N LEU J 129 -3.11 62.01 17.02
CA LEU J 129 -2.30 61.58 18.15
C LEU J 129 -0.89 62.12 18.07
N ALA J 130 -0.31 62.16 16.87
CA ALA J 130 1.03 62.72 16.71
C ALA J 130 1.07 64.20 17.09
N LEU J 131 0.05 64.96 16.68
CA LEU J 131 0.06 66.40 16.93
C LEU J 131 -0.16 66.72 18.40
N ASP J 132 -0.97 65.93 19.10
CA ASP J 132 -1.26 66.18 20.51
C ASP J 132 0.00 66.09 21.36
N GLU K 1 -57.01 -47.74 7.50
CA GLU K 1 -55.83 -48.09 8.35
C GLU K 1 -54.64 -48.40 7.47
N VAL K 2 -53.52 -48.73 8.11
CA VAL K 2 -52.21 -48.71 7.48
C VAL K 2 -51.40 -49.94 7.92
N GLN K 3 -50.64 -50.49 6.98
CA GLN K 3 -49.77 -51.62 7.26
C GLN K 3 -48.51 -51.51 6.40
N LEU K 4 -47.41 -52.10 6.87
CA LEU K 4 -46.11 -52.13 6.19
C LEU K 4 -45.59 -53.57 6.17
N VAL K 5 -46.43 -54.48 5.67
CA VAL K 5 -46.23 -55.93 5.76
C VAL K 5 -44.89 -56.36 5.16
N GLN K 6 -44.00 -56.87 6.00
CA GLN K 6 -42.68 -57.29 5.56
C GLN K 6 -42.75 -58.68 4.93
N SER K 7 -41.59 -59.14 4.46
CA SER K 7 -41.43 -60.49 3.90
C SER K 7 -41.46 -61.55 4.99
N GLY K 8 -41.19 -62.79 4.61
CA GLY K 8 -40.94 -63.84 5.58
C GLY K 8 -39.48 -63.86 6.02
N ALA K 9 -39.22 -64.67 7.05
CA ALA K 9 -37.88 -64.75 7.60
C ALA K 9 -37.00 -65.70 6.78
N GLU K 10 -35.76 -65.29 6.56
CA GLU K 10 -34.76 -66.10 5.86
C GLU K 10 -33.41 -65.84 6.50
N MET K 11 -32.62 -66.91 6.63
CA MET K 11 -31.39 -66.87 7.43
C MET K 11 -30.26 -67.57 6.70
N LYS K 12 -29.06 -67.00 6.86
CA LYS K 12 -27.80 -67.65 6.51
C LYS K 12 -26.93 -67.66 7.76
N ASN K 13 -25.72 -68.22 7.61
CA ASN K 13 -24.80 -68.39 8.72
C ASN K 13 -23.89 -67.18 8.87
N PRO K 14 -23.17 -67.06 9.99
CA PRO K 14 -22.28 -65.91 10.18
C PRO K 14 -21.21 -65.81 9.10
N GLY K 15 -20.85 -64.58 8.77
CA GLY K 15 -19.94 -64.29 7.68
C GLY K 15 -20.60 -64.05 6.35
N ALA K 16 -21.85 -64.49 6.18
CA ALA K 16 -22.60 -64.27 4.94
C ALA K 16 -23.43 -63.00 5.09
N SER K 17 -24.37 -62.78 4.16
CA SER K 17 -25.29 -61.65 4.21
C SER K 17 -26.71 -62.16 4.04
N VAL K 18 -27.68 -61.31 4.39
CA VAL K 18 -29.10 -61.67 4.36
C VAL K 18 -29.90 -60.48 3.85
N LYS K 19 -31.22 -60.69 3.70
CA LYS K 19 -32.14 -59.73 3.11
C LYS K 19 -33.47 -59.72 3.86
N VAL K 20 -34.09 -58.54 3.91
CA VAL K 20 -35.48 -58.37 4.32
C VAL K 20 -36.09 -57.28 3.46
N SER K 21 -37.34 -57.49 3.03
CA SER K 21 -38.09 -56.52 2.23
C SER K 21 -39.26 -55.98 3.03
N CYS K 22 -39.61 -54.72 2.80
CA CYS K 22 -40.57 -53.97 3.59
C CYS K 22 -41.64 -53.36 2.69
N ALA K 23 -42.83 -53.95 2.68
CA ALA K 23 -43.90 -53.51 1.80
C ALA K 23 -44.62 -52.31 2.42
N ALA K 24 -45.73 -51.90 1.81
CA ALA K 24 -46.53 -50.80 2.30
C ALA K 24 -47.92 -50.89 1.69
N SER K 25 -48.92 -50.52 2.49
CA SER K 25 -50.29 -50.46 2.00
C SER K 25 -51.18 -49.85 3.10
N GLY K 26 -52.25 -49.17 2.70
CA GLY K 26 -52.67 -48.70 1.39
C GLY K 26 -52.14 -47.30 1.07
N TYR K 27 -51.68 -46.60 2.11
CA TYR K 27 -51.20 -45.23 1.98
C TYR K 27 -50.06 -45.16 0.98
N GLY K 28 -49.83 -43.97 0.44
CA GLY K 28 -48.81 -43.82 -0.58
C GLY K 28 -47.43 -44.07 -0.03
N PHE K 29 -46.55 -44.55 -0.90
CA PHE K 29 -45.22 -44.97 -0.48
C PHE K 29 -44.22 -43.82 -0.43
N THR K 30 -44.29 -42.92 -1.38
CA THR K 30 -43.24 -41.92 -1.60
C THR K 30 -43.33 -40.73 -0.59
N ASP K 31 -44.22 -40.80 0.41
CA ASP K 31 -44.63 -39.65 1.18
C ASP K 31 -44.14 -39.66 2.62
N PHE K 32 -43.67 -40.80 3.13
CA PHE K 32 -43.16 -40.91 4.49
C PHE K 32 -41.80 -41.60 4.46
N TYR K 33 -40.94 -41.22 5.40
CA TYR K 33 -39.67 -41.92 5.56
C TYR K 33 -39.91 -43.35 5.98
N ILE K 34 -39.05 -44.25 5.51
CA ILE K 34 -39.05 -45.65 5.93
C ILE K 34 -37.84 -45.89 6.80
N HIS K 35 -38.07 -46.35 8.03
CA HIS K 35 -37.03 -46.58 9.02
C HIS K 35 -36.85 -48.07 9.28
N TRP K 36 -35.61 -48.46 9.57
CA TRP K 36 -35.27 -49.82 9.95
C TRP K 36 -34.69 -49.80 11.36
N VAL K 37 -35.26 -50.61 12.25
CA VAL K 37 -34.79 -50.75 13.63
C VAL K 37 -34.61 -52.23 13.94
N ARG K 38 -33.67 -52.51 14.84
CA ARG K 38 -33.32 -53.87 15.22
C ARG K 38 -33.52 -54.05 16.73
N LEU K 39 -34.04 -55.21 17.12
CA LEU K 39 -34.33 -55.54 18.51
C LEU K 39 -33.69 -56.90 18.82
N ALA K 40 -32.46 -56.87 19.32
CA ALA K 40 -31.68 -58.08 19.51
C ALA K 40 -32.30 -58.98 20.58
N PRO K 41 -32.03 -60.29 20.55
CA PRO K 41 -32.78 -61.23 21.39
C PRO K 41 -32.60 -61.02 22.89
N GLY K 42 -31.43 -60.59 23.33
CA GLY K 42 -31.15 -60.39 24.75
C GLY K 42 -30.65 -58.99 25.02
N HIS K 43 -31.23 -58.02 24.31
CA HIS K 43 -30.79 -56.63 24.32
C HIS K 43 -32.01 -55.74 24.23
N GLY K 44 -31.80 -54.43 24.31
CA GLY K 44 -32.81 -53.46 23.96
C GLY K 44 -32.93 -53.36 22.46
N LEU K 45 -33.06 -52.15 21.94
CA LEU K 45 -33.41 -51.90 20.55
C LEU K 45 -32.37 -51.00 19.91
N GLN K 46 -32.26 -51.10 18.58
CA GLN K 46 -31.21 -50.45 17.81
C GLN K 46 -31.84 -49.76 16.61
N TRP K 47 -31.02 -49.00 15.89
CA TRP K 47 -31.45 -48.27 14.70
C TRP K 47 -30.49 -48.54 13.55
N MET K 48 -31.06 -48.88 12.39
CA MET K 48 -30.25 -49.21 11.22
C MET K 48 -30.01 -47.99 10.35
N GLY K 49 -31.08 -47.33 9.94
CA GLY K 49 -30.95 -46.18 9.06
C GLY K 49 -32.32 -45.74 8.61
N TRP K 50 -32.36 -44.54 8.03
CA TRP K 50 -33.57 -43.97 7.47
C TRP K 50 -33.48 -43.98 5.96
N MET K 51 -34.60 -44.26 5.32
CA MET K 51 -34.72 -44.29 3.86
C MET K 51 -35.63 -43.15 3.45
N ASN K 52 -35.16 -42.33 2.51
CA ASN K 52 -36.01 -41.39 1.80
C ASN K 52 -36.54 -42.09 0.56
N PRO K 53 -37.77 -42.62 0.57
CA PRO K 53 -38.23 -43.40 -0.59
C PRO K 53 -38.39 -42.61 -1.88
N LYS K 54 -38.36 -41.28 -1.84
CA LYS K 54 -38.54 -40.50 -3.07
C LYS K 54 -37.22 -40.39 -3.84
N THR K 55 -36.21 -39.76 -3.23
CA THR K 55 -34.96 -39.51 -3.91
C THR K 55 -33.95 -40.64 -3.76
N GLY K 56 -34.10 -41.49 -2.76
CA GLY K 56 -33.14 -42.54 -2.50
C GLY K 56 -32.02 -42.15 -1.57
N ARG K 57 -31.96 -40.90 -1.13
CA ARG K 57 -30.98 -40.49 -0.14
C ARG K 57 -31.19 -41.30 1.14
N THR K 58 -30.10 -41.65 1.80
CA THR K 58 -30.18 -42.45 3.01
C THR K 58 -29.06 -42.07 3.96
N ASN K 59 -29.27 -42.40 5.24
CA ASN K 59 -28.22 -42.36 6.24
C ASN K 59 -28.44 -43.52 7.18
N ASN K 60 -27.34 -44.01 7.73
CA ASN K 60 -27.33 -45.26 8.49
C ASN K 60 -26.49 -45.07 9.74
N ALA K 61 -26.77 -45.89 10.75
CA ALA K 61 -25.99 -45.88 11.97
C ALA K 61 -24.54 -46.19 11.64
N GLN K 62 -23.63 -45.44 12.27
CA GLN K 62 -22.20 -45.59 11.99
C GLN K 62 -21.70 -47.00 12.31
N ASP K 63 -22.39 -47.74 13.19
CA ASP K 63 -22.06 -49.14 13.40
C ASP K 63 -22.20 -49.94 12.10
N PHE K 64 -23.16 -49.57 11.26
CA PHE K 64 -23.42 -50.24 9.99
C PHE K 64 -23.02 -49.39 8.80
N GLN K 65 -21.88 -48.71 8.87
CA GLN K 65 -21.50 -47.75 7.84
C GLN K 65 -21.40 -48.39 6.45
N GLY K 66 -20.65 -49.49 6.34
CA GLY K 66 -20.52 -50.21 5.08
C GLY K 66 -21.31 -51.50 5.03
N ARG K 67 -21.82 -51.95 6.17
CA ARG K 67 -22.46 -53.26 6.25
C ARG K 67 -23.88 -53.26 5.71
N VAL K 68 -24.52 -52.09 5.57
CA VAL K 68 -25.94 -52.00 5.24
C VAL K 68 -26.14 -50.93 4.17
N THR K 69 -26.90 -51.26 3.13
CA THR K 69 -27.26 -50.33 2.08
C THR K 69 -28.75 -50.48 1.78
N LEU K 70 -29.47 -49.36 1.81
CA LEU K 70 -30.92 -49.34 1.70
C LEU K 70 -31.33 -48.91 0.31
N THR K 71 -32.43 -49.50 -0.19
CA THR K 71 -32.91 -49.25 -1.54
C THR K 71 -34.43 -49.43 -1.54
N ARG K 72 -35.06 -49.01 -2.63
CA ARG K 72 -36.52 -49.08 -2.73
C ARG K 72 -36.95 -49.20 -4.18
N ASP K 73 -38.19 -49.66 -4.36
CA ASP K 73 -38.87 -49.70 -5.64
C ASP K 73 -40.26 -49.11 -5.43
N THR K 74 -40.45 -47.86 -5.86
CA THR K 74 -41.67 -47.15 -5.57
C THR K 74 -42.89 -47.74 -6.27
N SER K 75 -42.73 -48.25 -7.50
CA SER K 75 -43.85 -48.86 -8.20
C SER K 75 -44.39 -50.08 -7.45
N ILE K 76 -43.50 -50.94 -6.95
CA ILE K 76 -43.94 -52.06 -6.13
C ILE K 76 -44.46 -51.57 -4.78
N GLY K 77 -43.74 -50.63 -4.17
CA GLY K 77 -44.04 -50.19 -2.82
C GLY K 77 -43.28 -51.00 -1.78
N THR K 78 -42.01 -51.26 -2.04
CA THR K 78 -41.19 -52.14 -1.21
C THR K 78 -39.81 -51.51 -1.03
N ALA K 79 -39.19 -51.78 0.13
CA ALA K 79 -37.86 -51.27 0.45
C ALA K 79 -37.01 -52.41 0.99
N TYR K 80 -35.71 -52.34 0.69
CA TYR K 80 -34.78 -53.45 0.88
C TYR K 80 -33.65 -53.03 1.82
N MET K 81 -33.28 -53.93 2.72
CA MET K 81 -32.13 -53.77 3.60
C MET K 81 -31.35 -55.06 3.57
N GLU K 82 -30.04 -54.96 3.36
CA GLU K 82 -29.17 -56.13 3.22
C GLU K 82 -27.99 -55.96 4.16
N LEU K 83 -27.91 -56.82 5.17
CA LEU K 83 -26.89 -56.75 6.21
C LEU K 83 -25.78 -57.74 5.89
N ARG K 84 -24.54 -57.25 5.86
CA ARG K 84 -23.37 -58.02 5.47
C ARG K 84 -22.43 -58.19 6.65
N ARG K 85 -21.47 -59.10 6.49
CA ARG K 85 -20.45 -59.39 7.52
C ARG K 85 -21.12 -59.83 8.82
N LEU K 86 -21.94 -60.87 8.73
CA LEU K 86 -22.84 -61.21 9.81
C LEU K 86 -22.11 -61.82 11.00
N THR K 87 -22.75 -61.75 12.16
CA THR K 87 -22.31 -62.43 13.37
C THR K 87 -23.54 -62.94 14.10
N SER K 88 -23.32 -63.80 15.09
CA SER K 88 -24.42 -64.24 15.93
C SER K 88 -25.06 -63.07 16.67
N ASP K 89 -24.28 -62.04 16.99
CA ASP K 89 -24.80 -60.85 17.65
C ASP K 89 -25.79 -60.09 16.77
N ASP K 90 -25.79 -60.34 15.45
CA ASP K 90 -26.76 -59.75 14.54
C ASP K 90 -28.05 -60.55 14.46
N THR K 91 -28.37 -61.35 15.48
CA THR K 91 -29.70 -61.91 15.61
C THR K 91 -30.65 -60.84 16.16
N ALA K 92 -31.90 -60.89 15.71
CA ALA K 92 -32.95 -59.98 16.18
C ALA K 92 -34.26 -60.37 15.52
N VAL K 93 -35.34 -59.77 16.02
CA VAL K 93 -36.61 -59.74 15.31
C VAL K 93 -36.67 -58.41 14.58
N TYR K 94 -36.45 -58.43 13.27
CA TYR K 94 -36.20 -57.20 12.53
C TYR K 94 -37.53 -56.52 12.23
N TYR K 95 -37.59 -55.20 12.42
CA TYR K 95 -38.80 -54.43 12.18
C TYR K 95 -38.52 -53.30 11.20
N CYS K 96 -39.56 -52.95 10.43
CA CYS K 96 -39.56 -51.87 9.46
C CYS K 96 -40.74 -50.94 9.71
N VAL K 97 -40.48 -49.65 9.54
CA VAL K 97 -41.36 -48.61 10.06
C VAL K 97 -41.50 -47.48 9.06
N THR K 98 -42.68 -46.84 9.04
CA THR K 98 -42.84 -45.54 8.39
C THR K 98 -42.51 -44.47 9.41
N GLY K 99 -41.49 -43.66 9.10
CA GLY K 99 -41.18 -42.51 9.91
C GLY K 99 -42.12 -41.36 9.62
N GLY K 100 -41.59 -40.14 9.62
CA GLY K 100 -42.43 -38.97 9.48
C GLY K 100 -42.64 -38.56 8.04
N TRP K 101 -43.62 -37.68 7.86
CA TRP K 101 -43.94 -37.13 6.56
C TRP K 101 -42.73 -36.39 5.98
N ILE K 102 -42.69 -36.29 4.66
CA ILE K 102 -41.55 -35.71 3.95
C ILE K 102 -42.01 -34.37 3.40
N SER K 103 -41.28 -33.29 3.79
CA SER K 103 -41.49 -31.96 3.23
C SER K 103 -40.30 -31.57 2.37
N PRO K 104 -40.48 -30.78 1.31
CA PRO K 104 -39.31 -30.28 0.58
C PRO K 104 -38.55 -29.19 1.31
N TYR K 105 -39.09 -28.65 2.41
CA TYR K 105 -38.60 -27.42 3.00
C TYR K 105 -37.85 -27.61 4.30
N TYR K 106 -37.95 -28.77 4.94
CA TYR K 106 -37.23 -28.99 6.20
C TYR K 106 -36.97 -30.48 6.35
N ASP K 107 -35.99 -30.80 7.20
CA ASP K 107 -35.51 -32.16 7.38
C ASP K 107 -36.25 -32.81 8.53
N SER K 108 -37.24 -33.63 8.20
CA SER K 108 -37.97 -34.44 9.16
C SER K 108 -37.47 -35.87 9.25
N SER K 109 -36.30 -36.15 8.66
CA SER K 109 -35.83 -37.53 8.54
C SER K 109 -35.54 -38.15 9.90
N TYR K 110 -34.90 -37.38 10.78
CA TYR K 110 -34.42 -37.87 12.07
C TYR K 110 -35.46 -37.77 13.18
N TYR K 111 -36.73 -37.63 12.84
CA TYR K 111 -37.76 -37.55 13.85
C TYR K 111 -38.18 -38.96 14.23
N PRO K 112 -38.08 -39.37 15.52
CA PRO K 112 -38.36 -40.77 15.85
C PRO K 112 -39.85 -41.06 15.99
N ASN K 113 -40.65 -40.63 15.02
CA ASN K 113 -42.10 -40.86 15.05
C ASN K 113 -42.43 -42.20 14.40
N PHE K 114 -41.97 -43.26 15.05
CA PHE K 114 -42.12 -44.61 14.55
C PHE K 114 -43.58 -45.02 14.69
N ASP K 115 -44.38 -44.57 13.73
CA ASP K 115 -45.82 -44.64 13.87
C ASP K 115 -46.33 -46.05 13.60
N HIS K 116 -46.12 -46.56 12.39
CA HIS K 116 -46.63 -47.85 11.96
C HIS K 116 -45.49 -48.72 11.46
N TRP K 117 -45.61 -50.01 11.75
CA TRP K 117 -44.49 -50.94 11.72
C TRP K 117 -44.79 -52.09 10.77
N GLY K 118 -43.74 -52.84 10.44
CA GLY K 118 -43.90 -54.11 9.76
C GLY K 118 -44.17 -55.25 10.72
N GLN K 119 -44.62 -56.38 10.18
CA GLN K 119 -45.11 -57.46 11.02
C GLN K 119 -44.00 -58.37 11.54
N GLY K 120 -42.74 -58.08 11.23
CA GLY K 120 -41.63 -58.71 11.91
C GLY K 120 -41.14 -60.00 11.28
N THR K 121 -39.82 -60.23 11.35
CA THR K 121 -39.18 -61.44 10.83
C THR K 121 -38.05 -61.83 11.78
N LEU K 122 -37.96 -63.13 12.09
CA LEU K 122 -37.03 -63.65 13.09
C LEU K 122 -35.74 -64.10 12.40
N ILE K 123 -34.82 -63.14 12.23
CA ILE K 123 -33.53 -63.43 11.62
C ILE K 123 -32.52 -63.79 12.71
N THR K 124 -32.52 -65.06 13.11
CA THR K 124 -31.42 -65.59 13.91
C THR K 124 -30.28 -65.97 12.97
N VAL K 125 -29.15 -65.29 13.13
CA VAL K 125 -27.96 -65.59 12.33
C VAL K 125 -27.46 -66.94 12.82
N SER K 126 -27.85 -67.99 12.14
CA SER K 126 -27.79 -69.34 12.68
C SER K 126 -26.56 -70.08 12.19
N GLN L 1 -21.22 -47.11 26.21
CA GLN L 1 -22.61 -46.68 26.49
C GLN L 1 -23.53 -47.03 25.31
N SER L 2 -24.18 -48.18 25.40
CA SER L 2 -25.02 -48.67 24.31
C SER L 2 -26.28 -47.81 24.23
N ALA L 3 -26.28 -46.85 23.31
CA ALA L 3 -27.44 -46.04 23.02
C ALA L 3 -27.81 -45.23 24.28
N LEU L 4 -29.09 -44.90 24.45
CA LEU L 4 -29.53 -44.19 25.64
C LEU L 4 -29.54 -45.10 26.86
N THR L 5 -29.37 -44.50 28.03
CA THR L 5 -29.39 -45.24 29.28
C THR L 5 -30.83 -45.41 29.76
N GLN L 6 -31.15 -46.62 30.25
CA GLN L 6 -32.48 -46.92 30.78
C GLN L 6 -32.35 -47.91 31.93
N PRO L 7 -33.33 -47.93 32.84
CA PRO L 7 -33.39 -49.06 33.79
C PRO L 7 -33.62 -50.38 33.08
N ALA L 8 -33.09 -51.46 33.67
CA ALA L 8 -33.29 -52.79 33.11
C ALA L 8 -34.72 -53.27 33.31
N SER L 9 -35.28 -53.06 34.51
CA SER L 9 -36.65 -53.43 34.79
C SER L 9 -37.15 -52.62 35.97
N VAL L 10 -38.44 -52.29 35.94
CA VAL L 10 -39.10 -51.46 36.95
C VAL L 10 -40.41 -52.16 37.28
N SER L 11 -41.01 -51.76 38.41
CA SER L 11 -42.25 -52.40 38.85
C SER L 11 -42.95 -51.47 39.83
N GLY L 12 -44.13 -51.90 40.28
CA GLY L 12 -44.94 -51.15 41.21
C GLY L 12 -46.39 -51.58 41.18
N SER L 13 -47.05 -51.56 42.34
CA SER L 13 -48.44 -51.96 42.44
C SER L 13 -49.36 -50.85 41.89
N PRO L 14 -50.62 -51.17 41.61
CA PRO L 14 -51.57 -50.11 41.25
C PRO L 14 -51.70 -49.09 42.37
N GLY L 15 -51.80 -47.81 41.97
CA GLY L 15 -51.84 -46.71 42.91
C GLY L 15 -50.47 -46.16 43.28
N GLN L 16 -49.40 -46.89 43.00
CA GLN L 16 -48.06 -46.44 43.31
C GLN L 16 -47.51 -45.59 42.17
N SER L 17 -46.63 -44.65 42.52
CA SER L 17 -46.01 -43.77 41.53
C SER L 17 -44.78 -44.44 40.92
N ILE L 18 -44.62 -44.26 39.61
CA ILE L 18 -43.53 -44.85 38.85
C ILE L 18 -42.99 -43.80 37.88
N THR L 19 -41.70 -43.87 37.61
CA THR L 19 -41.11 -43.19 36.47
C THR L 19 -40.03 -44.09 35.87
N ILE L 20 -40.14 -44.37 34.58
CA ILE L 20 -39.15 -45.12 33.83
C ILE L 20 -38.39 -44.09 32.99
N SER L 21 -37.21 -43.72 33.46
CA SER L 21 -36.48 -42.60 32.88
C SER L 21 -35.50 -43.05 31.81
N CYS L 22 -35.20 -42.11 30.92
CA CYS L 22 -34.29 -42.30 29.79
C CYS L 22 -33.39 -41.07 29.70
N THR L 23 -32.08 -41.28 29.55
CA THR L 23 -31.11 -40.21 29.66
C THR L 23 -30.10 -40.25 28.53
N GLY L 24 -29.74 -39.06 28.02
CA GLY L 24 -28.79 -38.91 26.94
C GLY L 24 -27.87 -37.74 27.17
N THR L 25 -27.03 -37.47 26.16
CA THR L 25 -26.00 -36.44 26.25
C THR L 25 -26.51 -35.11 25.71
N SER L 26 -25.60 -34.15 25.58
CA SER L 26 -25.95 -32.86 24.98
C SER L 26 -26.10 -32.95 23.47
N TYR L 27 -25.62 -34.01 22.84
CA TYR L 27 -25.84 -34.30 21.44
C TYR L 27 -27.09 -35.14 21.22
N ASP L 28 -28.06 -35.02 22.12
CA ASP L 28 -29.08 -36.03 22.35
C ASP L 28 -30.32 -35.31 22.89
N VAL L 29 -31.12 -35.98 23.72
CA VAL L 29 -32.44 -35.53 24.20
C VAL L 29 -32.50 -34.05 24.57
N ALA L 30 -31.37 -33.44 24.95
CA ALA L 30 -31.35 -32.04 25.39
C ALA L 30 -31.98 -31.10 24.36
N LYS L 31 -31.66 -31.28 23.08
CA LYS L 31 -31.85 -30.18 22.13
C LYS L 31 -33.30 -30.05 21.65
N PHE L 32 -33.80 -31.05 20.94
CA PHE L 32 -34.97 -30.91 20.09
C PHE L 32 -36.27 -31.41 20.69
N ASP L 33 -36.28 -31.88 21.93
CA ASP L 33 -37.49 -32.44 22.53
C ASP L 33 -38.02 -33.62 21.71
N LEU L 34 -37.12 -34.42 21.17
CA LEU L 34 -37.47 -35.54 20.28
C LEU L 34 -37.21 -36.84 21.03
N VAL L 35 -38.25 -37.32 21.72
CA VAL L 35 -38.20 -38.60 22.43
C VAL L 35 -39.57 -39.25 22.31
N SER L 36 -39.59 -40.58 22.32
CA SER L 36 -40.83 -41.34 22.20
C SER L 36 -40.67 -42.68 22.91
N TRP L 37 -41.81 -43.29 23.24
CA TRP L 37 -41.87 -44.49 24.07
C TRP L 37 -42.76 -45.53 23.40
N PHE L 38 -42.48 -46.80 23.67
CA PHE L 38 -43.13 -47.91 22.99
C PHE L 38 -43.53 -48.97 24.00
N GLN L 39 -44.46 -49.84 23.59
CA GLN L 39 -45.36 -50.54 24.50
C GLN L 39 -45.23 -52.06 24.38
N GLN L 40 -44.19 -52.55 23.70
CA GLN L 40 -44.11 -53.91 23.17
C GLN L 40 -44.52 -55.00 24.14
N HIS L 41 -45.56 -55.74 23.77
CA HIS L 41 -45.91 -57.04 24.31
C HIS L 41 -45.25 -58.13 23.48
N PRO L 42 -45.09 -59.35 24.02
CA PRO L 42 -44.48 -60.41 23.23
C PRO L 42 -45.30 -60.77 22.00
N GLY L 43 -44.61 -61.01 20.89
CA GLY L 43 -45.27 -61.35 19.64
C GLY L 43 -46.19 -60.28 19.10
N LYS L 44 -45.84 -59.01 19.25
CA LYS L 44 -46.66 -57.90 18.78
C LYS L 44 -45.75 -56.78 18.31
N ALA L 45 -46.37 -55.65 17.95
CA ALA L 45 -45.62 -54.46 17.59
C ALA L 45 -45.21 -53.69 18.86
N PRO L 46 -44.16 -52.86 18.77
CA PRO L 46 -43.95 -51.85 19.81
C PRO L 46 -44.95 -50.70 19.69
N LYS L 47 -46.11 -50.87 20.31
CA LYS L 47 -47.22 -49.94 20.16
C LYS L 47 -46.82 -48.53 20.61
N TYR L 48 -47.38 -47.53 19.92
CA TYR L 48 -46.84 -46.17 19.88
C TYR L 48 -47.55 -45.30 20.90
N MET L 49 -46.87 -45.01 22.02
CA MET L 49 -47.53 -44.45 23.21
C MET L 49 -47.29 -42.96 23.40
N ILE L 50 -46.05 -42.48 23.28
CA ILE L 50 -45.71 -41.09 23.52
C ILE L 50 -44.70 -40.63 22.48
N TYR L 51 -44.82 -39.36 22.09
CA TYR L 51 -43.89 -38.74 21.14
C TYR L 51 -43.94 -37.24 21.36
N GLU L 52 -42.92 -36.56 20.86
CA GLU L 52 -42.70 -35.14 21.16
C GLU L 52 -42.78 -34.90 22.67
N VAL L 53 -41.90 -35.59 23.39
CA VAL L 53 -41.80 -35.65 24.86
C VAL L 53 -43.13 -35.97 25.55
N ASN L 54 -44.17 -35.14 25.36
CA ASN L 54 -45.36 -35.19 26.18
C ASN L 54 -46.60 -35.73 25.47
N LYS L 55 -46.73 -35.50 24.17
CA LYS L 55 -47.96 -35.83 23.44
C LYS L 55 -48.19 -37.34 23.41
N TRP L 56 -49.47 -37.74 23.36
CA TRP L 56 -49.87 -39.13 23.18
C TRP L 56 -50.66 -39.28 21.89
N PRO L 57 -50.27 -40.15 20.96
CA PRO L 57 -51.08 -40.33 19.75
C PRO L 57 -52.42 -40.97 20.04
N SER L 58 -53.28 -40.96 19.01
CA SER L 58 -54.60 -41.56 19.10
C SER L 58 -54.47 -43.07 19.32
N GLY L 59 -55.47 -43.62 20.03
CA GLY L 59 -55.41 -44.99 20.47
C GLY L 59 -54.76 -45.19 21.82
N VAL L 60 -54.07 -44.18 22.34
CA VAL L 60 -53.45 -44.23 23.66
C VAL L 60 -54.47 -43.79 24.69
N SER L 61 -54.46 -44.45 25.84
CA SER L 61 -55.23 -44.01 27.01
C SER L 61 -54.44 -42.92 27.71
N HIS L 62 -55.14 -41.87 28.14
CA HIS L 62 -54.45 -40.67 28.61
C HIS L 62 -53.99 -40.80 30.06
N ARG L 63 -53.94 -42.02 30.58
CA ARG L 63 -53.11 -42.27 31.76
C ARG L 63 -51.65 -42.00 31.44
N PHE L 64 -51.18 -42.55 30.31
CA PHE L 64 -49.79 -42.43 29.92
C PHE L 64 -49.43 -40.96 29.68
N SER L 65 -48.20 -40.61 30.04
CA SER L 65 -47.72 -39.24 29.86
C SER L 65 -46.21 -39.26 29.96
N GLY L 66 -45.59 -38.15 29.56
CA GLY L 66 -44.15 -38.04 29.52
C GLY L 66 -43.72 -36.64 29.88
N SER L 67 -42.40 -36.44 29.87
CA SER L 67 -41.83 -35.16 30.26
C SER L 67 -40.35 -35.15 29.90
N LYS L 68 -39.79 -33.94 29.88
CA LYS L 68 -38.37 -33.73 29.64
C LYS L 68 -37.81 -32.88 30.78
N SER L 69 -36.55 -33.14 31.13
CA SER L 69 -35.78 -32.24 31.99
C SER L 69 -34.34 -32.30 31.54
N GLY L 70 -33.96 -31.37 30.66
CA GLY L 70 -32.60 -31.30 30.16
C GLY L 70 -32.15 -32.57 29.47
N ASN L 71 -31.23 -33.29 30.09
CA ASN L 71 -30.59 -34.46 29.48
C ASN L 71 -31.37 -35.74 29.65
N THR L 72 -32.55 -35.71 30.29
CA THR L 72 -33.34 -36.92 30.51
C THR L 72 -34.81 -36.65 30.23
N ALA L 73 -35.52 -37.72 29.89
CA ALA L 73 -36.96 -37.68 29.63
C ALA L 73 -37.60 -38.85 30.35
N SER L 74 -38.54 -38.54 31.25
CA SER L 74 -39.09 -39.50 32.19
C SER L 74 -40.48 -39.92 31.74
N LEU L 75 -40.69 -41.23 31.61
CA LEU L 75 -42.04 -41.74 31.40
C LEU L 75 -42.86 -41.53 32.67
N THR L 76 -43.98 -40.84 32.55
CA THR L 76 -44.83 -40.51 33.69
C THR L 76 -46.01 -41.48 33.73
N ILE L 77 -46.29 -41.99 34.92
CA ILE L 77 -47.12 -43.18 35.11
C ILE L 77 -48.31 -42.85 35.99
N SER L 78 -49.45 -43.46 35.67
CA SER L 78 -50.63 -43.41 36.52
C SER L 78 -51.42 -44.70 36.32
N GLY L 79 -52.30 -44.99 37.29
CA GLY L 79 -53.33 -46.01 37.19
C GLY L 79 -52.97 -47.32 36.54
N LEU L 80 -52.11 -48.10 37.18
CA LEU L 80 -51.51 -49.25 36.51
C LEU L 80 -52.56 -50.33 36.23
N GLN L 81 -52.35 -51.05 35.12
CA GLN L 81 -53.22 -52.12 34.68
C GLN L 81 -52.37 -53.28 34.19
N ALA L 82 -53.02 -54.44 34.04
CA ALA L 82 -52.34 -55.63 33.53
C ALA L 82 -51.83 -55.45 32.10
N GLU L 83 -52.36 -54.48 31.37
CA GLU L 83 -51.81 -54.14 30.06
C GLU L 83 -50.50 -53.36 30.17
N ASP L 84 -50.30 -52.64 31.27
CA ASP L 84 -49.07 -51.88 31.46
C ASP L 84 -47.86 -52.76 31.75
N GLU L 85 -48.08 -54.04 32.08
CA GLU L 85 -46.98 -55.00 32.16
C GLU L 85 -46.43 -55.23 30.75
N ALA L 86 -45.32 -54.57 30.44
CA ALA L 86 -44.84 -54.55 29.07
C ALA L 86 -43.46 -53.93 29.04
N ASP L 87 -42.79 -54.10 27.91
CA ASP L 87 -41.55 -53.36 27.68
C ASP L 87 -41.85 -51.88 27.63
N TYR L 88 -40.83 -51.07 27.92
CA TYR L 88 -40.92 -49.63 27.75
C TYR L 88 -39.59 -49.14 27.18
N TYR L 89 -39.50 -49.17 25.85
CA TYR L 89 -38.31 -48.73 25.14
C TYR L 89 -38.30 -47.22 25.02
N CYS L 90 -37.24 -46.70 24.39
CA CYS L 90 -36.95 -45.29 24.34
C CYS L 90 -36.07 -45.01 23.12
N CYS L 91 -36.53 -44.12 22.24
CA CYS L 91 -35.71 -43.66 21.13
C CYS L 91 -35.91 -42.17 20.89
N SER L 92 -34.79 -41.52 20.54
CA SER L 92 -34.68 -40.08 20.55
C SER L 92 -33.80 -39.63 19.40
N PHE L 93 -33.66 -38.31 19.29
CA PHE L 93 -32.75 -37.71 18.33
C PHE L 93 -31.31 -37.94 18.78
N GLY L 94 -30.49 -38.45 17.86
CA GLY L 94 -29.06 -38.50 18.03
C GLY L 94 -28.43 -37.61 16.97
N GLY L 95 -27.26 -37.05 17.26
CA GLY L 95 -26.65 -36.10 16.35
C GLY L 95 -26.30 -36.67 14.99
N SER L 96 -25.85 -35.81 14.08
CA SER L 96 -25.49 -36.20 12.72
C SER L 96 -26.65 -36.85 11.98
N ALA L 97 -27.87 -36.37 12.24
CA ALA L 97 -29.07 -36.81 11.53
C ALA L 97 -29.29 -38.30 11.70
N THR L 98 -29.41 -38.71 12.96
CA THR L 98 -29.65 -40.08 13.36
C THR L 98 -30.63 -40.08 14.52
N VAL L 99 -31.04 -41.28 14.92
CA VAL L 99 -31.72 -41.48 16.18
C VAL L 99 -30.84 -42.39 17.03
N VAL L 100 -31.22 -42.55 18.29
CA VAL L 100 -30.49 -43.39 19.23
C VAL L 100 -31.50 -43.94 20.23
N CYS L 101 -31.51 -45.25 20.41
CA CYS L 101 -32.59 -45.89 21.15
C CYS L 101 -32.19 -46.12 22.61
N GLY L 102 -33.03 -46.82 23.36
CA GLY L 102 -32.78 -47.08 24.77
C GLY L 102 -32.68 -48.56 25.03
N GLY L 103 -32.10 -48.88 26.19
CA GLY L 103 -31.86 -50.27 26.55
C GLY L 103 -33.11 -51.10 26.74
N GLY L 104 -34.28 -50.47 26.86
CA GLY L 104 -35.51 -51.19 27.11
C GLY L 104 -35.89 -51.17 28.57
N THR L 105 -36.80 -52.08 28.92
CA THR L 105 -37.39 -52.18 30.25
C THR L 105 -38.31 -53.38 30.23
N LYS L 106 -38.66 -53.86 31.42
CA LYS L 106 -39.82 -54.73 31.62
C LYS L 106 -40.54 -54.26 32.87
N VAL L 107 -41.84 -53.97 32.73
CA VAL L 107 -42.68 -53.70 33.88
C VAL L 107 -43.31 -55.01 34.35
N THR L 108 -43.43 -55.15 35.67
CA THR L 108 -44.25 -56.18 36.29
C THR L 108 -45.17 -55.49 37.29
N VAL L 109 -46.44 -55.33 36.91
CA VAL L 109 -47.42 -54.72 37.80
C VAL L 109 -47.65 -55.67 38.97
N LEU L 110 -47.44 -55.16 40.18
CA LEU L 110 -47.44 -56.00 41.37
C LEU L 110 -48.84 -56.07 41.98
#